data_6TVA
#
_entry.id   6TVA
#
_cell.length_a   64.580
_cell.length_b   214.960
_cell.length_c   77.310
_cell.angle_alpha   90.000
_cell.angle_beta   98.940
_cell.angle_gamma   90.000
#
_symmetry.space_group_name_H-M   'P 1 21 1'
#
loop_
_entity.id
_entity.type
_entity.pdbx_description
1 polymer 'Haemagglutinin HA1'
2 polymer 'Haemagglutinin HA2'
3 branched 'N-acetyl-alpha-neuraminic acid-(2-3)-beta-D-galactopyranose-(1-4)-2-acetamido-2-deoxy-beta-D-glucopyranose'
4 branched alpha-D-mannopyranose-(1-3)-[alpha-D-mannopyranose-(1-6)]beta-D-mannopyranose-(1-4)-2-acetamido-2-deoxy-beta-D-glucopyranose-(1-4)-2-acetamido-2-deoxy-beta-D-glucopyranose
5 non-polymer 2-acetamido-2-deoxy-beta-D-glucopyranose
6 water water
#
loop_
_entity_poly.entity_id
_entity_poly.type
_entity_poly.pdbx_seq_one_letter_code
_entity_poly.pdbx_strand_id
1 'polypeptide(L)'
;DPDKICLGHHAVANGTIVKTLTNEQEEVTNATETVESTSLNRLCMKGRNHKDLGNCHPIGMLIGTPACDLHLTGTWDTLI
ERKNAIAYCYPGATVNEKALRQKIMESGGISKINTGFTYGSSINSAGTTKACMRNGGNSFYAELKWLVSKNKGQNFPQTT
NTYRNADTAEHLIMWGIHHPSSTQEKNDLYGTQSLSISVGSSTYKNSFVPVVGARPQVNGLSGRIDFHWTLVQPGDKIIF
SHNGGLIAPSRVSKLIGRGLGIQSEAPIDNSCESKCFWRGGSINTRLPFQNLSPRTVGQCPKYVNKKSLMLATGMRNVPE
;
A,C,E
2 'polypeptide(L)'
;GLFGAIAGFIENGWEGMVDGWYGFRHQNAQGTGQAADYKSTQAAIDQITGKLNRIIKKTNTEFESIESEFSEIDHQIGNV
INWTKDSITDIWTYQAELLVAMENQHTIDMADSEMLNLYERVRKQLRQNAEEDGKGCFEIYHACDDSCMESIRNNTYNHS
QYREEALLNRLN
;
B,D,F
#
loop_
_chem_comp.id
_chem_comp.type
_chem_comp.name
_chem_comp.formula
BMA D-saccharide, beta linking beta-D-mannopyranose 'C6 H12 O6'
GAL D-saccharide, beta linking beta-D-galactopyranose 'C6 H12 O6'
MAN D-saccharide, alpha linking alpha-D-mannopyranose 'C6 H12 O6'
NAG D-saccharide, beta linking 2-acetamido-2-deoxy-beta-D-glucopyranose 'C8 H15 N O6'
SIA D-saccharide, alpha linking 'N-acetyl-alpha-neuraminic acid' 'C11 H19 N O9'
#
# COMPACT_ATOMS: atom_id res chain seq x y z
N ASP A 1 -58.63 -15.47 34.71
CA ASP A 1 -57.14 -15.40 34.63
C ASP A 1 -56.67 -15.66 33.19
N PRO A 2 -55.74 -14.84 32.67
CA PRO A 2 -55.33 -15.05 31.27
C PRO A 2 -54.29 -16.16 31.10
N ASP A 3 -54.37 -16.87 29.96
CA ASP A 3 -53.31 -17.77 29.52
C ASP A 3 -52.16 -16.94 28.97
N LYS A 4 -51.02 -17.57 28.70
CA LYS A 4 -49.83 -16.82 28.31
C LYS A 4 -49.06 -17.52 27.19
N ILE A 5 -48.56 -16.71 26.25
CA ILE A 5 -47.60 -17.19 25.26
C ILE A 5 -46.38 -16.25 25.30
N CYS A 6 -45.20 -16.85 25.42
CA CYS A 6 -43.94 -16.12 25.62
C CYS A 6 -43.03 -16.33 24.44
N LEU A 7 -42.46 -15.24 23.92
CA LEU A 7 -41.49 -15.29 22.85
C LEU A 7 -40.10 -15.29 23.45
N GLY A 8 -39.19 -16.05 22.85
CA GLY A 8 -37.83 -16.16 23.35
C GLY A 8 -36.84 -16.59 22.31
N HIS A 9 -35.59 -16.70 22.74
CA HIS A 9 -34.49 -17.10 21.87
C HIS A 9 -33.60 -18.09 22.60
N HIS A 10 -32.76 -18.80 21.85
CA HIS A 10 -31.89 -19.81 22.44
C HIS A 10 -30.68 -19.18 23.13
N ALA A 11 -30.02 -19.99 23.94
CA ALA A 11 -28.73 -19.66 24.53
C ALA A 11 -27.92 -20.94 24.68
N VAL A 12 -26.63 -20.79 24.94
CA VAL A 12 -25.73 -21.92 25.16
C VAL A 12 -25.00 -21.76 26.49
N ALA A 13 -24.55 -22.89 27.04
CA ALA A 13 -23.80 -22.89 28.29
C ALA A 13 -22.43 -22.24 28.11
N ASN A 14 -21.71 -22.71 27.09
CA ASN A 14 -20.36 -22.21 26.76
C ASN A 14 -20.39 -21.25 25.57
N GLY A 15 -20.46 -19.96 25.87
CA GLY A 15 -20.44 -18.91 24.85
C GLY A 15 -19.02 -18.56 24.43
N THR A 16 -18.90 -17.81 23.33
CA THR A 16 -17.61 -17.38 22.78
C THR A 16 -17.52 -15.86 22.77
N ILE A 17 -16.34 -15.33 23.11
CA ILE A 17 -16.10 -13.89 23.17
C ILE A 17 -15.66 -13.37 21.80
N VAL A 18 -16.27 -12.27 21.37
CA VAL A 18 -15.88 -11.56 20.15
C VAL A 18 -15.79 -10.06 20.43
N LYS A 19 -15.15 -9.33 19.51
CA LYS A 19 -15.08 -7.87 19.56
C LYS A 19 -16.09 -7.29 18.57
N THR A 20 -16.77 -6.23 19.00
CA THR A 20 -17.69 -5.47 18.15
C THR A 20 -17.15 -4.04 17.99
N LEU A 21 -17.91 -3.17 17.35
CA LEU A 21 -17.56 -1.75 17.26
C LEU A 21 -17.57 -1.05 18.63
N THR A 22 -18.45 -1.51 19.53
CA THR A 22 -18.68 -0.86 20.82
C THR A 22 -18.26 -1.69 22.05
N ASN A 23 -17.87 -2.95 21.87
CA ASN A 23 -17.58 -3.85 23.00
C ASN A 23 -16.43 -4.80 22.66
N GLU A 24 -15.36 -4.74 23.46
CA GLU A 24 -14.21 -5.61 23.29
C GLU A 24 -14.45 -7.05 23.77
N GLN A 25 -15.44 -7.25 24.64
CA GLN A 25 -15.70 -8.56 25.26
C GLN A 25 -17.19 -8.91 25.19
N GLU A 26 -17.68 -9.10 23.97
CA GLU A 26 -19.08 -9.41 23.70
C GLU A 26 -19.26 -10.93 23.57
N GLU A 27 -20.11 -11.52 24.42
CA GLU A 27 -20.35 -12.95 24.40
C GLU A 27 -21.46 -13.30 23.40
N VAL A 28 -21.13 -14.16 22.44
CA VAL A 28 -22.10 -14.68 21.44
C VAL A 28 -22.21 -16.20 21.55
N THR A 29 -23.25 -16.76 20.94
CA THR A 29 -23.52 -18.21 21.03
C THR A 29 -22.46 -19.04 20.29
N ASN A 30 -21.98 -18.52 19.16
CA ASN A 30 -20.93 -19.17 18.41
C ASN A 30 -20.15 -18.17 17.56
N ALA A 31 -18.92 -18.54 17.23
CA ALA A 31 -18.05 -17.73 16.38
C ALA A 31 -17.04 -18.60 15.66
N THR A 32 -16.44 -18.05 14.61
CA THR A 32 -15.46 -18.78 13.81
C THR A 32 -14.23 -17.91 13.52
N GLU A 33 -13.07 -18.56 13.43
CA GLU A 33 -11.79 -17.88 13.25
C GLU A 33 -11.64 -17.37 11.82
N THR A 34 -11.09 -16.15 11.67
CA THR A 34 -10.79 -15.58 10.35
C THR A 34 -9.29 -15.49 10.02
N VAL A 35 -8.42 -15.65 11.02
CA VAL A 35 -6.96 -15.62 10.84
C VAL A 35 -6.38 -17.03 10.99
N GLU A 36 -5.75 -17.53 9.93
CA GLU A 36 -5.11 -18.85 9.95
C GLU A 36 -3.78 -18.80 10.72
N SER A 37 -3.67 -19.65 11.75
CA SER A 37 -2.45 -19.77 12.56
C SER A 37 -1.61 -21.02 12.29
N THR A 38 -2.18 -22.01 11.59
CA THR A 38 -1.49 -23.28 11.33
C THR A 38 -1.04 -23.40 9.87
N SER A 39 0.06 -24.13 9.67
CA SER A 39 0.60 -24.43 8.35
C SER A 39 1.02 -25.88 8.28
N LEU A 40 0.94 -26.46 7.08
CA LEU A 40 1.48 -27.79 6.82
C LEU A 40 2.98 -27.65 6.61
N ASN A 41 3.79 -28.35 7.41
CA ASN A 41 5.25 -28.24 7.33
C ASN A 41 5.85 -29.07 6.17
N ARG A 42 5.37 -28.77 4.96
CA ARG A 42 5.73 -29.50 3.75
C ARG A 42 5.30 -28.70 2.52
N LEU A 43 5.98 -28.93 1.40
CA LEU A 43 5.61 -28.32 0.13
C LEU A 43 4.63 -29.23 -0.62
N CYS A 44 3.37 -28.83 -0.66
CA CYS A 44 2.30 -29.62 -1.26
C CYS A 44 2.32 -29.47 -2.78
N MET A 45 2.87 -30.46 -3.47
CA MET A 45 3.19 -30.37 -4.90
C MET A 45 2.28 -31.19 -5.84
N LYS A 46 1.13 -31.66 -5.37
CA LYS A 46 0.21 -32.40 -6.24
C LYS A 46 -0.37 -31.47 -7.31
N GLY A 47 -0.46 -31.97 -8.54
CA GLY A 47 -0.90 -31.17 -9.68
C GLY A 47 0.12 -30.17 -10.21
N ARG A 48 1.40 -30.34 -9.83
CA ARG A 48 2.48 -29.45 -10.26
C ARG A 48 3.65 -30.26 -10.78
N ASN A 49 4.04 -30.01 -12.03
CA ASN A 49 5.30 -30.52 -12.57
C ASN A 49 6.43 -29.70 -11.94
N HIS A 50 6.92 -30.16 -10.79
CA HIS A 50 7.87 -29.41 -9.97
C HIS A 50 9.30 -29.91 -10.12
N LYS A 51 10.26 -29.04 -9.82
CA LYS A 51 11.67 -29.39 -9.75
C LYS A 51 12.22 -28.94 -8.39
N ASP A 52 12.67 -29.90 -7.59
CA ASP A 52 13.40 -29.61 -6.36
C ASP A 52 14.89 -29.58 -6.71
N LEU A 53 15.51 -28.41 -6.56
CA LEU A 53 16.92 -28.24 -6.92
C LEU A 53 17.89 -28.85 -5.91
N GLY A 54 17.46 -29.04 -4.66
CA GLY A 54 18.31 -29.64 -3.63
C GLY A 54 19.47 -28.71 -3.30
N ASN A 55 20.69 -29.23 -3.41
CA ASN A 55 21.90 -28.41 -3.22
C ASN A 55 22.34 -27.59 -4.45
N CYS A 56 21.60 -27.69 -5.56
CA CYS A 56 21.85 -26.89 -6.76
C CYS A 56 21.25 -25.49 -6.63
N HIS A 57 22.08 -24.47 -6.85
CA HIS A 57 21.61 -23.08 -6.91
C HIS A 57 21.14 -22.78 -8.35
N PRO A 58 20.04 -22.01 -8.53
CA PRO A 58 19.51 -21.71 -9.87
C PRO A 58 20.54 -21.27 -10.92
N ILE A 59 21.47 -20.39 -10.54
CA ILE A 59 22.55 -19.96 -11.44
C ILE A 59 23.49 -21.11 -11.83
N GLY A 60 23.71 -22.05 -10.91
CA GLY A 60 24.47 -23.26 -11.20
C GLY A 60 23.92 -24.11 -12.34
N MET A 61 22.61 -24.02 -12.60
CA MET A 61 21.98 -24.69 -13.74
C MET A 61 22.48 -24.16 -15.08
N LEU A 62 22.79 -22.86 -15.15
CA LEU A 62 23.24 -22.22 -16.38
C LEU A 62 24.73 -22.45 -16.67
N ILE A 63 25.54 -22.47 -15.62
CA ILE A 63 27.00 -22.65 -15.75
C ILE A 63 27.45 -24.11 -15.63
N GLY A 64 26.66 -24.93 -14.93
CA GLY A 64 26.92 -26.37 -14.83
C GLY A 64 27.83 -26.74 -13.67
N THR A 65 27.51 -26.20 -12.50
CA THR A 65 28.18 -26.59 -11.26
C THR A 65 27.90 -28.08 -11.00
N PRO A 66 28.91 -28.85 -10.50
CA PRO A 66 28.72 -30.30 -10.26
C PRO A 66 27.42 -30.70 -9.53
N ALA A 67 27.04 -29.92 -8.52
CA ALA A 67 25.76 -30.12 -7.80
C ALA A 67 24.50 -30.00 -8.69
N CYS A 68 24.62 -29.30 -9.82
CA CYS A 68 23.53 -29.10 -10.78
C CYS A 68 23.54 -30.02 -12.00
N ASP A 69 24.34 -31.10 -11.99
CA ASP A 69 24.45 -32.00 -13.15
C ASP A 69 23.12 -32.63 -13.62
N LEU A 70 22.18 -32.85 -12.70
CA LEU A 70 20.85 -33.35 -13.04
C LEU A 70 19.81 -32.26 -13.32
N HIS A 71 20.24 -30.99 -13.31
CA HIS A 71 19.34 -29.83 -13.47
C HIS A 71 19.84 -28.88 -14.57
N LEU A 72 20.58 -29.39 -15.56
CA LEU A 72 21.12 -28.58 -16.64
C LEU A 72 20.06 -28.22 -17.70
N THR A 73 19.09 -29.11 -17.88
CA THR A 73 17.92 -28.84 -18.72
C THR A 73 16.67 -29.38 -18.03
N GLY A 74 15.51 -28.92 -18.48
CA GLY A 74 14.23 -29.41 -17.98
C GLY A 74 13.10 -28.45 -18.21
N THR A 75 11.90 -28.89 -17.83
CA THR A 75 10.70 -28.05 -17.81
C THR A 75 9.98 -28.25 -16.49
N TRP A 76 9.27 -27.21 -16.05
CA TRP A 76 8.58 -27.21 -14.75
C TRP A 76 7.58 -26.06 -14.70
N ASP A 77 6.59 -26.19 -13.81
CA ASP A 77 5.73 -25.04 -13.44
C ASP A 77 6.05 -24.47 -12.06
N THR A 78 6.82 -25.21 -11.26
CA THR A 78 7.22 -24.79 -9.91
C THR A 78 8.69 -25.17 -9.67
N LEU A 79 9.50 -24.21 -9.24
CA LEU A 79 10.92 -24.43 -9.00
C LEU A 79 11.26 -24.12 -7.55
N ILE A 80 11.87 -25.08 -6.85
CA ILE A 80 12.12 -24.98 -5.41
C ILE A 80 13.62 -24.82 -5.16
N GLU A 81 14.01 -23.66 -4.63
CA GLU A 81 15.38 -23.37 -4.21
C GLU A 81 15.52 -23.67 -2.71
N ARG A 82 16.69 -24.17 -2.31
CA ARG A 82 16.97 -24.52 -0.91
C ARG A 82 18.07 -23.66 -0.31
N LYS A 83 18.16 -23.71 1.01
CA LYS A 83 19.19 -22.99 1.78
C LYS A 83 20.58 -23.58 1.54
N ASN A 84 21.57 -22.70 1.47
CA ASN A 84 22.98 -23.07 1.26
C ASN A 84 23.24 -23.83 -0.06
N ALA A 85 22.47 -23.51 -1.09
CA ALA A 85 22.64 -24.10 -2.41
C ALA A 85 23.91 -23.53 -3.05
N ILE A 86 24.66 -24.38 -3.74
CA ILE A 86 25.94 -23.99 -4.35
C ILE A 86 25.76 -23.54 -5.81
N ALA A 87 26.28 -22.36 -6.12
CA ALA A 87 26.42 -21.87 -7.49
C ALA A 87 27.88 -21.94 -7.93
N TYR A 88 28.76 -21.35 -7.13
CA TYR A 88 30.16 -21.15 -7.50
C TYR A 88 31.05 -22.10 -6.69
N CYS A 89 31.46 -23.20 -7.33
CA CYS A 89 32.42 -24.13 -6.72
C CYS A 89 33.79 -23.45 -6.61
N TYR A 90 34.22 -22.81 -7.69
CA TYR A 90 35.42 -21.98 -7.70
C TYR A 90 35.04 -20.60 -7.15
N PRO A 91 35.93 -19.97 -6.34
CA PRO A 91 35.54 -18.68 -5.75
C PRO A 91 35.26 -17.58 -6.77
N GLY A 92 34.22 -16.78 -6.50
CA GLY A 92 33.80 -15.71 -7.40
C GLY A 92 32.36 -15.29 -7.19
N ALA A 93 31.84 -14.57 -8.17
CA ALA A 93 30.47 -14.05 -8.14
C ALA A 93 30.01 -13.66 -9.54
N THR A 94 28.69 -13.52 -9.69
CA THR A 94 28.11 -13.07 -10.96
C THR A 94 27.74 -11.59 -10.85
N VAL A 95 28.09 -10.82 -11.87
CA VAL A 95 27.64 -9.42 -11.98
C VAL A 95 26.16 -9.43 -12.35
N ASN A 96 25.37 -8.64 -11.63
CA ASN A 96 23.90 -8.60 -11.78
C ASN A 96 23.29 -9.98 -11.45
N GLU A 97 23.74 -10.53 -10.32
CA GLU A 97 23.34 -11.88 -9.87
C GLU A 97 21.87 -11.98 -9.48
N LYS A 98 21.35 -10.92 -8.87
CA LYS A 98 19.98 -10.92 -8.35
C LYS A 98 18.94 -10.94 -9.47
N ALA A 99 19.17 -10.13 -10.50
CA ALA A 99 18.32 -10.13 -11.70
C ALA A 99 18.33 -11.48 -12.42
N LEU A 100 19.50 -12.11 -12.50
CA LEU A 100 19.64 -13.42 -13.14
C LEU A 100 18.88 -14.52 -12.38
N ARG A 101 19.08 -14.58 -11.06
CA ARG A 101 18.41 -15.58 -10.22
C ARG A 101 16.89 -15.47 -10.33
N GLN A 102 16.38 -14.23 -10.29
CA GLN A 102 14.95 -13.96 -10.44
C GLN A 102 14.40 -14.42 -11.80
N LYS A 103 15.17 -14.17 -12.87
CA LYS A 103 14.80 -14.64 -14.22
C LYS A 103 14.65 -16.16 -14.29
N ILE A 104 15.57 -16.88 -13.65
CA ILE A 104 15.55 -18.35 -13.61
C ILE A 104 14.36 -18.83 -12.77
N MET A 105 14.16 -18.23 -11.61
CA MET A 105 13.05 -18.59 -10.71
C MET A 105 11.66 -18.17 -11.23
N GLU A 106 11.62 -17.24 -12.18
CA GLU A 106 10.39 -16.88 -12.89
C GLU A 106 10.07 -17.81 -14.06
N SER A 107 11.05 -18.58 -14.53
CA SER A 107 10.91 -19.40 -15.74
C SER A 107 10.16 -20.70 -15.51
N GLY A 108 9.77 -21.34 -16.61
CA GLY A 108 9.17 -22.66 -16.58
C GLY A 108 10.01 -23.73 -17.26
N GLY A 109 11.32 -23.55 -17.28
CA GLY A 109 12.22 -24.51 -17.91
C GLY A 109 13.50 -23.90 -18.47
N ILE A 110 14.50 -24.76 -18.70
CA ILE A 110 15.77 -24.37 -19.32
C ILE A 110 16.08 -25.36 -20.43
N SER A 111 16.46 -24.82 -21.60
CA SER A 111 17.02 -25.59 -22.71
C SER A 111 18.44 -25.11 -22.95
N LYS A 112 19.26 -25.96 -23.54
CA LYS A 112 20.67 -25.65 -23.83
C LYS A 112 20.97 -25.79 -25.32
N ILE A 113 21.79 -24.88 -25.83
CA ILE A 113 22.16 -24.84 -27.26
C ILE A 113 23.68 -24.73 -27.36
N ASN A 114 24.28 -25.54 -28.21
CA ASN A 114 25.74 -25.54 -28.40
C ASN A 114 26.21 -24.22 -29.02
N THR A 115 27.29 -23.65 -28.48
CA THR A 115 27.91 -22.46 -29.05
C THR A 115 28.75 -22.78 -30.29
N GLY A 116 29.25 -24.01 -30.36
CA GLY A 116 30.16 -24.43 -31.42
C GLY A 116 31.57 -23.88 -31.31
N PHE A 117 31.93 -23.37 -30.12
CA PHE A 117 33.25 -22.75 -29.92
C PHE A 117 34.34 -23.80 -29.99
N THR A 118 35.31 -23.56 -30.88
CA THR A 118 36.46 -24.45 -31.07
C THR A 118 37.74 -23.65 -30.99
N TYR A 119 38.83 -24.33 -30.67
CA TYR A 119 40.10 -23.68 -30.31
C TYR A 119 41.27 -24.37 -31.00
N GLY A 120 42.25 -23.57 -31.42
CA GLY A 120 43.45 -24.08 -32.08
C GLY A 120 44.37 -24.85 -31.15
N SER A 121 45.42 -25.43 -31.74
CA SER A 121 46.33 -26.34 -31.05
C SER A 121 47.10 -25.71 -29.87
N SER A 122 47.36 -24.40 -29.95
CA SER A 122 48.08 -23.70 -28.88
C SER A 122 47.20 -23.29 -27.67
N ILE A 123 45.91 -23.61 -27.71
CA ILE A 123 45.01 -23.45 -26.56
C ILE A 123 44.73 -24.82 -25.93
N ASN A 124 44.83 -24.89 -24.61
CA ASN A 124 44.35 -26.03 -23.82
C ASN A 124 43.00 -25.61 -23.23
N SER A 125 41.93 -26.19 -23.78
CA SER A 125 40.57 -25.89 -23.34
C SER A 125 40.08 -26.76 -22.17
N ALA A 126 40.93 -27.68 -21.69
CA ALA A 126 40.55 -28.64 -20.65
C ALA A 126 41.07 -28.25 -19.25
N GLY A 127 41.09 -26.95 -18.95
CA GLY A 127 41.49 -26.49 -17.62
C GLY A 127 40.46 -26.91 -16.57
N THR A 128 40.95 -27.44 -15.45
CA THR A 128 40.10 -27.92 -14.36
C THR A 128 40.62 -27.38 -13.02
N THR A 129 39.90 -27.70 -11.94
CA THR A 129 40.27 -27.23 -10.60
C THR A 129 39.72 -28.16 -9.53
N LYS A 130 40.41 -28.22 -8.39
CA LYS A 130 40.00 -29.03 -7.24
C LYS A 130 38.73 -28.49 -6.57
N ALA A 131 38.46 -27.21 -6.76
CA ALA A 131 37.24 -26.57 -6.26
C ALA A 131 35.96 -27.22 -6.80
N CYS A 132 35.98 -27.62 -8.06
CA CYS A 132 34.84 -28.22 -8.73
C CYS A 132 35.12 -29.71 -8.98
N MET A 133 34.86 -30.52 -7.96
CA MET A 133 35.07 -31.97 -8.04
C MET A 133 33.94 -32.65 -8.80
N ARG A 134 34.30 -33.61 -9.64
CA ARG A 134 33.34 -34.45 -10.34
C ARG A 134 33.94 -35.85 -10.49
N ASN A 135 33.23 -36.87 -10.02
CA ASN A 135 33.68 -38.26 -10.03
C ASN A 135 35.00 -38.46 -9.26
N GLY A 136 35.11 -37.80 -8.11
CA GLY A 136 36.31 -37.86 -7.26
C GLY A 136 37.59 -37.31 -7.89
N GLY A 137 37.46 -36.38 -8.82
CA GLY A 137 38.60 -35.79 -9.53
C GLY A 137 38.37 -34.35 -9.93
N ASN A 138 39.47 -33.65 -10.25
CA ASN A 138 39.40 -32.24 -10.66
C ASN A 138 38.57 -32.09 -11.94
N SER A 139 37.69 -31.09 -11.96
CA SER A 139 36.79 -30.87 -13.08
C SER A 139 36.50 -29.37 -13.23
N PHE A 140 35.46 -29.04 -13.98
CA PHE A 140 35.08 -27.65 -14.20
C PHE A 140 33.59 -27.54 -14.48
N TYR A 141 33.09 -26.31 -14.40
CA TYR A 141 31.72 -25.96 -14.81
C TYR A 141 31.40 -26.60 -16.16
N ALA A 142 30.35 -27.42 -16.20
CA ALA A 142 30.02 -28.24 -17.38
C ALA A 142 29.71 -27.45 -18.67
N GLU A 143 29.17 -26.24 -18.51
CA GLU A 143 28.76 -25.42 -19.65
C GLU A 143 29.81 -24.42 -20.12
N LEU A 144 30.97 -24.42 -19.47
CA LEU A 144 32.06 -23.49 -19.77
C LEU A 144 33.38 -24.24 -19.93
N LYS A 145 34.37 -23.57 -20.50
CA LYS A 145 35.71 -24.13 -20.66
C LYS A 145 36.76 -23.13 -20.19
N TRP A 146 37.68 -23.61 -19.35
CA TRP A 146 38.82 -22.81 -18.90
C TRP A 146 39.94 -22.94 -19.93
N LEU A 147 40.14 -21.89 -20.71
CA LEU A 147 41.15 -21.86 -21.76
C LEU A 147 42.46 -21.36 -21.18
N VAL A 148 43.55 -22.10 -21.40
CA VAL A 148 44.89 -21.66 -21.04
C VAL A 148 45.85 -21.97 -22.19
N SER A 149 47.06 -21.42 -22.12
CA SER A 149 48.10 -21.71 -23.11
C SER A 149 48.52 -23.17 -23.02
N LYS A 150 48.69 -23.80 -24.18
CA LYS A 150 49.12 -25.19 -24.28
C LYS A 150 50.48 -25.39 -23.60
N ASN A 151 51.42 -24.51 -23.94
CA ASN A 151 52.76 -24.51 -23.35
C ASN A 151 52.83 -23.46 -22.25
N LYS A 152 53.22 -23.88 -21.04
CA LYS A 152 53.28 -23.01 -19.87
C LYS A 152 54.23 -21.83 -20.11
N GLY A 153 53.75 -20.62 -19.85
CA GLY A 153 54.55 -19.40 -20.00
C GLY A 153 54.39 -18.67 -21.32
N GLN A 154 53.92 -19.35 -22.36
CA GLN A 154 53.81 -18.76 -23.69
C GLN A 154 52.53 -17.94 -23.83
N ASN A 155 52.58 -16.93 -24.70
CA ASN A 155 51.44 -16.04 -24.92
C ASN A 155 50.24 -16.79 -25.52
N PHE A 156 49.11 -16.69 -24.84
CA PHE A 156 47.83 -17.23 -25.31
C PHE A 156 47.47 -16.51 -26.62
N PRO A 157 47.11 -17.26 -27.67
CA PRO A 157 46.92 -16.64 -28.99
C PRO A 157 45.69 -15.74 -29.06
N GLN A 158 45.80 -14.68 -29.86
CA GLN A 158 44.65 -13.80 -30.13
C GLN A 158 43.58 -14.62 -30.85
N THR A 159 42.41 -14.73 -30.21
CA THR A 159 41.37 -15.67 -30.63
C THR A 159 40.04 -14.94 -30.77
N THR A 160 39.22 -15.38 -31.73
CA THR A 160 37.86 -14.88 -31.90
C THR A 160 36.87 -16.05 -31.93
N ASN A 161 35.80 -15.93 -31.14
CA ASN A 161 34.71 -16.90 -31.14
C ASN A 161 33.39 -16.14 -31.27
N THR A 162 32.49 -16.63 -32.12
CA THR A 162 31.23 -15.96 -32.40
C THR A 162 30.08 -16.94 -32.22
N TYR A 163 29.15 -16.60 -31.34
CA TYR A 163 27.90 -17.35 -31.21
C TYR A 163 26.78 -16.64 -31.97
N ARG A 164 26.10 -17.38 -32.85
CA ARG A 164 24.99 -16.89 -33.65
C ARG A 164 23.69 -17.45 -33.09
N ASN A 165 22.74 -16.57 -32.73
CA ASN A 165 21.41 -17.02 -32.32
C ASN A 165 20.57 -17.28 -33.58
N ALA A 166 20.43 -18.56 -33.93
CA ALA A 166 19.63 -19.00 -35.07
C ALA A 166 18.18 -19.35 -34.70
N ASP A 167 17.78 -19.04 -33.46
CA ASP A 167 16.45 -19.35 -32.93
C ASP A 167 15.53 -18.14 -33.10
N THR A 168 14.24 -18.32 -32.80
CA THR A 168 13.26 -17.23 -32.80
C THR A 168 13.09 -16.53 -31.44
N ALA A 169 13.75 -17.03 -30.40
CA ALA A 169 13.69 -16.46 -29.06
C ALA A 169 15.07 -16.09 -28.56
N GLU A 170 15.11 -15.19 -27.58
CA GLU A 170 16.38 -14.73 -27.02
C GLU A 170 17.08 -15.86 -26.25
N HIS A 171 18.41 -15.90 -26.33
CA HIS A 171 19.23 -16.86 -25.60
C HIS A 171 20.06 -16.15 -24.55
N LEU A 172 20.19 -16.78 -23.39
CA LEU A 172 20.98 -16.24 -22.29
C LEU A 172 22.38 -16.85 -22.39
N ILE A 173 23.37 -15.98 -22.61
CA ILE A 173 24.78 -16.41 -22.71
C ILE A 173 25.55 -15.92 -21.48
N MET A 174 26.34 -16.83 -20.91
CA MET A 174 27.19 -16.53 -19.76
C MET A 174 28.64 -16.82 -20.10
N TRP A 175 29.54 -16.05 -19.49
CA TRP A 175 30.96 -16.31 -19.60
C TRP A 175 31.64 -15.85 -18.31
N GLY A 176 32.86 -16.32 -18.11
CA GLY A 176 33.64 -15.97 -16.94
C GLY A 176 34.91 -15.25 -17.31
N ILE A 177 35.46 -14.50 -16.34
CA ILE A 177 36.77 -13.89 -16.46
C ILE A 177 37.59 -14.39 -15.28
N HIS A 178 38.74 -15.00 -15.56
CA HIS A 178 39.65 -15.46 -14.52
C HIS A 178 40.53 -14.30 -14.07
N HIS A 179 40.60 -14.10 -12.75
CA HIS A 179 41.44 -13.07 -12.14
C HIS A 179 42.54 -13.80 -11.35
N PRO A 180 43.76 -13.94 -11.94
CA PRO A 180 44.81 -14.74 -11.29
C PRO A 180 45.24 -14.22 -9.91
N SER A 181 45.85 -15.12 -9.13
CA SER A 181 46.32 -14.81 -7.79
C SER A 181 47.62 -14.01 -7.76
N SER A 182 48.38 -14.06 -8.86
CA SER A 182 49.67 -13.35 -8.95
C SER A 182 50.13 -13.18 -10.41
N THR A 183 51.16 -12.36 -10.58
CA THR A 183 51.79 -12.15 -11.89
C THR A 183 52.43 -13.43 -12.44
N GLN A 184 53.07 -14.21 -11.56
CA GLN A 184 53.70 -15.47 -11.95
C GLN A 184 52.68 -16.49 -12.47
N GLU A 185 51.56 -16.62 -11.76
CA GLU A 185 50.46 -17.49 -12.19
C GLU A 185 49.86 -17.00 -13.51
N LYS A 186 49.59 -15.69 -13.60
CA LYS A 186 49.10 -15.07 -14.83
C LYS A 186 50.01 -15.35 -16.03
N ASN A 187 51.33 -15.23 -15.82
CA ASN A 187 52.32 -15.52 -16.86
C ASN A 187 52.33 -16.99 -17.28
N ASP A 188 52.23 -17.90 -16.30
CA ASP A 188 52.18 -19.35 -16.57
C ASP A 188 50.97 -19.73 -17.43
N LEU A 189 49.80 -19.19 -17.10
CA LEU A 189 48.55 -19.56 -17.79
C LEU A 189 48.36 -18.88 -19.14
N TYR A 190 48.65 -17.57 -19.20
CA TYR A 190 48.33 -16.74 -20.38
C TYR A 190 49.50 -16.01 -21.04
N GLY A 191 50.71 -16.12 -20.48
CA GLY A 191 51.88 -15.42 -20.98
C GLY A 191 52.07 -14.01 -20.43
N THR A 192 53.18 -13.39 -20.82
CA THR A 192 53.58 -12.08 -20.31
C THR A 192 52.86 -10.89 -20.95
N GLN A 193 52.20 -11.12 -22.09
CA GLN A 193 51.45 -10.07 -22.81
C GLN A 193 50.35 -9.43 -21.96
N SER A 194 49.96 -8.20 -22.32
CA SER A 194 48.80 -7.54 -21.73
C SER A 194 47.53 -8.27 -22.18
N LEU A 195 46.66 -8.61 -21.23
CA LEU A 195 45.46 -9.38 -21.51
C LEU A 195 44.25 -8.47 -21.70
N SER A 196 43.39 -8.83 -22.65
CA SER A 196 42.19 -8.06 -22.95
C SER A 196 41.12 -8.97 -23.54
N ILE A 197 39.90 -8.89 -22.99
CA ILE A 197 38.77 -9.68 -23.43
C ILE A 197 37.65 -8.72 -23.79
N SER A 198 37.19 -8.74 -25.03
CA SER A 198 36.04 -7.93 -25.44
C SER A 198 34.89 -8.80 -25.91
N VAL A 199 33.68 -8.36 -25.60
CA VAL A 199 32.43 -9.05 -25.93
C VAL A 199 31.52 -8.04 -26.59
N GLY A 200 30.95 -8.39 -27.75
CA GLY A 200 30.16 -7.46 -28.54
C GLY A 200 29.04 -8.10 -29.31
N SER A 201 27.81 -7.66 -29.03
CA SER A 201 26.62 -7.99 -29.83
C SER A 201 26.04 -6.69 -30.38
N SER A 202 24.87 -6.78 -31.03
CA SER A 202 24.14 -5.58 -31.48
C SER A 202 23.54 -4.77 -30.32
N THR A 203 23.28 -5.43 -29.19
CA THR A 203 22.61 -4.82 -28.04
C THR A 203 23.46 -4.76 -26.75
N TYR A 204 24.72 -5.22 -26.83
CA TYR A 204 25.59 -5.27 -25.66
C TYR A 204 27.04 -5.18 -26.07
N LYS A 205 27.85 -4.50 -25.26
CA LYS A 205 29.29 -4.62 -25.37
C LYS A 205 29.98 -4.34 -24.05
N ASN A 206 31.14 -4.95 -23.87
CA ASN A 206 31.95 -4.76 -22.67
C ASN A 206 33.36 -5.28 -22.95
N SER A 207 34.31 -4.80 -22.16
CA SER A 207 35.69 -5.24 -22.22
C SER A 207 36.17 -5.53 -20.80
N PHE A 208 37.03 -6.54 -20.67
CA PHE A 208 37.48 -7.04 -19.38
C PHE A 208 38.99 -7.23 -19.39
N VAL A 209 39.62 -6.99 -18.24
CA VAL A 209 41.05 -7.22 -18.05
C VAL A 209 41.18 -8.05 -16.77
N PRO A 210 41.82 -9.23 -16.86
CA PRO A 210 42.18 -9.99 -15.66
C PRO A 210 43.06 -9.17 -14.71
N VAL A 211 42.72 -9.17 -13.42
CA VAL A 211 43.45 -8.42 -12.39
C VAL A 211 44.20 -9.40 -11.50
N VAL A 212 45.44 -9.04 -11.14
CA VAL A 212 46.37 -9.95 -10.44
C VAL A 212 46.69 -9.51 -9.00
N GLY A 213 45.76 -8.78 -8.38
CA GLY A 213 45.98 -8.23 -7.05
C GLY A 213 45.96 -9.28 -5.96
N ALA A 214 46.70 -9.02 -4.88
CA ALA A 214 46.77 -9.95 -3.74
C ALA A 214 45.42 -10.02 -3.02
N ARG A 215 44.99 -11.23 -2.68
CA ARG A 215 43.75 -11.44 -1.94
C ARG A 215 43.77 -12.78 -1.20
N PRO A 216 42.98 -12.90 -0.10
CA PRO A 216 43.03 -14.11 0.72
C PRO A 216 42.42 -15.35 0.05
N GLN A 217 42.68 -16.51 0.65
CA GLN A 217 42.26 -17.79 0.11
C GLN A 217 40.82 -18.08 0.50
N VAL A 218 40.01 -18.46 -0.49
CA VAL A 218 38.66 -18.98 -0.27
C VAL A 218 38.71 -20.45 -0.67
N ASN A 219 38.63 -21.33 0.32
CA ASN A 219 38.84 -22.77 0.14
C ASN A 219 40.21 -23.07 -0.53
N GLY A 220 41.24 -22.39 -0.04
CA GLY A 220 42.61 -22.54 -0.54
C GLY A 220 42.93 -21.87 -1.88
N LEU A 221 42.04 -20.99 -2.36
CA LEU A 221 42.19 -20.36 -3.68
C LEU A 221 42.12 -18.84 -3.60
N SER A 222 43.22 -18.18 -4.02
CA SER A 222 43.26 -16.71 -4.13
C SER A 222 42.79 -16.23 -5.51
N GLY A 223 42.79 -17.11 -6.50
CA GLY A 223 42.19 -16.82 -7.81
C GLY A 223 40.69 -16.64 -7.71
N ARG A 224 40.12 -15.93 -8.70
CA ARG A 224 38.67 -15.70 -8.78
C ARG A 224 38.21 -15.89 -10.22
N ILE A 225 37.01 -16.45 -10.38
CA ILE A 225 36.31 -16.48 -11.67
C ILE A 225 34.98 -15.77 -11.49
N ASP A 226 34.86 -14.58 -12.08
CA ASP A 226 33.63 -13.80 -12.04
C ASP A 226 32.83 -14.01 -13.30
N PHE A 227 31.51 -14.11 -13.16
CA PHE A 227 30.62 -14.38 -14.27
C PHE A 227 29.86 -13.14 -14.73
N HIS A 228 29.61 -13.10 -16.02
CA HIS A 228 28.90 -12.00 -16.67
C HIS A 228 27.91 -12.63 -17.63
N TRP A 229 26.83 -11.90 -17.93
CA TRP A 229 25.79 -12.43 -18.80
C TRP A 229 25.06 -11.37 -19.60
N THR A 230 24.45 -11.81 -20.69
CA THR A 230 23.61 -10.96 -21.51
C THR A 230 22.63 -11.81 -22.32
N LEU A 231 21.61 -11.16 -22.87
CA LEU A 231 20.62 -11.81 -23.72
C LEU A 231 20.98 -11.54 -25.17
N VAL A 232 21.16 -12.60 -25.95
CA VAL A 232 21.44 -12.50 -27.38
C VAL A 232 20.10 -12.62 -28.10
N GLN A 233 19.72 -11.57 -28.81
CA GLN A 233 18.41 -11.53 -29.49
C GLN A 233 18.36 -12.45 -30.70
N PRO A 234 17.15 -12.89 -31.09
CA PRO A 234 16.97 -13.74 -32.29
C PRO A 234 17.62 -13.13 -33.53
N GLY A 235 18.42 -13.92 -34.24
CA GLY A 235 19.10 -13.46 -35.45
C GLY A 235 20.37 -12.65 -35.25
N ASP A 236 20.69 -12.31 -33.99
CA ASP A 236 21.89 -11.55 -33.68
C ASP A 236 23.04 -12.52 -33.40
N LYS A 237 24.25 -11.99 -33.35
CA LYS A 237 25.43 -12.75 -32.95
C LYS A 237 26.20 -11.99 -31.88
N ILE A 238 27.02 -12.72 -31.12
CA ILE A 238 27.86 -12.14 -30.07
C ILE A 238 29.29 -12.61 -30.27
N ILE A 239 30.22 -11.66 -30.33
CA ILE A 239 31.61 -11.91 -30.69
C ILE A 239 32.51 -11.76 -29.47
N PHE A 240 33.25 -12.83 -29.14
CA PHE A 240 34.26 -12.82 -28.10
C PHE A 240 35.64 -12.70 -28.73
N SER A 241 36.38 -11.64 -28.39
CA SER A 241 37.76 -11.46 -28.83
C SER A 241 38.64 -11.46 -27.60
N HIS A 242 39.60 -12.38 -27.53
CA HIS A 242 40.33 -12.65 -26.29
C HIS A 242 41.73 -13.21 -26.53
N ASN A 243 42.62 -12.94 -25.57
CA ASN A 243 44.00 -13.44 -25.61
C ASN A 243 44.48 -13.95 -24.25
N GLY A 244 43.56 -14.54 -23.47
CA GLY A 244 43.87 -15.11 -22.16
C GLY A 244 43.02 -14.51 -21.07
N GLY A 245 42.37 -15.37 -20.28
CA GLY A 245 41.52 -14.94 -19.16
C GLY A 245 40.05 -15.28 -19.33
N LEU A 246 39.61 -15.53 -20.57
CA LEU A 246 38.21 -15.86 -20.83
C LEU A 246 37.89 -17.30 -20.42
N ILE A 247 36.80 -17.44 -19.68
CA ILE A 247 36.17 -18.73 -19.41
C ILE A 247 34.97 -18.76 -20.35
N ALA A 248 35.10 -19.56 -21.42
CA ALA A 248 34.24 -19.45 -22.60
C ALA A 248 33.06 -20.45 -22.57
N PRO A 249 31.87 -20.02 -23.03
CA PRO A 249 30.71 -20.92 -23.02
C PRO A 249 30.75 -22.00 -24.10
N SER A 250 30.51 -23.24 -23.67
CA SER A 250 30.27 -24.38 -24.57
C SER A 250 28.80 -24.45 -24.99
N ARG A 251 27.91 -23.99 -24.10
CA ARG A 251 26.48 -23.94 -24.38
C ARG A 251 25.89 -22.63 -23.85
N VAL A 252 24.81 -22.19 -24.51
CA VAL A 252 23.99 -21.07 -24.02
C VAL A 252 22.66 -21.63 -23.54
N SER A 253 21.90 -20.80 -22.82
CA SER A 253 20.64 -21.21 -22.22
C SER A 253 19.46 -20.50 -22.87
N LYS A 254 18.32 -21.18 -22.89
CA LYS A 254 17.05 -20.56 -23.25
C LYS A 254 16.04 -20.83 -22.13
N LEU A 255 15.56 -19.75 -21.50
CA LEU A 255 14.51 -19.85 -20.49
C LEU A 255 13.15 -19.97 -21.19
N ILE A 256 12.37 -20.96 -20.79
CA ILE A 256 11.11 -21.32 -21.45
C ILE A 256 9.95 -21.03 -20.51
N GLY A 257 8.95 -20.28 -21.00
CA GLY A 257 7.69 -20.09 -20.28
C GLY A 257 7.81 -19.41 -18.93
N ARG A 258 6.83 -19.68 -18.07
CA ARG A 258 6.77 -19.09 -16.72
C ARG A 258 6.50 -20.15 -15.67
N GLY A 259 6.93 -19.88 -14.44
CA GLY A 259 6.73 -20.78 -13.30
C GLY A 259 6.85 -20.05 -11.97
N LEU A 260 6.41 -20.72 -10.91
CA LEU A 260 6.45 -20.17 -9.55
C LEU A 260 7.74 -20.58 -8.84
N GLY A 261 8.56 -19.60 -8.49
CA GLY A 261 9.77 -19.83 -7.70
C GLY A 261 9.47 -19.84 -6.21
N ILE A 262 9.87 -20.91 -5.52
CA ILE A 262 9.67 -21.05 -4.07
C ILE A 262 11.02 -21.23 -3.37
N GLN A 263 11.23 -20.48 -2.28
CA GLN A 263 12.38 -20.65 -1.40
C GLN A 263 11.89 -21.21 -0.07
N SER A 264 12.28 -22.44 0.24
CA SER A 264 11.77 -23.15 1.43
C SER A 264 12.69 -24.29 1.85
N GLU A 265 12.62 -24.64 3.14
CA GLU A 265 13.38 -25.77 3.70
C GLU A 265 12.52 -27.02 3.90
N ALA A 266 11.22 -26.92 3.65
CA ALA A 266 10.28 -28.02 3.93
C ALA A 266 10.31 -29.10 2.84
N PRO A 267 10.06 -30.37 3.21
CA PRO A 267 10.11 -31.47 2.23
C PRO A 267 8.90 -31.51 1.27
N ILE A 268 9.11 -32.08 0.09
CA ILE A 268 8.05 -32.22 -0.92
C ILE A 268 7.03 -33.28 -0.47
N ASP A 269 5.75 -33.02 -0.77
CA ASP A 269 4.67 -33.99 -0.58
C ASP A 269 3.74 -33.95 -1.79
N ASN A 270 3.75 -35.02 -2.59
CA ASN A 270 2.89 -35.16 -3.77
C ASN A 270 1.45 -35.63 -3.46
N SER A 271 1.16 -35.91 -2.19
CA SER A 271 -0.17 -36.38 -1.78
C SER A 271 -1.26 -35.29 -1.81
N CYS A 272 -0.87 -34.02 -1.71
CA CYS A 272 -1.84 -32.91 -1.59
C CYS A 272 -1.46 -31.66 -2.39
N GLU A 273 -2.45 -30.80 -2.58
CA GLU A 273 -2.34 -29.58 -3.40
C GLU A 273 -2.22 -28.33 -2.53
N SER A 274 -1.69 -27.26 -3.12
CA SER A 274 -1.68 -25.94 -2.49
C SER A 274 -1.44 -24.84 -3.53
N LYS A 275 -1.94 -23.64 -3.19
CA LYS A 275 -1.73 -22.44 -4.00
C LYS A 275 -0.86 -21.39 -3.30
N CYS A 276 -0.48 -21.63 -2.04
CA CYS A 276 0.24 -20.66 -1.22
C CYS A 276 1.40 -21.34 -0.49
N PHE A 277 2.59 -20.74 -0.58
CA PHE A 277 3.79 -21.30 0.02
C PHE A 277 4.60 -20.23 0.75
N TRP A 278 5.38 -20.68 1.72
CA TRP A 278 6.30 -19.81 2.48
C TRP A 278 7.51 -20.64 2.93
N ARG A 279 8.44 -20.02 3.66
CA ARG A 279 9.67 -20.70 4.12
C ARG A 279 9.41 -22.01 4.86
N GLY A 280 8.46 -21.98 5.79
CA GLY A 280 8.08 -23.13 6.61
C GLY A 280 7.20 -24.19 5.97
N GLY A 281 6.56 -23.90 4.83
CA GLY A 281 5.77 -24.91 4.10
C GLY A 281 4.64 -24.35 3.26
N SER A 282 3.44 -24.94 3.42
CA SER A 282 2.27 -24.62 2.61
C SER A 282 1.09 -24.16 3.48
N ILE A 283 0.26 -23.29 2.91
CA ILE A 283 -0.93 -22.76 3.60
C ILE A 283 -2.17 -23.10 2.76
N ASN A 284 -2.93 -24.10 3.19
CA ASN A 284 -4.11 -24.59 2.47
C ASN A 284 -5.45 -24.11 3.05
N THR A 285 -5.42 -23.01 3.80
CA THR A 285 -6.61 -22.49 4.47
C THR A 285 -7.60 -21.82 3.51
N ARG A 286 -8.89 -21.90 3.87
CA ARG A 286 -9.95 -21.15 3.20
C ARG A 286 -10.16 -19.76 3.82
N LEU A 287 -9.49 -19.47 4.94
CA LEU A 287 -9.67 -18.21 5.66
C LEU A 287 -9.04 -17.03 4.91
N PRO A 288 -9.58 -15.80 5.12
CA PRO A 288 -9.10 -14.63 4.40
C PRO A 288 -7.74 -14.07 4.87
N PHE A 289 -7.36 -14.34 6.12
CA PHE A 289 -6.15 -13.79 6.71
C PHE A 289 -5.24 -14.90 7.28
N GLN A 290 -3.98 -14.54 7.51
CA GLN A 290 -3.01 -15.46 8.15
C GLN A 290 -1.95 -14.68 8.91
N ASN A 291 -1.36 -15.32 9.92
CA ASN A 291 -0.31 -14.69 10.75
C ASN A 291 1.00 -15.51 10.80
N LEU A 292 1.20 -16.35 9.79
CA LEU A 292 2.39 -17.20 9.71
C LEU A 292 3.61 -16.41 9.27
N SER A 293 3.47 -15.67 8.17
CA SER A 293 4.58 -14.88 7.63
C SER A 293 4.12 -13.82 6.62
N PRO A 294 4.74 -12.63 6.64
CA PRO A 294 4.49 -11.64 5.58
C PRO A 294 5.11 -12.03 4.22
N ARG A 295 6.09 -12.94 4.23
CA ARG A 295 6.75 -13.41 3.01
C ARG A 295 6.10 -14.70 2.51
N THR A 296 5.18 -14.56 1.56
CA THR A 296 4.52 -15.69 0.92
C THR A 296 4.51 -15.52 -0.60
N VAL A 297 4.31 -16.63 -1.31
CA VAL A 297 4.20 -16.63 -2.78
C VAL A 297 3.01 -17.46 -3.24
N GLY A 298 2.45 -17.09 -4.39
CA GLY A 298 1.27 -17.73 -4.96
C GLY A 298 0.00 -16.96 -4.66
N GLN A 299 -1.10 -17.68 -4.49
CA GLN A 299 -2.41 -17.10 -4.18
C GLN A 299 -2.71 -17.33 -2.70
N CYS A 300 -2.54 -16.28 -1.89
CA CYS A 300 -2.45 -16.42 -0.44
C CYS A 300 -3.47 -15.59 0.34
N PRO A 301 -3.79 -16.01 1.58
CA PRO A 301 -4.46 -15.11 2.52
C PRO A 301 -3.54 -13.96 2.89
N LYS A 302 -4.13 -12.80 3.22
CA LYS A 302 -3.35 -11.61 3.53
C LYS A 302 -2.78 -11.70 4.94
N TYR A 303 -1.50 -11.33 5.07
CA TYR A 303 -0.82 -11.34 6.37
C TYR A 303 -1.37 -10.24 7.28
N VAL A 304 -1.59 -10.58 8.55
CA VAL A 304 -2.04 -9.62 9.57
C VAL A 304 -1.25 -9.80 10.87
N ASN A 305 -1.03 -8.71 11.58
CA ASN A 305 -0.36 -8.73 12.89
C ASN A 305 -1.38 -9.02 14.01
N LYS A 306 -1.97 -10.21 13.98
CA LYS A 306 -2.99 -10.61 14.96
C LYS A 306 -2.99 -12.12 15.18
N LYS A 307 -3.10 -12.54 16.44
CA LYS A 307 -3.18 -13.96 16.78
C LYS A 307 -4.52 -14.56 16.37
N SER A 308 -5.60 -13.82 16.62
CA SER A 308 -6.96 -14.31 16.37
C SER A 308 -7.92 -13.15 16.08
N LEU A 309 -8.89 -13.40 15.20
CA LEU A 309 -10.01 -12.49 14.96
C LEU A 309 -11.29 -13.30 14.75
N MET A 310 -12.11 -13.41 15.79
CA MET A 310 -13.30 -14.25 15.78
C MET A 310 -14.50 -13.53 15.18
N LEU A 311 -15.11 -14.15 14.17
CA LEU A 311 -16.30 -13.64 13.51
C LEU A 311 -17.52 -14.32 14.12
N ALA A 312 -18.46 -13.52 14.62
CA ALA A 312 -19.68 -14.04 15.23
C ALA A 312 -20.54 -14.75 14.18
N THR A 313 -21.06 -15.92 14.55
CA THR A 313 -21.97 -16.70 13.71
C THR A 313 -23.27 -16.98 14.47
N GLY A 314 -23.58 -16.09 15.42
CA GLY A 314 -24.77 -16.25 16.26
C GLY A 314 -25.06 -15.00 17.06
N MET A 315 -26.23 -15.01 17.70
CA MET A 315 -26.70 -13.89 18.52
C MET A 315 -25.94 -13.74 19.83
N ARG A 316 -26.18 -12.62 20.52
CA ARG A 316 -25.72 -12.43 21.90
C ARG A 316 -26.14 -13.61 22.77
N ASN A 317 -25.19 -14.17 23.53
CA ASN A 317 -25.48 -15.26 24.44
C ASN A 317 -25.87 -14.69 25.80
N VAL A 318 -27.11 -14.96 26.22
CA VAL A 318 -27.64 -14.48 27.50
C VAL A 318 -28.15 -15.72 28.26
N PRO A 319 -27.23 -16.45 28.94
CA PRO A 319 -27.58 -17.74 29.55
C PRO A 319 -28.44 -17.64 30.82
N GLU A 320 -28.92 -18.80 31.27
CA GLU A 320 -29.77 -18.91 32.45
C GLU A 320 -28.95 -19.26 33.69
N GLY B 1 -29.68 -3.61 23.41
CA GLY B 1 -29.25 -3.61 21.98
C GLY B 1 -30.13 -2.76 21.09
N LEU B 2 -29.78 -2.71 19.80
CA LEU B 2 -30.45 -1.80 18.85
C LEU B 2 -31.96 -1.96 18.80
N PHE B 3 -32.44 -3.20 18.77
CA PHE B 3 -33.89 -3.47 18.64
C PHE B 3 -34.57 -3.81 19.96
N GLY B 4 -33.81 -3.89 21.05
CA GLY B 4 -34.36 -3.91 22.40
C GLY B 4 -34.92 -5.23 22.92
N ALA B 5 -34.82 -6.31 22.14
CA ALA B 5 -35.38 -7.61 22.53
C ALA B 5 -34.33 -8.51 23.18
N ILE B 6 -33.34 -8.94 22.39
CA ILE B 6 -32.28 -9.83 22.88
C ILE B 6 -31.33 -9.02 23.77
N ALA B 7 -31.09 -9.53 24.98
CA ALA B 7 -30.42 -8.80 26.05
C ALA B 7 -31.13 -7.46 26.36
N GLY B 8 -32.45 -7.47 26.24
CA GLY B 8 -33.29 -6.28 26.39
C GLY B 8 -34.53 -6.64 27.18
N PHE B 9 -35.72 -6.46 26.59
CA PHE B 9 -36.97 -6.80 27.30
C PHE B 9 -37.17 -8.31 27.49
N ILE B 10 -36.53 -9.12 26.66
CA ILE B 10 -36.42 -10.56 26.93
C ILE B 10 -35.22 -10.73 27.87
N GLU B 11 -35.50 -11.17 29.10
CA GLU B 11 -34.52 -11.18 30.19
C GLU B 11 -33.31 -12.07 29.92
N ASN B 12 -33.56 -13.26 29.36
CA ASN B 12 -32.49 -14.18 29.01
C ASN B 12 -32.94 -15.18 27.95
N GLY B 13 -31.95 -15.89 27.38
CA GLY B 13 -32.20 -16.94 26.41
C GLY B 13 -32.59 -18.25 27.06
N TRP B 14 -33.01 -19.21 26.25
CA TRP B 14 -33.42 -20.53 26.71
C TRP B 14 -32.40 -21.58 26.27
N GLU B 15 -31.66 -22.12 27.23
CA GLU B 15 -30.68 -23.19 26.95
C GLU B 15 -31.36 -24.50 26.54
N GLY B 16 -32.58 -24.72 27.01
CA GLY B 16 -33.38 -25.88 26.62
C GLY B 16 -33.85 -25.92 25.18
N MET B 17 -33.93 -24.76 24.52
CA MET B 17 -34.36 -24.71 23.11
C MET B 17 -33.20 -25.06 22.18
N VAL B 18 -33.12 -26.34 21.82
CA VAL B 18 -32.00 -26.88 21.04
C VAL B 18 -32.31 -27.14 19.55
N ASP B 19 -33.57 -26.92 19.14
CA ASP B 19 -34.01 -27.15 17.76
C ASP B 19 -34.36 -25.85 17.00
N GLY B 20 -33.85 -24.72 17.49
CA GLY B 20 -34.12 -23.44 16.86
C GLY B 20 -33.46 -22.27 17.60
N TRP B 21 -33.43 -21.13 16.92
CA TRP B 21 -32.82 -19.91 17.46
C TRP B 21 -33.85 -19.03 18.17
N TYR B 22 -35.09 -19.05 17.67
CA TYR B 22 -36.22 -18.34 18.26
C TYR B 22 -37.39 -19.30 18.42
N GLY B 23 -38.26 -19.01 19.37
CA GLY B 23 -39.44 -19.84 19.57
C GLY B 23 -40.43 -19.34 20.59
N PHE B 24 -41.30 -20.26 21.00
CA PHE B 24 -42.44 -19.97 21.85
C PHE B 24 -42.40 -20.86 23.09
N ARG B 25 -42.84 -20.30 24.21
CA ARG B 25 -43.26 -21.09 25.36
C ARG B 25 -44.66 -20.64 25.74
N HIS B 26 -45.54 -21.58 26.06
CA HIS B 26 -46.91 -21.23 26.45
C HIS B 26 -47.28 -21.80 27.81
N GLN B 27 -48.29 -21.18 28.41
CA GLN B 27 -48.93 -21.70 29.61
C GLN B 27 -50.42 -21.49 29.48
N ASN B 28 -51.18 -22.58 29.60
CA ASN B 28 -52.64 -22.50 29.68
C ASN B 28 -53.11 -23.40 30.83
N ALA B 29 -54.42 -23.51 31.02
CA ALA B 29 -54.98 -24.35 32.09
C ALA B 29 -54.65 -25.84 31.96
N GLN B 30 -54.33 -26.30 30.75
CA GLN B 30 -54.01 -27.70 30.47
C GLN B 30 -52.53 -28.07 30.66
N GLY B 31 -51.63 -27.07 30.65
CA GLY B 31 -50.20 -27.32 30.84
C GLY B 31 -49.28 -26.28 30.23
N THR B 32 -48.03 -26.68 30.03
CA THR B 32 -47.01 -25.85 29.39
C THR B 32 -46.39 -26.55 28.20
N GLY B 33 -45.65 -25.81 27.39
CA GLY B 33 -44.97 -26.37 26.22
C GLY B 33 -43.93 -25.43 25.65
N GLN B 34 -43.13 -25.96 24.72
CA GLN B 34 -42.09 -25.20 24.03
C GLN B 34 -42.05 -25.63 22.57
N ALA B 35 -41.78 -24.68 21.68
CA ALA B 35 -41.67 -24.95 20.25
C ALA B 35 -40.84 -23.89 19.54
N ALA B 36 -39.95 -24.33 18.65
CA ALA B 36 -39.09 -23.43 17.87
C ALA B 36 -39.86 -22.87 16.67
N ASP B 37 -39.50 -21.64 16.27
CA ASP B 37 -40.06 -21.00 15.08
C ASP B 37 -39.09 -21.15 13.91
N TYR B 38 -39.54 -21.81 12.85
CA TYR B 38 -38.67 -22.15 11.71
C TYR B 38 -38.25 -20.94 10.88
N LYS B 39 -39.23 -20.11 10.50
CA LYS B 39 -39.01 -19.00 9.56
C LYS B 39 -38.03 -17.94 10.09
N SER B 40 -38.20 -17.54 11.34
CA SER B 40 -37.32 -16.55 11.98
C SER B 40 -35.90 -17.10 12.16
N THR B 41 -35.81 -18.35 12.60
CA THR B 41 -34.52 -19.05 12.74
C THR B 41 -33.77 -19.10 11.40
N GLN B 42 -34.47 -19.54 10.36
CA GLN B 42 -33.87 -19.64 9.02
C GLN B 42 -33.48 -18.29 8.42
N ALA B 43 -34.28 -17.25 8.70
CA ALA B 43 -33.95 -15.89 8.27
C ALA B 43 -32.61 -15.42 8.84
N ALA B 44 -32.40 -15.68 10.14
CA ALA B 44 -31.14 -15.34 10.80
C ALA B 44 -29.95 -16.17 10.29
N ILE B 45 -30.16 -17.48 10.16
CA ILE B 45 -29.11 -18.40 9.68
C ILE B 45 -28.68 -18.09 8.25
N ASP B 46 -29.65 -17.84 7.36
CA ASP B 46 -29.36 -17.52 5.96
C ASP B 46 -28.53 -16.25 5.80
N GLN B 47 -28.80 -15.24 6.62
CA GLN B 47 -28.03 -13.99 6.59
C GLN B 47 -26.59 -14.20 7.07
N ILE B 48 -26.41 -15.00 8.12
CA ILE B 48 -25.07 -15.36 8.61
C ILE B 48 -24.30 -16.22 7.60
N THR B 49 -25.00 -17.16 6.95
CA THR B 49 -24.42 -17.95 5.86
C THR B 49 -23.93 -17.03 4.72
N GLY B 50 -24.76 -16.05 4.38
CA GLY B 50 -24.40 -15.03 3.38
C GLY B 50 -23.12 -14.26 3.68
N LYS B 51 -22.95 -13.85 4.94
CA LYS B 51 -21.72 -13.19 5.39
C LYS B 51 -20.49 -14.09 5.27
N LEU B 52 -20.64 -15.34 5.72
CA LEU B 52 -19.55 -16.32 5.65
C LEU B 52 -19.09 -16.59 4.22
N ASN B 53 -20.06 -16.66 3.29
CA ASN B 53 -19.75 -16.83 1.86
C ASN B 53 -18.94 -15.68 1.27
N ARG B 54 -19.21 -14.46 1.72
CA ARG B 54 -18.48 -13.28 1.27
C ARG B 54 -17.12 -13.12 1.96
N ILE B 55 -17.07 -13.39 3.26
CA ILE B 55 -15.87 -13.13 4.08
C ILE B 55 -14.82 -14.25 3.96
N ILE B 56 -15.24 -15.51 4.01
CA ILE B 56 -14.30 -16.64 4.03
C ILE B 56 -13.81 -16.92 2.59
N LYS B 57 -12.85 -16.10 2.16
CA LYS B 57 -12.23 -16.22 0.84
C LYS B 57 -10.94 -15.40 0.74
N LYS B 58 -10.09 -15.77 -0.21
CA LYS B 58 -8.87 -15.03 -0.52
C LYS B 58 -8.95 -14.50 -1.94
N THR B 59 -8.05 -13.58 -2.29
CA THR B 59 -7.95 -13.06 -3.66
C THR B 59 -7.27 -14.11 -4.52
N ASN B 60 -7.56 -14.08 -5.82
CA ASN B 60 -6.91 -14.97 -6.79
C ASN B 60 -5.66 -14.36 -7.45
N THR B 61 -5.19 -13.21 -6.93
CA THR B 61 -3.99 -12.56 -7.44
C THR B 61 -2.76 -13.38 -7.05
N GLU B 62 -1.93 -13.70 -8.04
CA GLU B 62 -0.70 -14.46 -7.82
C GLU B 62 0.43 -13.49 -7.52
N PHE B 63 1.07 -13.68 -6.37
CA PHE B 63 2.23 -12.90 -5.97
C PHE B 63 3.50 -13.74 -6.06
N GLU B 64 4.60 -13.10 -6.46
CA GLU B 64 5.91 -13.74 -6.50
C GLU B 64 6.85 -13.04 -5.54
N SER B 65 8.00 -13.66 -5.29
CA SER B 65 8.94 -13.19 -4.28
C SER B 65 9.64 -11.89 -4.68
N ILE B 66 9.66 -10.92 -3.75
CA ILE B 66 10.50 -9.72 -3.86
C ILE B 66 11.50 -9.60 -2.69
N GLU B 67 11.58 -10.64 -1.85
CA GLU B 67 12.54 -10.72 -0.75
C GLU B 67 13.17 -12.11 -0.73
N SER B 68 14.48 -12.17 -0.86
CA SER B 68 15.20 -13.45 -0.86
C SER B 68 15.29 -14.02 0.56
N GLU B 69 14.88 -15.27 0.73
CA GLU B 69 14.97 -15.99 2.00
C GLU B 69 16.42 -16.36 2.35
N PHE B 70 17.14 -16.92 1.37
CA PHE B 70 18.48 -17.49 1.59
C PHE B 70 19.64 -16.64 1.06
N SER B 71 19.39 -15.37 0.77
CA SER B 71 20.41 -14.48 0.20
C SER B 71 20.18 -13.03 0.60
N GLU B 72 21.24 -12.22 0.49
CA GLU B 72 21.17 -10.80 0.81
C GLU B 72 20.46 -10.01 -0.28
N ILE B 73 19.89 -8.87 0.11
CA ILE B 73 19.25 -7.93 -0.82
C ILE B 73 19.96 -6.59 -0.73
N ASP B 74 19.78 -5.75 -1.75
CA ASP B 74 20.34 -4.39 -1.75
C ASP B 74 19.72 -3.57 -0.62
N HIS B 75 20.54 -2.73 0.01
CA HIS B 75 20.15 -2.04 1.24
C HIS B 75 19.06 -0.99 1.04
N GLN B 76 19.16 -0.21 -0.05
CA GLN B 76 18.18 0.84 -0.34
C GLN B 76 16.82 0.26 -0.74
N ILE B 77 16.83 -0.63 -1.73
CA ILE B 77 15.60 -1.31 -2.17
C ILE B 77 14.99 -2.19 -1.06
N GLY B 78 15.85 -2.84 -0.28
CA GLY B 78 15.42 -3.64 0.88
C GLY B 78 14.69 -2.83 1.93
N ASN B 79 15.17 -1.61 2.19
CA ASN B 79 14.49 -0.67 3.10
C ASN B 79 13.13 -0.21 2.56
N VAL B 80 13.06 0.02 1.24
CA VAL B 80 11.80 0.40 0.59
C VAL B 80 10.79 -0.76 0.67
N ILE B 81 11.24 -1.98 0.41
CA ILE B 81 10.40 -3.17 0.49
C ILE B 81 9.89 -3.40 1.91
N ASN B 82 10.78 -3.26 2.90
CA ASN B 82 10.40 -3.37 4.31
C ASN B 82 9.35 -2.33 4.73
N TRP B 83 9.54 -1.09 4.30
CA TRP B 83 8.58 0.00 4.57
C TRP B 83 7.23 -0.29 3.90
N THR B 84 7.27 -0.72 2.65
CA THR B 84 6.07 -1.03 1.88
C THR B 84 5.29 -2.21 2.47
N LYS B 85 5.98 -3.31 2.75
CA LYS B 85 5.35 -4.51 3.31
C LYS B 85 4.72 -4.26 4.68
N ASP B 86 5.41 -3.51 5.53
CA ASP B 86 4.88 -3.12 6.84
C ASP B 86 3.70 -2.14 6.74
N SER B 87 3.73 -1.25 5.75
CA SER B 87 2.60 -0.36 5.47
C SER B 87 1.38 -1.14 4.98
N ILE B 88 1.60 -2.10 4.08
CA ILE B 88 0.54 -2.99 3.58
C ILE B 88 -0.03 -3.86 4.71
N THR B 89 0.85 -4.38 5.57
CA THR B 89 0.42 -5.18 6.73
C THR B 89 -0.44 -4.37 7.71
N ASP B 90 -0.05 -3.12 7.98
CA ASP B 90 -0.86 -2.23 8.82
C ASP B 90 -2.26 -1.98 8.24
N ILE B 91 -2.34 -1.82 6.92
CA ILE B 91 -3.63 -1.61 6.24
C ILE B 91 -4.52 -2.86 6.37
N TRP B 92 -3.97 -4.03 6.05
CA TRP B 92 -4.74 -5.29 6.12
C TRP B 92 -5.13 -5.68 7.54
N THR B 93 -4.23 -5.44 8.49
CA THR B 93 -4.54 -5.68 9.91
C THR B 93 -5.69 -4.76 10.36
N TYR B 94 -5.61 -3.49 10.00
CA TYR B 94 -6.67 -2.53 10.29
C TYR B 94 -7.99 -2.92 9.63
N GLN B 95 -7.94 -3.26 8.34
CA GLN B 95 -9.15 -3.66 7.59
C GLN B 95 -9.81 -4.92 8.15
N ALA B 96 -8.99 -5.91 8.52
CA ALA B 96 -9.49 -7.14 9.13
C ALA B 96 -10.19 -6.86 10.46
N GLU B 97 -9.56 -6.04 11.31
CA GLU B 97 -10.13 -5.65 12.60
C GLU B 97 -11.46 -4.90 12.43
N LEU B 98 -11.51 -3.96 11.50
CA LEU B 98 -12.73 -3.19 11.22
C LEU B 98 -13.83 -4.06 10.61
N LEU B 99 -13.46 -4.91 9.66
CA LEU B 99 -14.39 -5.85 9.03
C LEU B 99 -15.12 -6.68 10.08
N VAL B 100 -14.35 -7.36 10.93
CA VAL B 100 -14.92 -8.30 11.88
C VAL B 100 -15.71 -7.56 12.97
N ALA B 101 -15.20 -6.42 13.45
CA ALA B 101 -15.92 -5.58 14.41
C ALA B 101 -17.27 -5.08 13.87
N MET B 102 -17.26 -4.60 12.63
CA MET B 102 -18.48 -4.12 11.97
C MET B 102 -19.47 -5.26 11.72
N GLU B 103 -18.97 -6.38 11.20
CA GLU B 103 -19.82 -7.54 10.91
C GLU B 103 -20.43 -8.13 12.18
N ASN B 104 -19.64 -8.20 13.25
CA ASN B 104 -20.12 -8.72 14.55
C ASN B 104 -21.21 -7.85 15.14
N GLN B 105 -21.06 -6.53 15.02
CA GLN B 105 -22.09 -5.57 15.44
C GLN B 105 -23.40 -5.80 14.67
N HIS B 106 -23.28 -5.94 13.36
CA HIS B 106 -24.44 -6.16 12.50
C HIS B 106 -25.11 -7.52 12.71
N THR B 107 -24.33 -8.57 12.94
CA THR B 107 -24.86 -9.91 13.20
C THR B 107 -25.72 -9.93 14.48
N ILE B 108 -25.16 -9.36 15.55
CA ILE B 108 -25.84 -9.24 16.84
C ILE B 108 -27.15 -8.45 16.73
N ASP B 109 -27.12 -7.33 16.02
CA ASP B 109 -28.30 -6.49 15.84
C ASP B 109 -29.32 -7.08 14.87
N MET B 110 -28.83 -7.77 13.83
CA MET B 110 -29.71 -8.51 12.92
C MET B 110 -30.48 -9.60 13.65
N ALA B 111 -29.80 -10.36 14.51
CA ALA B 111 -30.44 -11.40 15.32
C ALA B 111 -31.50 -10.82 16.26
N ASP B 112 -31.18 -9.68 16.87
CA ASP B 112 -32.09 -8.90 17.71
C ASP B 112 -33.34 -8.49 16.92
N SER B 113 -33.14 -7.99 15.69
CA SER B 113 -34.26 -7.59 14.83
C SER B 113 -35.20 -8.74 14.47
N GLU B 114 -34.65 -9.92 14.22
CA GLU B 114 -35.49 -11.09 13.91
C GLU B 114 -36.34 -11.53 15.10
N MET B 115 -35.79 -11.40 16.31
CA MET B 115 -36.55 -11.65 17.55
C MET B 115 -37.72 -10.68 17.65
N LEU B 116 -37.44 -9.39 17.43
CA LEU B 116 -38.47 -8.35 17.49
C LEU B 116 -39.54 -8.53 16.41
N ASN B 117 -39.13 -8.89 15.20
CA ASN B 117 -40.07 -9.09 14.09
C ASN B 117 -41.05 -10.23 14.35
N LEU B 118 -40.57 -11.32 14.97
CA LEU B 118 -41.43 -12.42 15.40
C LEU B 118 -42.42 -11.94 16.48
N TYR B 119 -41.90 -11.24 17.48
CA TYR B 119 -42.72 -10.65 18.56
C TYR B 119 -43.82 -9.74 17.99
N GLU B 120 -43.43 -8.88 17.04
CA GLU B 120 -44.37 -7.97 16.38
C GLU B 120 -45.43 -8.69 15.54
N ARG B 121 -45.04 -9.74 14.83
CA ARG B 121 -46.01 -10.58 14.09
C ARG B 121 -47.08 -11.14 15.02
N VAL B 122 -46.64 -11.71 16.14
CA VAL B 122 -47.55 -12.28 17.14
C VAL B 122 -48.44 -11.21 17.76
N ARG B 123 -47.89 -10.05 18.11
CA ARG B 123 -48.69 -8.94 18.65
C ARG B 123 -49.85 -8.58 17.71
N LYS B 124 -49.54 -8.40 16.42
CA LYS B 124 -50.56 -8.03 15.45
C LYS B 124 -51.59 -9.14 15.17
N GLN B 125 -51.15 -10.40 15.24
CA GLN B 125 -52.06 -11.56 15.16
C GLN B 125 -53.12 -11.54 16.26
N LEU B 126 -52.66 -11.33 17.49
CA LEU B 126 -53.55 -11.37 18.66
C LEU B 126 -54.50 -10.19 18.74
N ARG B 127 -54.11 -9.06 18.14
CA ARG B 127 -54.97 -7.88 18.01
C ARG B 127 -55.47 -7.41 19.40
N GLN B 128 -56.78 -7.42 19.65
CA GLN B 128 -57.34 -6.90 20.90
C GLN B 128 -57.66 -7.99 21.91
N ASN B 129 -57.17 -9.20 21.67
CA ASN B 129 -57.44 -10.35 22.54
C ASN B 129 -56.33 -10.61 23.56
N ALA B 130 -55.22 -9.89 23.46
CA ALA B 130 -54.09 -10.07 24.36
C ALA B 130 -53.43 -8.74 24.69
N GLU B 131 -52.63 -8.75 25.74
CA GLU B 131 -51.87 -7.58 26.18
C GLU B 131 -50.42 -7.99 26.46
N GLU B 132 -49.49 -7.09 26.18
CA GLU B 132 -48.05 -7.33 26.40
C GLU B 132 -47.74 -7.19 27.88
N ASP B 133 -46.95 -8.11 28.42
CA ASP B 133 -46.51 -8.05 29.82
C ASP B 133 -45.17 -7.32 30.04
N GLY B 134 -44.49 -6.99 28.94
CA GLY B 134 -43.19 -6.29 29.02
C GLY B 134 -41.96 -7.18 29.07
N LYS B 135 -42.15 -8.50 29.16
CA LYS B 135 -41.07 -9.48 29.29
C LYS B 135 -40.93 -10.36 28.04
N GLY B 136 -41.59 -9.95 26.95
CA GLY B 136 -41.66 -10.75 25.73
C GLY B 136 -42.84 -11.72 25.67
N CYS B 137 -43.77 -11.64 26.63
CA CYS B 137 -44.96 -12.48 26.63
C CYS B 137 -46.23 -11.69 26.39
N PHE B 138 -47.27 -12.42 25.99
CA PHE B 138 -48.60 -11.88 25.80
C PHE B 138 -49.55 -12.63 26.72
N GLU B 139 -50.32 -11.89 27.51
CA GLU B 139 -51.39 -12.47 28.31
C GLU B 139 -52.66 -12.47 27.49
N ILE B 140 -53.19 -13.66 27.24
CA ILE B 140 -54.31 -13.87 26.32
C ILE B 140 -55.60 -13.95 27.15
N TYR B 141 -56.56 -13.07 26.85
CA TYR B 141 -57.76 -12.89 27.70
C TYR B 141 -58.95 -13.79 27.31
N HIS B 142 -58.66 -14.97 26.79
CA HIS B 142 -59.65 -16.03 26.59
C HIS B 142 -58.94 -17.35 26.81
N ALA B 143 -59.70 -18.41 27.04
CA ALA B 143 -59.15 -19.75 27.12
C ALA B 143 -58.51 -20.10 25.77
N CYS B 144 -57.22 -20.40 25.79
CA CYS B 144 -56.45 -20.70 24.58
C CYS B 144 -55.79 -22.05 24.79
N ASP B 145 -56.49 -23.11 24.35
CA ASP B 145 -56.01 -24.50 24.47
C ASP B 145 -54.82 -24.79 23.54
N ASP B 146 -54.31 -26.02 23.57
CA ASP B 146 -53.13 -26.39 22.77
C ASP B 146 -53.29 -26.13 21.27
N SER B 147 -54.48 -26.39 20.73
CA SER B 147 -54.78 -26.09 19.32
C SER B 147 -54.78 -24.59 19.04
N CYS B 148 -55.32 -23.81 19.96
CA CYS B 148 -55.27 -22.33 19.90
C CYS B 148 -53.82 -21.82 19.93
N MET B 149 -53.02 -22.36 20.86
CA MET B 149 -51.60 -22.00 20.94
C MET B 149 -50.85 -22.35 19.66
N GLU B 150 -51.13 -23.54 19.11
CA GLU B 150 -50.56 -23.96 17.83
C GLU B 150 -50.94 -23.03 16.68
N SER B 151 -52.19 -22.56 16.66
CA SER B 151 -52.65 -21.60 15.64
C SER B 151 -51.89 -20.27 15.70
N ILE B 152 -51.54 -19.83 16.91
CA ILE B 152 -50.70 -18.65 17.08
C ILE B 152 -49.30 -18.91 16.50
N ARG B 153 -48.71 -20.06 16.87
CA ARG B 153 -47.37 -20.43 16.40
C ARG B 153 -47.25 -20.56 14.87
N ASN B 154 -48.28 -21.09 14.22
CA ASN B 154 -48.27 -21.29 12.76
C ASN B 154 -49.00 -20.19 11.95
N ASN B 155 -49.28 -19.05 12.59
CA ASN B 155 -49.79 -17.85 11.90
C ASN B 155 -51.19 -18.02 11.28
N THR B 156 -52.04 -18.83 11.93
CA THR B 156 -53.44 -19.03 11.51
C THR B 156 -54.48 -18.63 12.57
N TYR B 157 -54.05 -17.97 13.64
CA TYR B 157 -54.95 -17.53 14.71
C TYR B 157 -55.85 -16.42 14.18
N ASN B 158 -57.17 -16.64 14.26
CA ASN B 158 -58.16 -15.64 13.88
C ASN B 158 -58.74 -14.99 15.14
N HIS B 159 -58.33 -13.74 15.37
CA HIS B 159 -58.75 -12.97 16.54
C HIS B 159 -60.28 -12.81 16.67
N SER B 160 -60.97 -12.70 15.53
CA SER B 160 -62.41 -12.42 15.50
C SER B 160 -63.25 -13.49 16.20
N GLN B 161 -62.76 -14.74 16.19
CA GLN B 161 -63.43 -15.85 16.87
C GLN B 161 -63.50 -15.68 18.39
N TYR B 162 -62.46 -15.10 18.98
CA TYR B 162 -62.33 -14.97 20.44
C TYR B 162 -62.59 -13.54 20.96
N ARG B 163 -62.83 -12.59 20.05
CA ARG B 163 -62.88 -11.17 20.40
C ARG B 163 -63.96 -10.81 21.42
N GLU B 164 -65.17 -11.35 21.22
CA GLU B 164 -66.30 -11.14 22.15
C GLU B 164 -65.93 -11.54 23.59
N GLU B 165 -65.39 -12.74 23.76
CA GLU B 165 -64.94 -13.24 25.07
C GLU B 165 -63.80 -12.38 25.62
N ALA B 166 -62.82 -12.09 24.78
CA ALA B 166 -61.61 -11.39 25.20
C ALA B 166 -61.88 -9.96 25.67
N LEU B 167 -62.73 -9.23 24.94
CA LEU B 167 -63.07 -7.84 25.32
C LEU B 167 -63.84 -7.77 26.65
N LEU B 168 -64.74 -8.72 26.90
CA LEU B 168 -65.44 -8.78 28.19
C LEU B 168 -64.48 -9.07 29.36
N ASN B 169 -63.53 -9.99 29.15
CA ASN B 169 -62.50 -10.29 30.14
C ASN B 169 -61.50 -9.14 30.36
N ARG B 170 -61.12 -8.45 29.29
CA ARG B 170 -60.20 -7.30 29.38
C ARG B 170 -60.82 -6.08 30.08
N LEU B 171 -62.07 -5.78 29.77
CA LEU B 171 -62.79 -4.65 30.40
C LEU B 171 -63.42 -5.00 31.76
N ASN B 172 -63.49 -6.30 32.08
CA ASN B 172 -63.96 -6.81 33.38
C ASN B 172 -65.44 -6.48 33.63
N ASP C 1 -58.46 16.61 33.20
CA ASP C 1 -57.48 16.03 32.22
C ASP C 1 -56.47 15.09 32.91
N PRO C 2 -55.87 14.17 32.14
CA PRO C 2 -55.00 13.16 32.75
C PRO C 2 -53.63 13.69 33.18
N ASP C 3 -53.02 13.01 34.15
CA ASP C 3 -51.60 13.20 34.45
C ASP C 3 -50.79 12.74 33.26
N LYS C 4 -49.52 13.13 33.20
CA LYS C 4 -48.69 12.72 32.08
C LYS C 4 -47.23 12.57 32.42
N ILE C 5 -46.59 11.66 31.69
CA ILE C 5 -45.15 11.43 31.77
C ILE C 5 -44.62 11.52 30.34
N CYS C 6 -43.54 12.28 30.18
CA CYS C 6 -42.95 12.57 28.88
C CYS C 6 -41.54 12.03 28.84
N LEU C 7 -41.20 11.33 27.76
CA LEU C 7 -39.85 10.81 27.55
C LEU C 7 -39.10 11.78 26.65
N GLY C 8 -37.83 11.98 26.97
CA GLY C 8 -37.00 12.90 26.21
C GLY C 8 -35.53 12.65 26.36
N HIS C 9 -34.76 13.52 25.70
CA HIS C 9 -33.32 13.44 25.66
C HIS C 9 -32.74 14.82 25.79
N HIS C 10 -31.45 14.90 26.12
CA HIS C 10 -30.79 16.19 26.30
C HIS C 10 -30.46 16.86 24.96
N ALA C 11 -30.18 18.16 25.05
CA ALA C 11 -29.64 18.93 23.94
C ALA C 11 -28.66 19.94 24.51
N VAL C 12 -27.85 20.54 23.64
CA VAL C 12 -26.92 21.60 24.03
C VAL C 12 -27.17 22.84 23.18
N ALA C 13 -26.82 24.01 23.70
CA ALA C 13 -27.00 25.26 22.98
C ALA C 13 -26.11 25.30 21.73
N ASN C 14 -24.83 25.00 21.92
CA ASN C 14 -23.84 25.01 20.84
C ASN C 14 -23.40 23.59 20.48
N GLY C 15 -24.06 23.02 19.47
CA GLY C 15 -23.70 21.69 18.96
C GLY C 15 -22.48 21.73 18.06
N THR C 16 -22.04 20.56 17.62
CA THR C 16 -20.87 20.42 16.74
C THR C 16 -21.28 19.67 15.47
N ILE C 17 -20.73 20.11 14.34
CA ILE C 17 -21.04 19.52 13.03
C ILE C 17 -20.11 18.35 12.72
N VAL C 18 -20.71 17.24 12.30
CA VAL C 18 -19.97 16.05 11.84
C VAL C 18 -20.52 15.56 10.50
N LYS C 19 -19.74 14.73 9.82
CA LYS C 19 -20.16 14.08 8.59
C LYS C 19 -20.57 12.64 8.87
N THR C 20 -21.68 12.21 8.26
CA THR C 20 -22.15 10.83 8.36
C THR C 20 -22.15 10.22 6.96
N LEU C 21 -22.65 8.99 6.84
CA LEU C 21 -22.80 8.36 5.52
C LEU C 21 -23.80 9.09 4.62
N THR C 22 -24.83 9.70 5.21
CA THR C 22 -25.93 10.33 4.47
C THR C 22 -26.00 11.86 4.57
N ASN C 23 -25.15 12.48 5.40
CA ASN C 23 -25.27 13.91 5.70
C ASN C 23 -23.90 14.53 5.97
N GLU C 24 -23.53 15.54 5.19
CA GLU C 24 -22.28 16.27 5.35
C GLU C 24 -22.30 17.30 6.49
N GLN C 25 -23.49 17.73 6.91
CA GLN C 25 -23.67 18.78 7.92
C GLN C 25 -24.64 18.33 9.02
N GLU C 26 -24.25 17.28 9.74
CA GLU C 26 -25.07 16.71 10.82
C GLU C 26 -24.65 17.29 12.17
N GLU C 27 -25.57 17.94 12.87
CA GLU C 27 -25.29 18.53 14.18
C GLU C 27 -25.48 17.53 15.31
N VAL C 28 -24.43 17.31 16.10
CA VAL C 28 -24.47 16.42 17.27
C VAL C 28 -24.12 17.20 18.54
N THR C 29 -24.39 16.60 19.69
CA THR C 29 -24.19 17.28 20.98
C THR C 29 -22.71 17.47 21.30
N ASN C 30 -21.88 16.52 20.86
CA ASN C 30 -20.44 16.59 21.10
C ASN C 30 -19.69 15.74 20.07
N ALA C 31 -18.43 16.11 19.82
CA ALA C 31 -17.57 15.35 18.93
C ALA C 31 -16.11 15.59 19.29
N THR C 32 -15.22 14.75 18.76
CA THR C 32 -13.80 14.85 19.06
C THR C 32 -12.95 14.63 17.80
N GLU C 33 -11.81 15.29 17.76
CA GLU C 33 -10.93 15.28 16.59
C GLU C 33 -10.19 13.94 16.49
N THR C 34 -10.05 13.43 15.26
CA THR C 34 -9.27 12.21 14.99
C THR C 34 -7.96 12.45 14.22
N VAL C 35 -7.79 13.64 13.64
CA VAL C 35 -6.58 14.01 12.90
C VAL C 35 -5.80 15.05 13.69
N GLU C 36 -4.57 14.71 14.07
CA GLU C 36 -3.69 15.64 14.77
C GLU C 36 -3.15 16.71 13.81
N SER C 37 -3.34 17.98 14.19
CA SER C 37 -2.88 19.13 13.41
C SER C 37 -1.67 19.86 14.00
N THR C 38 -1.36 19.60 15.28
CA THR C 38 -0.31 20.34 16.00
C THR C 38 0.89 19.43 16.27
N SER C 39 2.08 20.03 16.26
CA SER C 39 3.31 19.34 16.58
C SER C 39 4.10 20.17 17.59
N LEU C 40 4.85 19.47 18.45
CA LEU C 40 5.81 20.12 19.33
C LEU C 40 7.03 20.47 18.47
N ASN C 41 7.56 21.67 18.64
CA ASN C 41 8.70 22.14 17.83
C ASN C 41 10.05 21.76 18.45
N ARG C 42 10.18 20.49 18.85
CA ARG C 42 11.37 19.97 19.47
C ARG C 42 11.38 18.45 19.39
N LEU C 43 12.57 17.89 19.54
CA LEU C 43 12.75 16.44 19.57
C LEU C 43 12.65 15.96 21.02
N CYS C 44 11.58 15.23 21.31
CA CYS C 44 11.27 14.75 22.64
C CYS C 44 12.09 13.49 22.96
N MET C 45 13.16 13.67 23.74
CA MET C 45 14.16 12.62 23.96
C MET C 45 14.16 12.02 25.37
N LYS C 46 13.06 12.17 26.12
CA LYS C 46 12.95 11.53 27.44
C LYS C 46 12.92 10.01 27.30
N GLY C 47 13.72 9.33 28.11
CA GLY C 47 13.83 7.87 28.06
C GLY C 47 14.61 7.32 26.87
N ARG C 48 15.47 8.14 26.27
CA ARG C 48 16.28 7.75 25.11
C ARG C 48 17.74 8.10 25.33
N ASN C 49 18.61 7.09 25.25
CA ASN C 49 20.05 7.32 25.13
C ASN C 49 20.31 7.77 23.69
N HIS C 50 20.32 9.09 23.49
CA HIS C 50 20.40 9.67 22.14
C HIS C 50 21.74 10.36 21.87
N LYS C 51 22.08 10.50 20.58
CA LYS C 51 23.25 11.24 20.13
C LYS C 51 22.81 12.28 19.09
N ASP C 52 22.96 13.56 19.45
CA ASP C 52 22.76 14.67 18.51
C ASP C 52 24.10 14.93 17.82
N LEU C 53 24.17 14.63 16.53
CA LEU C 53 25.42 14.77 15.77
C LEU C 53 25.85 16.21 15.50
N GLY C 54 24.92 17.16 15.55
CA GLY C 54 25.24 18.58 15.32
C GLY C 54 25.65 18.78 13.87
N ASN C 55 26.81 19.41 13.65
CA ASN C 55 27.35 19.57 12.28
C ASN C 55 28.21 18.39 11.79
N CYS C 56 28.19 17.27 12.51
CA CYS C 56 28.83 16.02 12.07
C CYS C 56 27.88 15.20 11.21
N HIS C 57 28.33 14.85 10.01
CA HIS C 57 27.58 13.94 9.13
C HIS C 57 27.90 12.50 9.54
N PRO C 58 26.91 11.58 9.51
CA PRO C 58 27.11 10.18 9.90
C PRO C 58 28.35 9.49 9.32
N ILE C 59 28.62 9.67 8.04
CA ILE C 59 29.82 9.09 7.40
C ILE C 59 31.12 9.65 8.00
N GLY C 60 31.12 10.92 8.39
CA GLY C 60 32.24 11.53 9.10
C GLY C 60 32.63 10.86 10.41
N MET C 61 31.68 10.16 11.04
CA MET C 61 31.94 9.36 12.24
C MET C 61 32.92 8.21 11.97
N LEU C 62 32.85 7.64 10.76
CA LEU C 62 33.69 6.49 10.38
C LEU C 62 35.08 6.87 9.89
N ILE C 63 35.17 7.98 9.17
CA ILE C 63 36.47 8.46 8.63
C ILE C 63 37.18 9.43 9.57
N GLY C 64 36.42 10.11 10.42
CA GLY C 64 37.00 10.99 11.46
C GLY C 64 37.24 12.41 10.98
N THR C 65 36.22 13.00 10.36
CA THR C 65 36.23 14.40 10.01
C THR C 65 36.31 15.24 11.30
N PRO C 66 37.04 16.38 11.30
CA PRO C 66 37.18 17.18 12.52
C PRO C 66 35.89 17.51 13.28
N ALA C 67 34.82 17.82 12.55
CA ALA C 67 33.50 18.06 13.14
C ALA C 67 32.93 16.84 13.90
N CYS C 68 33.40 15.64 13.56
CA CYS C 68 32.97 14.40 14.20
C CYS C 68 33.90 13.86 15.30
N ASP C 69 34.87 14.66 15.77
CA ASP C 69 35.85 14.19 16.77
C ASP C 69 35.24 13.65 18.06
N LEU C 70 34.11 14.22 18.49
CA LEU C 70 33.40 13.73 19.67
C LEU C 70 32.34 12.65 19.37
N HIS C 71 32.26 12.19 18.12
CA HIS C 71 31.27 11.20 17.68
C HIS C 71 31.92 10.02 16.92
N LEU C 72 33.16 9.68 17.28
CA LEU C 72 33.91 8.60 16.62
C LEU C 72 33.52 7.22 17.16
N THR C 73 33.13 7.17 18.43
CA THR C 73 32.59 5.96 19.05
C THR C 73 31.40 6.34 19.93
N GLY C 74 30.67 5.33 20.37
CA GLY C 74 29.56 5.52 21.29
C GLY C 74 28.48 4.47 21.16
N THR C 75 27.47 4.60 22.03
CA THR C 75 26.26 3.79 21.96
C THR C 75 25.05 4.71 22.08
N TRP C 76 23.97 4.31 21.42
CA TRP C 76 22.75 5.11 21.38
C TRP C 76 21.57 4.25 20.93
N ASP C 77 20.36 4.66 21.29
CA ASP C 77 19.13 4.10 20.71
C ASP C 77 18.50 5.04 19.66
N THR C 78 18.94 6.30 19.65
CA THR C 78 18.45 7.31 18.71
C THR C 78 19.61 8.16 18.22
N LEU C 79 19.74 8.31 16.89
CA LEU C 79 20.80 9.10 16.28
C LEU C 79 20.16 10.24 15.48
N ILE C 80 20.56 11.47 15.78
CA ILE C 80 19.97 12.68 15.17
C ILE C 80 20.99 13.35 14.24
N GLU C 81 20.66 13.37 12.95
CA GLU C 81 21.43 14.05 11.91
C GLU C 81 20.79 15.41 11.64
N ARG C 82 21.62 16.43 11.43
CA ARG C 82 21.17 17.80 11.15
C ARG C 82 21.46 18.22 9.71
N LYS C 83 20.83 19.31 9.30
CA LYS C 83 21.02 19.88 7.97
C LYS C 83 22.42 20.47 7.82
N ASN C 84 22.95 20.39 6.59
CA ASN C 84 24.30 20.91 6.24
C ASN C 84 25.42 20.28 7.08
N ALA C 85 25.25 19.02 7.48
CA ALA C 85 26.24 18.31 8.28
C ALA C 85 27.46 17.99 7.41
N ILE C 86 28.65 18.09 8.00
CA ILE C 86 29.92 17.96 7.28
C ILE C 86 30.41 16.51 7.33
N ALA C 87 30.65 15.94 6.14
CA ALA C 87 31.30 14.64 5.98
C ALA C 87 32.73 14.79 5.47
N TYR C 88 32.89 15.55 4.38
CA TYR C 88 34.17 15.62 3.66
C TYR C 88 34.78 17.01 3.75
N CYS C 89 35.80 17.14 4.60
CA CYS C 89 36.58 18.38 4.69
C CYS C 89 37.41 18.59 3.43
N TYR C 90 38.10 17.54 2.97
CA TYR C 90 38.81 17.54 1.70
C TYR C 90 37.80 17.20 0.59
N PRO C 91 37.88 17.89 -0.58
CA PRO C 91 36.94 17.62 -1.67
C PRO C 91 36.87 16.13 -2.05
N GLY C 92 35.66 15.59 -2.21
CA GLY C 92 35.50 14.18 -2.53
C GLY C 92 34.10 13.63 -2.28
N ALA C 93 33.98 12.32 -2.38
CA ALA C 93 32.70 11.62 -2.22
C ALA C 93 32.94 10.16 -1.85
N THR C 94 31.92 9.52 -1.28
CA THR C 94 31.97 8.09 -0.95
C THR C 94 31.16 7.31 -1.98
N VAL C 95 31.75 6.24 -2.50
CA VAL C 95 31.05 5.32 -3.41
C VAL C 95 30.08 4.50 -2.59
N ASN C 96 28.83 4.39 -3.07
CA ASN C 96 27.74 3.72 -2.35
C ASN C 96 27.47 4.46 -1.00
N GLU C 97 27.38 5.78 -1.10
CA GLU C 97 27.20 6.68 0.07
C GLU C 97 25.86 6.46 0.77
N LYS C 98 24.80 6.31 -0.01
CA LYS C 98 23.44 6.24 0.55
C LYS C 98 23.24 4.99 1.39
N ALA C 99 23.74 3.85 0.91
CA ALA C 99 23.70 2.60 1.67
C ALA C 99 24.50 2.68 2.97
N LEU C 100 25.65 3.35 2.92
CA LEU C 100 26.51 3.51 4.10
C LEU C 100 25.85 4.38 5.17
N ARG C 101 25.32 5.53 4.76
CA ARG C 101 24.62 6.44 5.68
C ARG C 101 23.43 5.77 6.36
N GLN C 102 22.66 4.99 5.59
CA GLN C 102 21.52 4.23 6.13
C GLN C 102 21.95 3.18 7.16
N LYS C 103 23.04 2.47 6.88
CA LYS C 103 23.62 1.51 7.84
C LYS C 103 23.98 2.17 9.18
N ILE C 104 24.58 3.35 9.11
CA ILE C 104 24.99 4.10 10.31
C ILE C 104 23.76 4.60 11.06
N MET C 105 22.80 5.17 10.33
CA MET C 105 21.56 5.67 10.93
C MET C 105 20.61 4.57 11.43
N GLU C 106 20.82 3.33 10.99
CA GLU C 106 20.11 2.17 11.55
C GLU C 106 20.80 1.57 12.80
N SER C 107 22.06 1.90 13.03
CA SER C 107 22.84 1.28 14.10
C SER C 107 22.48 1.82 15.48
N GLY C 108 22.94 1.09 16.50
CA GLY C 108 22.83 1.52 17.89
C GLY C 108 24.17 1.87 18.53
N GLY C 109 25.16 2.20 17.71
CA GLY C 109 26.50 2.50 18.22
C GLY C 109 27.61 2.19 17.23
N ILE C 110 28.79 2.74 17.51
CA ILE C 110 30.00 2.47 16.73
C ILE C 110 31.15 2.20 17.70
N SER C 111 31.88 1.11 17.44
CA SER C 111 33.15 0.82 18.11
C SER C 111 34.26 0.87 17.07
N LYS C 112 35.46 1.26 17.51
CA LYS C 112 36.62 1.40 16.65
C LYS C 112 37.71 0.41 17.05
N ILE C 113 38.30 -0.27 16.07
CA ILE C 113 39.35 -1.25 16.28
C ILE C 113 40.57 -0.85 15.44
N ASN C 114 41.76 -0.90 16.03
CA ASN C 114 42.99 -0.54 15.32
C ASN C 114 43.31 -1.53 14.21
N THR C 115 43.73 -1.02 13.06
CA THR C 115 44.21 -1.88 11.96
C THR C 115 45.62 -2.39 12.24
N GLY C 116 46.40 -1.60 12.95
CA GLY C 116 47.79 -1.92 13.25
C GLY C 116 48.74 -1.74 12.07
N PHE C 117 48.32 -0.97 11.07
CA PHE C 117 49.15 -0.76 9.87
C PHE C 117 50.39 0.06 10.20
N THR C 118 51.54 -0.42 9.75
CA THR C 118 52.81 0.28 9.88
C THR C 118 53.40 0.52 8.50
N TYR C 119 54.28 1.52 8.41
CA TYR C 119 54.85 1.94 7.14
C TYR C 119 56.36 2.15 7.28
N GLY C 120 57.09 1.77 6.24
CA GLY C 120 58.55 1.91 6.21
C GLY C 120 59.02 3.36 6.10
N SER C 121 60.34 3.52 6.13
CA SER C 121 60.97 4.85 6.24
C SER C 121 60.79 5.76 5.02
N SER C 122 60.56 5.18 3.83
CA SER C 122 60.36 5.98 2.62
C SER C 122 58.91 6.47 2.42
N ILE C 123 58.01 6.15 3.35
CA ILE C 123 56.65 6.69 3.38
C ILE C 123 56.53 7.74 4.49
N ASN C 124 56.00 8.91 4.12
CA ASN C 124 55.50 9.90 5.09
C ASN C 124 54.00 9.60 5.26
N SER C 125 53.64 9.04 6.42
CA SER C 125 52.24 8.72 6.72
C SER C 125 51.46 9.87 7.39
N ALA C 126 52.11 11.02 7.59
CA ALA C 126 51.50 12.16 8.27
C ALA C 126 51.12 13.30 7.31
N GLY C 127 50.61 12.94 6.13
CA GLY C 127 50.10 13.94 5.18
C GLY C 127 48.89 14.65 5.77
N THR C 128 48.86 15.97 5.62
CA THR C 128 47.78 16.82 6.15
C THR C 128 47.37 17.83 5.09
N THR C 129 46.32 18.60 5.41
CA THR C 129 45.78 19.59 4.48
C THR C 129 45.06 20.71 5.23
N LYS C 130 45.10 21.91 4.66
CA LYS C 130 44.37 23.05 5.20
C LYS C 130 42.84 22.91 5.08
N ALA C 131 42.38 22.01 4.21
CA ALA C 131 40.96 21.69 4.11
C ALA C 131 40.39 21.05 5.37
N CYS C 132 41.21 20.28 6.09
CA CYS C 132 40.81 19.57 7.30
C CYS C 132 41.55 20.15 8.50
N MET C 133 41.10 21.31 8.98
CA MET C 133 41.73 21.99 10.11
C MET C 133 41.33 21.34 11.43
N ARG C 134 42.27 21.30 12.36
CA ARG C 134 42.02 20.81 13.71
C ARG C 134 42.87 21.64 14.67
N ASN C 135 42.22 22.36 15.58
CA ASN C 135 42.91 23.25 16.55
C ASN C 135 43.84 24.27 15.87
N GLY C 136 43.37 24.85 14.77
CA GLY C 136 44.12 25.88 14.04
C GLY C 136 45.29 25.42 13.19
N GLY C 137 45.48 24.10 13.04
CA GLY C 137 46.59 23.54 12.28
C GLY C 137 46.09 22.60 11.19
N ASN C 138 46.87 22.47 10.12
CA ASN C 138 46.53 21.54 9.05
C ASN C 138 46.51 20.13 9.63
N SER C 139 45.48 19.37 9.29
CA SER C 139 45.30 18.03 9.84
C SER C 139 44.71 17.12 8.78
N PHE C 140 44.13 16.00 9.21
CA PHE C 140 43.56 15.04 8.30
C PHE C 140 42.48 14.24 9.01
N TYR C 141 41.71 13.49 8.23
CA TYR C 141 40.73 12.53 8.76
C TYR C 141 41.38 11.66 9.85
N ALA C 142 40.77 11.64 11.03
CA ALA C 142 41.34 10.99 12.22
C ALA C 142 41.56 9.48 12.10
N GLU C 143 40.71 8.81 11.31
CA GLU C 143 40.74 7.36 11.19
C GLU C 143 41.53 6.84 9.97
N LEU C 144 42.12 7.76 9.21
CA LEU C 144 42.88 7.41 8.01
C LEU C 144 44.22 8.13 8.01
N LYS C 145 45.13 7.68 7.14
CA LYS C 145 46.45 8.29 7.00
C LYS C 145 46.75 8.55 5.52
N TRP C 146 47.14 9.78 5.22
CA TRP C 146 47.54 10.17 3.89
C TRP C 146 49.02 9.81 3.70
N LEU C 147 49.27 8.77 2.93
CA LEU C 147 50.61 8.26 2.68
C LEU C 147 51.19 8.94 1.45
N VAL C 148 52.36 9.56 1.59
CA VAL C 148 53.10 10.10 0.45
C VAL C 148 54.58 9.70 0.54
N SER C 149 55.31 9.88 -0.53
CA SER C 149 56.76 9.61 -0.53
C SER C 149 57.46 10.59 0.41
N LYS C 150 58.35 10.06 1.25
CA LYS C 150 59.16 10.87 2.17
C LYS C 150 59.99 11.89 1.38
N ASN C 151 60.70 11.38 0.36
CA ASN C 151 61.48 12.22 -0.53
C ASN C 151 60.61 12.66 -1.70
N LYS C 152 60.43 13.98 -1.85
CA LYS C 152 59.58 14.54 -2.90
C LYS C 152 60.10 14.15 -4.29
N GLY C 153 59.20 13.68 -5.15
CA GLY C 153 59.54 13.25 -6.51
C GLY C 153 59.95 11.79 -6.66
N GLN C 154 60.23 11.12 -5.54
CA GLN C 154 60.73 9.74 -5.55
C GLN C 154 59.56 8.76 -5.61
N ASN C 155 59.79 7.61 -6.24
CA ASN C 155 58.76 6.57 -6.37
C ASN C 155 58.34 6.03 -5.00
N PHE C 156 57.04 6.12 -4.73
CA PHE C 156 56.42 5.56 -3.53
C PHE C 156 56.61 4.04 -3.61
N PRO C 157 57.05 3.40 -2.51
CA PRO C 157 57.42 1.98 -2.57
C PRO C 157 56.22 1.04 -2.71
N GLN C 158 56.46 -0.14 -3.29
CA GLN C 158 55.41 -1.16 -3.41
C GLN C 158 55.13 -1.72 -2.01
N THR C 159 53.94 -1.39 -1.49
CA THR C 159 53.62 -1.57 -0.07
C THR C 159 52.45 -2.52 0.10
N THR C 160 52.50 -3.33 1.16
CA THR C 160 51.42 -4.25 1.52
C THR C 160 51.00 -4.00 2.97
N ASN C 161 49.69 -3.91 3.19
CA ASN C 161 49.10 -3.80 4.52
C ASN C 161 47.91 -4.74 4.59
N THR C 162 47.86 -5.57 5.64
CA THR C 162 46.83 -6.59 5.80
C THR C 162 46.13 -6.43 7.15
N TYR C 163 44.79 -6.35 7.11
CA TYR C 163 43.97 -6.35 8.32
C TYR C 163 43.20 -7.66 8.42
N ARG C 164 43.34 -8.34 9.55
CA ARG C 164 42.56 -9.55 9.85
C ARG C 164 41.49 -9.22 10.90
N ASN C 165 40.26 -9.64 10.62
CA ASN C 165 39.16 -9.51 11.58
C ASN C 165 39.28 -10.65 12.60
N ALA C 166 39.80 -10.33 13.78
CA ALA C 166 39.93 -11.27 14.90
C ALA C 166 38.67 -11.36 15.77
N ASP C 167 37.68 -10.50 15.49
CA ASP C 167 36.43 -10.44 16.27
C ASP C 167 35.44 -11.51 15.77
N THR C 168 34.35 -11.70 16.53
CA THR C 168 33.26 -12.61 16.14
C THR C 168 32.13 -11.93 15.33
N ALA C 169 32.22 -10.62 15.13
CA ALA C 169 31.26 -9.87 14.30
C ALA C 169 31.97 -9.14 13.17
N GLU C 170 31.22 -8.78 12.13
CA GLU C 170 31.79 -8.15 10.93
C GLU C 170 32.22 -6.71 11.21
N HIS C 171 33.33 -6.31 10.58
CA HIS C 171 33.88 -4.95 10.70
C HIS C 171 33.76 -4.19 9.39
N LEU C 172 33.41 -2.92 9.49
CA LEU C 172 33.31 -2.01 8.35
C LEU C 172 34.66 -1.32 8.18
N ILE C 173 35.31 -1.55 7.04
CA ILE C 173 36.60 -0.94 6.73
C ILE C 173 36.42 0.07 5.61
N MET C 174 36.99 1.26 5.80
CA MET C 174 36.96 2.32 4.80
C MET C 174 38.38 2.68 4.38
N TRP C 175 38.53 3.11 3.13
CA TRP C 175 39.79 3.67 2.65
C TRP C 175 39.47 4.71 1.60
N GLY C 176 40.47 5.54 1.31
CA GLY C 176 40.35 6.58 0.28
C GLY C 176 41.36 6.38 -0.83
N ILE C 177 41.07 6.99 -1.98
CA ILE C 177 42.00 7.07 -3.10
C ILE C 177 42.17 8.54 -3.42
N HIS C 178 43.41 9.02 -3.43
CA HIS C 178 43.70 10.41 -3.77
C HIS C 178 43.85 10.54 -5.27
N HIS C 179 43.15 11.54 -5.83
CA HIS C 179 43.20 11.85 -7.25
C HIS C 179 43.83 13.25 -7.38
N PRO C 180 45.15 13.31 -7.70
CA PRO C 180 45.85 14.61 -7.72
C PRO C 180 45.32 15.62 -8.74
N SER C 181 45.68 16.88 -8.54
CA SER C 181 45.23 17.98 -9.39
C SER C 181 46.02 18.09 -10.71
N SER C 182 47.25 17.56 -10.73
CA SER C 182 48.10 17.62 -11.93
C SER C 182 49.13 16.50 -11.95
N THR C 183 49.80 16.36 -13.09
CA THR C 183 50.88 15.38 -13.26
C THR C 183 52.07 15.74 -12.37
N GLN C 184 52.42 17.02 -12.30
CA GLN C 184 53.51 17.50 -11.44
C GLN C 184 53.24 17.18 -9.96
N GLU C 185 52.01 17.41 -9.51
CA GLU C 185 51.61 17.08 -8.14
C GLU C 185 51.69 15.58 -7.89
N LYS C 186 51.10 14.81 -8.79
CA LYS C 186 51.16 13.34 -8.74
C LYS C 186 52.62 12.85 -8.64
N ASN C 187 53.49 13.39 -9.50
CA ASN C 187 54.91 13.06 -9.48
C ASN C 187 55.58 13.42 -8.16
N ASP C 188 55.26 14.61 -7.62
CA ASP C 188 55.81 15.06 -6.32
C ASP C 188 55.45 14.13 -5.17
N LEU C 189 54.18 13.71 -5.11
CA LEU C 189 53.69 12.90 -3.99
C LEU C 189 54.04 11.42 -4.09
N TYR C 190 53.94 10.86 -5.31
CA TYR C 190 54.05 9.39 -5.51
C TYR C 190 55.11 8.92 -6.50
N GLY C 191 55.80 9.84 -7.16
CA GLY C 191 56.80 9.52 -8.19
C GLY C 191 56.21 9.38 -9.59
N THR C 192 57.09 9.24 -10.57
CA THR C 192 56.71 9.16 -11.98
C THR C 192 56.12 7.82 -12.42
N GLN C 193 56.27 6.78 -11.59
CA GLN C 193 55.75 5.43 -11.89
C GLN C 193 54.24 5.39 -12.10
N SER C 194 53.77 4.38 -12.84
CA SER C 194 52.34 4.13 -12.98
C SER C 194 51.80 3.63 -11.63
N LEU C 195 50.70 4.22 -11.18
CA LEU C 195 50.14 3.95 -9.85
C LEU C 195 48.99 2.95 -9.91
N SER C 196 48.92 2.06 -8.92
CA SER C 196 47.85 1.09 -8.80
C SER C 196 47.62 0.71 -7.34
N ILE C 197 46.36 0.68 -6.92
CA ILE C 197 45.97 0.25 -5.58
C ILE C 197 45.00 -0.92 -5.72
N SER C 198 45.40 -2.08 -5.20
CA SER C 198 44.53 -3.26 -5.16
C SER C 198 44.07 -3.51 -3.73
N VAL C 199 42.78 -3.85 -3.60
CA VAL C 199 42.17 -4.20 -2.32
C VAL C 199 41.47 -5.54 -2.52
N GLY C 200 41.76 -6.51 -1.65
CA GLY C 200 41.23 -7.87 -1.79
C GLY C 200 40.92 -8.55 -0.47
N SER C 201 39.66 -8.99 -0.33
CA SER C 201 39.22 -9.87 0.75
C SER C 201 38.62 -11.14 0.14
N SER C 202 37.99 -11.97 0.97
CA SER C 202 37.29 -13.18 0.50
C SER C 202 35.99 -12.85 -0.25
N THR C 203 35.30 -11.80 0.20
CA THR C 203 34.00 -11.41 -0.34
C THR C 203 34.03 -10.14 -1.21
N TYR C 204 35.22 -9.52 -1.34
CA TYR C 204 35.36 -8.26 -2.08
C TYR C 204 36.72 -8.18 -2.75
N LYS C 205 36.76 -7.56 -3.93
CA LYS C 205 38.02 -7.13 -4.53
C LYS C 205 37.80 -5.96 -5.47
N ASN C 206 38.83 -5.14 -5.62
CA ASN C 206 38.79 -4.01 -6.55
C ASN C 206 40.21 -3.48 -6.80
N SER C 207 40.37 -2.80 -7.92
CA SER C 207 41.61 -2.11 -8.26
C SER C 207 41.30 -0.65 -8.57
N PHE C 208 42.21 0.25 -8.18
CA PHE C 208 42.02 1.69 -8.33
C PHE C 208 43.28 2.32 -8.93
N VAL C 209 43.07 3.34 -9.75
CA VAL C 209 44.16 4.11 -10.34
C VAL C 209 43.86 5.59 -10.07
N PRO C 210 44.78 6.31 -9.41
CA PRO C 210 44.66 7.77 -9.28
C PRO C 210 44.57 8.46 -10.64
N VAL C 211 43.61 9.36 -10.79
CA VAL C 211 43.38 10.10 -12.04
C VAL C 211 43.79 11.55 -11.85
N VAL C 212 44.40 12.12 -12.88
CA VAL C 212 45.04 13.44 -12.85
C VAL C 212 44.25 14.49 -13.65
N GLY C 213 43.18 14.09 -14.32
CA GLY C 213 42.42 14.98 -15.22
C GLY C 213 41.96 16.28 -14.58
N ALA C 214 41.87 17.34 -15.40
CA ALA C 214 41.55 18.68 -14.92
C ALA C 214 40.13 18.75 -14.35
N ARG C 215 40.00 19.45 -13.22
CA ARG C 215 38.72 19.65 -12.58
C ARG C 215 38.79 20.93 -11.72
N PRO C 216 37.62 21.56 -11.43
CA PRO C 216 37.66 22.84 -10.73
C PRO C 216 38.07 22.76 -9.25
N GLN C 217 38.54 23.88 -8.73
CA GLN C 217 38.93 23.99 -7.33
C GLN C 217 37.71 24.05 -6.43
N VAL C 218 37.72 23.25 -5.37
CA VAL C 218 36.70 23.29 -4.31
C VAL C 218 37.46 23.71 -3.05
N ASN C 219 37.21 24.93 -2.59
CA ASN C 219 37.99 25.58 -1.52
C ASN C 219 39.50 25.59 -1.86
N GLY C 220 39.81 26.00 -3.08
CA GLY C 220 41.20 26.09 -3.57
C GLY C 220 41.91 24.80 -3.93
N LEU C 221 41.17 23.68 -3.98
CA LEU C 221 41.75 22.35 -4.17
C LEU C 221 41.07 21.60 -5.33
N SER C 222 41.84 21.35 -6.40
CA SER C 222 41.38 20.54 -7.53
C SER C 222 41.56 19.04 -7.29
N GLY C 223 42.34 18.68 -6.27
CA GLY C 223 42.46 17.28 -5.84
C GLY C 223 41.17 16.74 -5.29
N ARG C 224 41.06 15.41 -5.25
CA ARG C 224 39.90 14.72 -4.67
C ARG C 224 40.38 13.52 -3.88
N ILE C 225 39.68 13.22 -2.78
CA ILE C 225 39.84 11.96 -2.07
C ILE C 225 38.48 11.27 -2.03
N ASP C 226 38.34 10.20 -2.81
CA ASP C 226 37.11 9.41 -2.85
C ASP C 226 37.22 8.22 -1.92
N PHE C 227 36.15 7.95 -1.19
CA PHE C 227 36.12 6.87 -0.20
C PHE C 227 35.39 5.65 -0.71
N HIS C 228 35.88 4.49 -0.30
CA HIS C 228 35.32 3.19 -0.64
C HIS C 228 35.23 2.39 0.64
N TRP C 229 34.32 1.42 0.67
CA TRP C 229 34.12 0.61 1.87
C TRP C 229 33.63 -0.80 1.57
N THR C 230 33.85 -1.68 2.55
CA THR C 230 33.33 -3.03 2.51
C THR C 230 33.25 -3.60 3.92
N LEU C 231 32.53 -4.70 4.06
CA LEU C 231 32.39 -5.41 5.32
C LEU C 231 33.35 -6.60 5.33
N VAL C 232 34.21 -6.66 6.35
CA VAL C 232 35.15 -7.77 6.54
C VAL C 232 34.51 -8.73 7.54
N GLN C 233 34.26 -9.96 7.10
CA GLN C 233 33.60 -10.96 7.95
C GLN C 233 34.54 -11.52 9.03
N PRO C 234 33.96 -12.11 10.11
CA PRO C 234 34.79 -12.69 11.19
C PRO C 234 35.80 -13.73 10.69
N GLY C 235 37.07 -13.53 11.03
CA GLY C 235 38.15 -14.42 10.60
C GLY C 235 38.80 -14.09 9.26
N ASP C 236 38.16 -13.24 8.46
CA ASP C 236 38.65 -12.93 7.12
C ASP C 236 39.73 -11.84 7.16
N LYS C 237 40.58 -11.85 6.13
CA LYS C 237 41.60 -10.82 5.93
C LYS C 237 41.18 -9.87 4.81
N ILE C 238 41.76 -8.67 4.82
CA ILE C 238 41.67 -7.75 3.69
C ILE C 238 43.07 -7.20 3.41
N ILE C 239 43.52 -7.31 2.16
CA ILE C 239 44.90 -6.98 1.78
C ILE C 239 44.92 -5.75 0.88
N PHE C 240 45.64 -4.71 1.31
CA PHE C 240 45.90 -3.52 0.51
C PHE C 240 47.28 -3.63 -0.12
N SER C 241 47.33 -3.62 -1.46
CA SER C 241 48.59 -3.60 -2.22
C SER C 241 48.62 -2.30 -3.01
N HIS C 242 49.62 -1.47 -2.75
CA HIS C 242 49.62 -0.09 -3.25
C HIS C 242 51.01 0.52 -3.42
N ASN C 243 51.14 1.42 -4.39
CA ASN C 243 52.40 2.14 -4.65
C ASN C 243 52.20 3.64 -4.85
N GLY C 244 51.21 4.22 -4.15
CA GLY C 244 50.94 5.65 -4.21
C GLY C 244 49.48 5.94 -4.51
N GLY C 245 48.84 6.73 -3.66
CA GLY C 245 47.44 7.14 -3.84
C GLY C 245 46.47 6.62 -2.80
N LEU C 246 46.85 5.56 -2.08
CA LEU C 246 46.00 5.03 -1.01
C LEU C 246 45.97 5.96 0.20
N ILE C 247 44.75 6.22 0.67
CA ILE C 247 44.50 6.85 1.96
C ILE C 247 44.08 5.68 2.86
N ALA C 248 45.01 5.25 3.72
CA ALA C 248 44.90 3.97 4.41
C ALA C 248 44.25 4.10 5.78
N PRO C 249 43.40 3.12 6.17
CA PRO C 249 42.76 3.18 7.49
C PRO C 249 43.69 2.82 8.63
N SER C 250 43.68 3.66 9.67
CA SER C 250 44.34 3.35 10.94
C SER C 250 43.39 2.63 11.90
N ARG C 251 42.07 2.81 11.71
CA ARG C 251 41.07 2.04 12.45
C ARG C 251 39.92 1.59 11.55
N VAL C 252 39.25 0.51 11.97
CA VAL C 252 38.00 0.03 11.33
C VAL C 252 36.85 0.23 12.30
N SER C 253 35.62 0.16 11.77
CA SER C 253 34.42 0.38 12.57
C SER C 253 33.62 -0.90 12.75
N LYS C 254 32.94 -1.00 13.89
CA LYS C 254 31.96 -2.06 14.13
C LYS C 254 30.64 -1.39 14.53
N LEU C 255 29.61 -1.58 13.72
CA LEU C 255 28.27 -1.08 14.02
C LEU C 255 27.59 -2.03 15.00
N ILE C 256 27.06 -1.49 16.10
CA ILE C 256 26.52 -2.28 17.21
C ILE C 256 25.01 -2.13 17.29
N GLY C 257 24.29 -3.25 17.29
CA GLY C 257 22.84 -3.26 17.53
C GLY C 257 22.03 -2.46 16.54
N ARG C 258 20.91 -1.91 17.01
CA ARG C 258 20.00 -1.11 16.18
C ARG C 258 19.48 0.11 16.93
N GLY C 259 19.14 1.15 16.17
CA GLY C 259 18.60 2.40 16.72
C GLY C 259 17.75 3.13 15.70
N LEU C 260 17.11 4.21 16.13
CA LEU C 260 16.23 5.01 15.29
C LEU C 260 16.97 6.24 14.76
N GLY C 261 17.08 6.32 13.43
CA GLY C 261 17.69 7.47 12.77
C GLY C 261 16.68 8.56 12.51
N ILE C 262 16.96 9.76 13.01
CA ILE C 262 16.08 10.93 12.84
C ILE C 262 16.84 12.01 12.08
N GLN C 263 16.18 12.60 11.07
CA GLN C 263 16.69 13.79 10.39
C GLN C 263 15.75 14.96 10.70
N SER C 264 16.26 15.96 11.41
CA SER C 264 15.44 17.07 11.89
C SER C 264 16.26 18.31 12.23
N GLU C 265 15.59 19.46 12.20
CA GLU C 265 16.19 20.76 12.57
C GLU C 265 15.79 21.20 13.99
N ALA C 266 14.87 20.48 14.64
CA ALA C 266 14.30 20.90 15.92
C ALA C 266 15.22 20.59 17.10
N PRO C 267 15.24 21.47 18.13
CA PRO C 267 16.14 21.26 19.29
C PRO C 267 15.73 20.11 20.21
N ILE C 268 16.70 19.56 20.94
CA ILE C 268 16.46 18.46 21.89
C ILE C 268 15.68 18.96 23.11
N ASP C 269 14.80 18.12 23.62
CA ASP C 269 14.08 18.36 24.87
C ASP C 269 14.04 17.04 25.67
N ASN C 270 14.77 16.99 26.77
CA ASN C 270 14.81 15.80 27.64
C ASN C 270 13.61 15.67 28.58
N SER C 271 12.80 16.71 28.71
CA SER C 271 11.60 16.68 29.58
C SER C 271 10.43 15.93 28.93
N CYS C 272 10.29 16.08 27.61
CA CYS C 272 9.19 15.48 26.85
C CYS C 272 9.59 14.13 26.25
N GLU C 273 8.60 13.22 26.14
CA GLU C 273 8.79 11.89 25.54
C GLU C 273 7.94 11.72 24.27
N SER C 274 8.43 10.89 23.34
CA SER C 274 7.72 10.64 22.08
C SER C 274 8.23 9.38 21.38
N LYS C 275 7.35 8.79 20.57
CA LYS C 275 7.70 7.67 19.69
C LYS C 275 7.63 7.99 18.20
N CYS C 276 7.18 9.20 17.83
CA CYS C 276 7.05 9.61 16.43
C CYS C 276 7.75 10.94 16.20
N PHE C 277 8.55 11.01 15.14
CA PHE C 277 9.34 12.20 14.82
C PHE C 277 9.24 12.54 13.34
N TRP C 278 9.44 13.82 13.02
CA TRP C 278 9.50 14.30 11.64
C TRP C 278 10.49 15.49 11.58
N ARG C 279 10.63 16.09 10.39
CA ARG C 279 11.58 17.19 10.17
C ARG C 279 11.38 18.35 11.15
N GLY C 280 10.12 18.74 11.34
CA GLY C 280 9.73 19.85 12.22
C GLY C 280 9.63 19.58 13.71
N GLY C 281 9.70 18.31 14.13
CA GLY C 281 9.76 17.97 15.56
C GLY C 281 9.18 16.62 15.92
N SER C 282 8.29 16.61 16.93
CA SER C 282 7.74 15.38 17.52
C SER C 282 6.21 15.35 17.46
N ILE C 283 5.65 14.14 17.38
CA ILE C 283 4.21 13.92 17.39
C ILE C 283 3.90 12.94 18.51
N ASN C 284 3.45 13.45 19.65
CA ASN C 284 3.13 12.62 20.83
C ASN C 284 1.61 12.56 21.10
N THR C 285 0.84 12.63 20.02
CA THR C 285 -0.62 12.54 20.09
C THR C 285 -1.09 11.11 20.31
N ARG C 286 -2.27 10.96 20.92
CA ARG C 286 -2.97 9.67 21.00
C ARG C 286 -3.85 9.39 19.78
N LEU C 287 -4.05 10.40 18.92
CA LEU C 287 -4.98 10.28 17.79
C LEU C 287 -4.44 9.36 16.68
N PRO C 288 -5.35 8.66 15.97
CA PRO C 288 -4.95 7.67 14.95
C PRO C 288 -4.35 8.25 13.67
N PHE C 289 -4.67 9.51 13.35
CA PHE C 289 -4.24 10.14 12.11
C PHE C 289 -3.55 11.48 12.37
N GLN C 290 -2.79 11.95 11.38
CA GLN C 290 -2.10 13.24 11.45
C GLN C 290 -1.96 13.85 10.07
N ASN C 291 -1.92 15.18 10.00
CA ASN C 291 -1.79 15.90 8.72
C ASN C 291 -0.55 16.80 8.66
N LEU C 292 0.46 16.47 9.47
CA LEU C 292 1.67 17.30 9.60
C LEU C 292 2.64 17.02 8.46
N SER C 293 2.91 15.74 8.20
CA SER C 293 3.83 15.33 7.14
C SER C 293 3.69 13.85 6.78
N PRO C 294 3.81 13.51 5.48
CA PRO C 294 3.90 12.10 5.09
C PRO C 294 5.24 11.43 5.44
N ARG C 295 6.27 12.23 5.75
CA ARG C 295 7.60 11.71 6.10
C ARG C 295 7.80 11.73 7.62
N THR C 296 7.60 10.57 8.24
CA THR C 296 7.80 10.40 9.69
C THR C 296 8.58 9.11 9.97
N VAL C 297 9.15 9.03 11.17
CA VAL C 297 9.84 7.83 11.64
C VAL C 297 9.40 7.44 13.05
N GLY C 298 9.51 6.15 13.36
CA GLY C 298 9.09 5.59 14.65
C GLY C 298 7.70 4.99 14.61
N GLN C 299 7.00 5.02 15.74
CA GLN C 299 5.62 4.52 15.85
C GLN C 299 4.65 5.70 15.76
N CYS C 300 4.03 5.86 14.59
CA CYS C 300 3.35 7.10 14.23
C CYS C 300 1.87 6.94 13.91
N PRO C 301 1.08 8.03 14.08
CA PRO C 301 -0.24 8.08 13.45
C PRO C 301 -0.08 8.13 11.93
N LYS C 302 -1.09 7.64 11.21
CA LYS C 302 -1.01 7.55 9.76
C LYS C 302 -1.31 8.91 9.14
N TYR C 303 -0.53 9.28 8.12
CA TYR C 303 -0.72 10.56 7.43
C TYR C 303 -1.98 10.52 6.57
N VAL C 304 -2.77 11.59 6.61
CA VAL C 304 -3.98 11.73 5.80
C VAL C 304 -4.07 13.14 5.19
N ASN C 305 -4.68 13.23 4.01
CA ASN C 305 -4.91 14.51 3.32
C ASN C 305 -6.22 15.15 3.79
N LYS C 306 -6.28 15.52 5.08
CA LYS C 306 -7.47 16.13 5.68
C LYS C 306 -7.08 17.08 6.81
N LYS C 307 -7.76 18.22 6.87
CA LYS C 307 -7.57 19.18 7.96
C LYS C 307 -8.18 18.66 9.26
N SER C 308 -9.41 18.14 9.16
CA SER C 308 -10.17 17.69 10.33
C SER C 308 -11.08 16.51 9.95
N LEU C 309 -11.26 15.60 10.90
CA LEU C 309 -12.26 14.53 10.82
C LEU C 309 -12.86 14.32 12.20
N MET C 310 -14.05 14.88 12.42
CA MET C 310 -14.70 14.87 13.74
C MET C 310 -15.53 13.61 13.94
N LEU C 311 -15.24 12.90 15.04
CA LEU C 311 -15.95 11.69 15.44
C LEU C 311 -17.00 12.07 16.46
N ALA C 312 -18.26 11.73 16.18
CA ALA C 312 -19.37 12.04 17.10
C ALA C 312 -19.21 11.26 18.40
N THR C 313 -19.40 11.96 19.51
CA THR C 313 -19.38 11.35 20.83
C THR C 313 -20.70 11.65 21.55
N GLY C 314 -21.77 11.79 20.76
CA GLY C 314 -23.08 12.10 21.27
C GLY C 314 -24.15 12.03 20.21
N MET C 315 -25.41 12.12 20.66
CA MET C 315 -26.58 12.04 19.78
C MET C 315 -26.76 13.27 18.90
N ARG C 316 -27.72 13.21 17.99
CA ARG C 316 -28.17 14.39 17.23
C ARG C 316 -28.59 15.50 18.18
N ASN C 317 -28.15 16.72 17.90
CA ASN C 317 -28.51 17.88 18.69
C ASN C 317 -29.74 18.52 18.08
N VAL C 318 -30.82 18.57 18.86
CA VAL C 318 -32.10 19.12 18.41
C VAL C 318 -32.51 20.19 19.44
N PRO C 319 -32.02 21.43 19.25
CA PRO C 319 -32.28 22.47 20.26
C PRO C 319 -33.73 22.94 20.31
N GLU C 320 -34.10 23.58 21.42
CA GLU C 320 -35.49 23.99 21.68
C GLU C 320 -35.86 25.24 20.90
N GLY D 1 -34.84 9.80 11.69
CA GLY D 1 -33.72 8.81 11.83
C GLY D 1 -34.21 7.37 11.84
N LEU D 2 -33.28 6.43 11.95
CA LEU D 2 -33.58 5.00 11.83
C LEU D 2 -34.68 4.52 12.78
N PHE D 3 -34.61 4.94 14.03
CA PHE D 3 -35.55 4.47 15.04
C PHE D 3 -36.70 5.45 15.35
N GLY D 4 -36.69 6.60 14.68
CA GLY D 4 -37.84 7.50 14.65
C GLY D 4 -38.12 8.35 15.88
N ALA D 5 -37.25 8.30 16.90
CA ALA D 5 -37.48 9.02 18.15
C ALA D 5 -36.75 10.36 18.17
N ILE D 6 -35.41 10.32 18.20
CA ILE D 6 -34.59 11.53 18.26
C ILE D 6 -34.61 12.18 16.87
N ALA D 7 -34.95 13.47 16.85
CA ALA D 7 -35.26 14.20 15.61
C ALA D 7 -36.38 13.52 14.80
N GLY D 8 -37.32 12.93 15.52
CA GLY D 8 -38.44 12.19 14.94
C GLY D 8 -39.70 12.56 15.69
N PHE D 9 -40.36 11.58 16.33
CA PHE D 9 -41.59 11.87 17.07
C PHE D 9 -41.37 12.69 18.34
N ILE D 10 -40.16 12.64 18.90
CA ILE D 10 -39.75 13.59 19.93
C ILE D 10 -39.30 14.87 19.22
N GLU D 11 -40.05 15.95 19.42
CA GLU D 11 -39.88 17.19 18.66
C GLU D 11 -38.50 17.83 18.83
N ASN D 12 -38.01 17.85 20.07
CA ASN D 12 -36.69 18.41 20.37
C ASN D 12 -36.12 17.88 21.68
N GLY D 13 -34.84 18.13 21.88
CA GLY D 13 -34.14 17.77 23.12
C GLY D 13 -34.37 18.78 24.22
N TRP D 14 -33.96 18.43 25.43
CA TRP D 14 -34.11 19.26 26.62
C TRP D 14 -32.75 19.79 27.07
N GLU D 15 -32.53 21.09 26.88
CA GLU D 15 -31.30 21.74 27.34
C GLU D 15 -31.19 21.79 28.87
N GLY D 16 -32.35 21.79 29.54
CA GLY D 16 -32.42 21.76 31.01
C GLY D 16 -32.13 20.43 31.67
N MET D 17 -32.01 19.35 30.91
CA MET D 17 -31.59 18.05 31.46
C MET D 17 -30.07 17.93 31.41
N VAL D 18 -29.43 18.23 32.53
CA VAL D 18 -27.96 18.30 32.63
C VAL D 18 -27.31 17.09 33.32
N ASP D 19 -28.10 16.25 33.98
CA ASP D 19 -27.57 15.08 34.73
C ASP D 19 -27.81 13.74 34.01
N GLY D 20 -28.13 13.80 32.71
CA GLY D 20 -28.34 12.61 31.92
C GLY D 20 -28.59 12.90 30.45
N TRP D 21 -28.50 11.85 29.64
CA TRP D 21 -28.72 11.93 28.20
C TRP D 21 -30.19 11.67 27.85
N TYR D 22 -30.84 10.80 28.61
CA TYR D 22 -32.26 10.50 28.46
C TYR D 22 -32.93 10.64 29.81
N GLY D 23 -34.24 10.89 29.79
CA GLY D 23 -34.98 10.98 31.03
C GLY D 23 -36.46 11.26 30.89
N PHE D 24 -37.04 11.70 32.00
CA PHE D 24 -38.47 11.85 32.16
C PHE D 24 -38.81 13.26 32.59
N ARG D 25 -39.91 13.80 32.08
CA ARG D 25 -40.59 14.93 32.67
C ARG D 25 -42.02 14.47 32.96
N HIS D 26 -42.60 14.97 34.04
CA HIS D 26 -43.98 14.60 34.38
C HIS D 26 -44.77 15.74 34.98
N GLN D 27 -46.09 15.54 34.98
CA GLN D 27 -47.02 16.45 35.62
C GLN D 27 -48.10 15.64 36.30
N ASN D 28 -48.28 15.89 37.60
CA ASN D 28 -49.37 15.32 38.38
C ASN D 28 -49.89 16.39 39.35
N ALA D 29 -50.80 16.01 40.25
CA ALA D 29 -51.33 16.95 41.23
C ALA D 29 -50.26 17.50 42.17
N GLN D 30 -49.32 16.65 42.59
CA GLN D 30 -48.27 17.08 43.51
C GLN D 30 -47.33 18.13 42.93
N GLY D 31 -46.97 17.98 41.65
CA GLY D 31 -46.09 18.96 41.01
C GLY D 31 -45.58 18.58 39.63
N THR D 32 -44.64 19.39 39.16
CA THR D 32 -43.96 19.21 37.88
C THR D 32 -42.60 18.57 38.18
N GLY D 33 -42.26 17.51 37.46
CA GLY D 33 -41.04 16.76 37.73
C GLY D 33 -40.11 16.59 36.55
N GLN D 34 -38.83 16.39 36.85
CA GLN D 34 -37.83 16.00 35.86
C GLN D 34 -36.79 15.08 36.51
N ALA D 35 -36.43 14.02 35.80
CA ALA D 35 -35.40 13.08 36.27
C ALA D 35 -34.70 12.40 35.11
N ALA D 36 -33.39 12.25 35.22
CA ALA D 36 -32.59 11.50 34.23
C ALA D 36 -32.75 9.99 34.43
N ASP D 37 -32.64 9.24 33.34
CA ASP D 37 -32.62 7.78 33.39
C ASP D 37 -31.18 7.29 33.30
N TYR D 38 -30.72 6.62 34.34
CA TYR D 38 -29.31 6.19 34.45
C TYR D 38 -28.93 5.10 33.45
N LYS D 39 -29.77 4.07 33.33
CA LYS D 39 -29.44 2.88 32.54
C LYS D 39 -29.34 3.16 31.04
N SER D 40 -30.29 3.92 30.49
CA SER D 40 -30.25 4.29 29.07
C SER D 40 -29.08 5.24 28.78
N THR D 41 -28.87 6.21 29.67
CA THR D 41 -27.72 7.13 29.59
C THR D 41 -26.39 6.38 29.57
N GLN D 42 -26.20 5.50 30.55
CA GLN D 42 -24.96 4.74 30.68
C GLN D 42 -24.75 3.77 29.52
N ALA D 43 -25.85 3.17 29.03
CA ALA D 43 -25.81 2.29 27.85
C ALA D 43 -25.24 3.01 26.63
N ALA D 44 -25.69 4.24 26.39
CA ALA D 44 -25.19 5.06 25.28
C ALA D 44 -23.73 5.48 25.48
N ILE D 45 -23.41 5.94 26.70
CA ILE D 45 -22.06 6.40 27.05
C ILE D 45 -21.04 5.26 26.95
N ASP D 46 -21.39 4.08 27.47
CA ASP D 46 -20.49 2.92 27.42
C ASP D 46 -20.18 2.49 25.99
N GLN D 47 -21.18 2.53 25.12
CA GLN D 47 -20.98 2.18 23.70
C GLN D 47 -20.06 3.18 22.98
N ILE D 48 -20.23 4.47 23.28
CA ILE D 48 -19.37 5.51 22.72
C ILE D 48 -17.94 5.39 23.25
N THR D 49 -17.77 5.11 24.54
CA THR D 49 -16.46 4.86 25.13
C THR D 49 -15.76 3.65 24.49
N GLY D 50 -16.53 2.61 24.18
CA GLY D 50 -16.03 1.46 23.44
C GLY D 50 -15.47 1.81 22.08
N LYS D 51 -16.18 2.66 21.34
CA LYS D 51 -15.71 3.15 20.03
C LYS D 51 -14.42 3.95 20.15
N LEU D 52 -14.39 4.87 21.11
CA LEU D 52 -13.21 5.69 21.36
C LEU D 52 -11.98 4.86 21.73
N ASN D 53 -12.16 3.80 22.50
CA ASN D 53 -11.07 2.88 22.86
C ASN D 53 -10.49 2.14 21.64
N ARG D 54 -11.36 1.80 20.69
CA ARG D 54 -10.93 1.12 19.46
C ARG D 54 -10.32 2.08 18.42
N ILE D 55 -10.87 3.29 18.32
CA ILE D 55 -10.49 4.25 17.27
C ILE D 55 -9.30 5.13 17.67
N ILE D 56 -9.27 5.60 18.92
CA ILE D 56 -8.20 6.51 19.38
C ILE D 56 -6.96 5.69 19.74
N LYS D 57 -6.22 5.29 18.71
CA LYS D 57 -4.98 4.53 18.86
C LYS D 57 -4.21 4.45 17.54
N LYS D 58 -2.92 4.18 17.65
CA LYS D 58 -2.04 4.03 16.49
C LYS D 58 -1.45 2.62 16.51
N THR D 59 -0.84 2.23 15.39
CA THR D 59 -0.16 0.93 15.31
C THR D 59 1.16 1.00 16.05
N ASN D 60 1.62 -0.15 16.54
CA ASN D 60 2.92 -0.26 17.22
C ASN D 60 4.08 -0.60 16.25
N THR D 61 3.80 -0.61 14.94
CA THR D 61 4.82 -0.88 13.93
C THR D 61 5.84 0.27 13.90
N GLU D 62 7.13 -0.10 13.95
CA GLU D 62 8.23 0.86 13.91
C GLU D 62 8.69 1.07 12.47
N PHE D 63 8.53 2.29 11.97
CA PHE D 63 8.96 2.66 10.62
C PHE D 63 10.26 3.47 10.66
N GLU D 64 11.15 3.19 9.72
CA GLU D 64 12.40 3.93 9.56
C GLU D 64 12.33 4.76 8.28
N SER D 65 13.31 5.66 8.12
CA SER D 65 13.32 6.57 6.99
C SER D 65 13.67 5.86 5.69
N ILE D 66 12.90 6.14 4.64
CA ILE D 66 13.24 5.76 3.26
C ILE D 66 13.34 6.99 2.32
N GLU D 67 13.33 8.19 2.89
CA GLU D 67 13.47 9.45 2.15
C GLU D 67 14.36 10.38 2.94
N SER D 68 15.50 10.76 2.36
CA SER D 68 16.44 11.67 3.02
C SER D 68 15.88 13.11 3.03
N GLU D 69 15.86 13.70 4.22
CA GLU D 69 15.44 15.10 4.41
C GLU D 69 16.47 16.08 3.84
N PHE D 70 17.75 15.84 4.14
CA PHE D 70 18.84 16.77 3.84
C PHE D 70 19.75 16.40 2.67
N SER D 71 19.63 15.17 2.16
CA SER D 71 20.47 14.68 1.07
C SER D 71 19.64 14.29 -0.14
N GLU D 72 20.32 14.09 -1.27
CA GLU D 72 19.67 13.67 -2.51
C GLU D 72 19.27 12.20 -2.45
N ILE D 73 18.21 11.85 -3.16
CA ILE D 73 17.75 10.46 -3.30
C ILE D 73 17.83 10.06 -4.77
N ASP D 74 18.02 8.77 -5.02
CA ASP D 74 18.09 8.23 -6.38
C ASP D 74 16.78 8.48 -7.12
N HIS D 75 16.87 8.77 -8.41
CA HIS D 75 15.73 9.28 -9.18
C HIS D 75 14.65 8.23 -9.44
N GLN D 76 15.06 7.03 -9.84
CA GLN D 76 14.12 5.93 -10.12
C GLN D 76 13.42 5.46 -8.85
N ILE D 77 14.19 5.14 -7.82
CA ILE D 77 13.66 4.73 -6.52
C ILE D 77 12.83 5.84 -5.86
N GLY D 78 13.27 7.09 -6.02
CA GLY D 78 12.53 8.25 -5.51
C GLY D 78 11.12 8.37 -6.06
N ASN D 79 10.97 8.16 -7.36
CA ASN D 79 9.65 8.14 -8.01
C ASN D 79 8.77 6.99 -7.53
N VAL D 80 9.38 5.82 -7.31
CA VAL D 80 8.66 4.66 -6.77
C VAL D 80 8.17 4.94 -5.34
N ILE D 81 9.04 5.53 -4.52
CA ILE D 81 8.70 5.89 -3.14
C ILE D 81 7.57 6.91 -3.10
N ASN D 82 7.68 7.96 -3.93
CA ASN D 82 6.64 8.99 -4.03
C ASN D 82 5.29 8.41 -4.43
N TRP D 83 5.29 7.53 -5.43
CA TRP D 83 4.07 6.84 -5.88
C TRP D 83 3.47 5.98 -4.78
N THR D 84 4.31 5.19 -4.11
CA THR D 84 3.89 4.29 -3.05
C THR D 84 3.33 5.06 -1.84
N LYS D 85 4.06 6.09 -1.39
CA LYS D 85 3.62 6.89 -0.24
C LYS D 85 2.28 7.60 -0.51
N ASP D 86 2.14 8.18 -1.69
CA ASP D 86 0.87 8.84 -2.08
C ASP D 86 -0.29 7.85 -2.24
N SER D 87 0.01 6.65 -2.75
CA SER D 87 -1.00 5.58 -2.82
C SER D 87 -1.44 5.13 -1.42
N ILE D 88 -0.46 4.96 -0.52
CA ILE D 88 -0.75 4.60 0.88
C ILE D 88 -1.55 5.72 1.57
N THR D 89 -1.20 6.97 1.30
CA THR D 89 -1.92 8.12 1.89
C THR D 89 -3.37 8.21 1.39
N ASP D 90 -3.60 7.94 0.11
CA ASP D 90 -4.96 7.89 -0.43
C ASP D 90 -5.81 6.80 0.24
N ILE D 91 -5.19 5.66 0.51
CA ILE D 91 -5.87 4.55 1.20
C ILE D 91 -6.25 4.96 2.63
N TRP D 92 -5.29 5.49 3.39
CA TRP D 92 -5.55 5.90 4.78
C TRP D 92 -6.53 7.07 4.90
N THR D 93 -6.43 8.02 3.98
CA THR D 93 -7.39 9.13 3.93
C THR D 93 -8.80 8.61 3.67
N TYR D 94 -8.92 7.68 2.72
CA TYR D 94 -10.20 7.06 2.39
C TYR D 94 -10.75 6.24 3.56
N GLN D 95 -9.90 5.41 4.16
CA GLN D 95 -10.27 4.61 5.33
C GLN D 95 -10.72 5.48 6.51
N ALA D 96 -9.98 6.55 6.78
CA ALA D 96 -10.32 7.49 7.86
C ALA D 96 -11.67 8.13 7.62
N GLU D 97 -11.90 8.63 6.40
CA GLU D 97 -13.17 9.25 6.01
C GLU D 97 -14.35 8.28 6.14
N LEU D 98 -14.16 7.05 5.67
CA LEU D 98 -15.20 6.01 5.74
C LEU D 98 -15.47 5.58 7.18
N LEU D 99 -14.38 5.36 7.94
CA LEU D 99 -14.47 4.99 9.35
C LEU D 99 -15.36 5.96 10.11
N VAL D 100 -15.01 7.24 10.05
CA VAL D 100 -15.67 8.26 10.86
C VAL D 100 -17.11 8.49 10.38
N ALA D 101 -17.34 8.48 9.07
CA ALA D 101 -18.70 8.59 8.52
C ALA D 101 -19.60 7.44 8.98
N MET D 102 -19.09 6.21 8.89
CA MET D 102 -19.81 5.01 9.32
C MET D 102 -20.06 5.00 10.83
N GLU D 103 -19.03 5.35 11.60
CA GLU D 103 -19.15 5.40 13.07
C GLU D 103 -20.12 6.48 13.54
N ASN D 104 -20.09 7.64 12.89
CA ASN D 104 -21.01 8.74 13.21
C ASN D 104 -22.46 8.37 12.91
N GLN D 105 -22.69 7.68 11.79
CA GLN D 105 -24.03 7.19 11.44
C GLN D 105 -24.53 6.21 12.51
N HIS D 106 -23.66 5.28 12.89
CA HIS D 106 -24.02 4.28 13.91
C HIS D 106 -24.22 4.88 15.30
N THR D 107 -23.38 5.84 15.69
CA THR D 107 -23.51 6.53 16.98
C THR D 107 -24.86 7.22 17.12
N ILE D 108 -25.20 8.01 16.10
CA ILE D 108 -26.48 8.73 16.02
C ILE D 108 -27.67 7.77 16.09
N ASP D 109 -27.61 6.69 15.33
CA ASP D 109 -28.71 5.71 15.29
C ASP D 109 -28.78 4.87 16.57
N MET D 110 -27.62 4.53 17.14
CA MET D 110 -27.56 3.86 18.45
C MET D 110 -28.23 4.70 19.53
N ALA D 111 -27.93 6.00 19.57
CA ALA D 111 -28.54 6.92 20.53
C ALA D 111 -30.06 7.01 20.36
N ASP D 112 -30.50 7.04 19.11
CA ASP D 112 -31.92 7.00 18.73
C ASP D 112 -32.59 5.72 19.24
N SER D 113 -31.92 4.58 19.07
CA SER D 113 -32.45 3.30 19.55
C SER D 113 -32.59 3.23 21.08
N GLU D 114 -31.64 3.79 21.81
CA GLU D 114 -31.73 3.82 23.28
C GLU D 114 -32.91 4.68 23.76
N MET D 115 -33.17 5.79 23.07
CA MET D 115 -34.35 6.62 23.33
C MET D 115 -35.63 5.82 23.09
N LEU D 116 -35.70 5.12 21.96
CA LEU D 116 -36.86 4.30 21.63
C LEU D 116 -37.07 3.15 22.62
N ASN D 117 -35.98 2.50 23.02
CA ASN D 117 -36.04 1.38 23.98
C ASN D 117 -36.57 1.82 25.37
N LEU D 118 -36.22 3.03 25.79
CA LEU D 118 -36.75 3.61 27.04
C LEU D 118 -38.26 3.90 26.90
N TYR D 119 -38.62 4.55 25.80
CA TYR D 119 -40.03 4.82 25.47
C TYR D 119 -40.88 3.54 25.42
N GLU D 120 -40.35 2.51 24.75
CA GLU D 120 -41.02 1.21 24.65
C GLU D 120 -41.18 0.51 26.00
N ARG D 121 -40.15 0.60 26.83
CA ARG D 121 -40.18 0.05 28.19
C ARG D 121 -41.30 0.69 29.02
N VAL D 122 -41.42 2.02 28.93
CA VAL D 122 -42.47 2.76 29.65
C VAL D 122 -43.87 2.44 29.09
N ARG D 123 -44.00 2.37 27.77
CA ARG D 123 -45.28 1.98 27.14
C ARG D 123 -45.79 0.64 27.68
N LYS D 124 -44.91 -0.36 27.70
CA LYS D 124 -45.30 -1.71 28.14
C LYS D 124 -45.65 -1.77 29.63
N GLN D 125 -44.94 -1.00 30.46
CA GLN D 125 -45.27 -0.86 31.90
C GLN D 125 -46.68 -0.33 32.12
N LEU D 126 -47.01 0.77 31.44
CA LEU D 126 -48.29 1.45 31.61
C LEU D 126 -49.48 0.63 31.08
N ARG D 127 -49.22 -0.23 30.10
CA ARG D 127 -50.19 -1.22 29.63
C ARG D 127 -51.48 -0.51 29.18
N GLN D 128 -52.64 -0.78 29.79
CA GLN D 128 -53.89 -0.16 29.38
C GLN D 128 -54.28 1.06 30.25
N ASN D 129 -53.35 1.57 31.05
CA ASN D 129 -53.61 2.69 31.95
C ASN D 129 -53.26 4.05 31.36
N ALA D 130 -52.64 4.05 30.17
CA ALA D 130 -52.23 5.28 29.50
C ALA D 130 -52.36 5.17 27.99
N GLU D 131 -52.32 6.31 27.33
CA GLU D 131 -52.34 6.39 25.87
C GLU D 131 -51.23 7.31 25.37
N GLU D 132 -50.67 6.98 24.21
CA GLU D 132 -49.59 7.77 23.61
C GLU D 132 -50.18 9.00 22.95
N ASP D 133 -49.55 10.16 23.14
CA ASP D 133 -49.97 11.40 22.48
C ASP D 133 -49.27 11.66 21.14
N GLY D 134 -48.30 10.81 20.77
CA GLY D 134 -47.58 10.95 19.51
C GLY D 134 -46.33 11.80 19.54
N LYS D 135 -46.05 12.45 20.67
CA LYS D 135 -44.91 13.35 20.82
C LYS D 135 -43.89 12.86 21.86
N GLY D 136 -43.97 11.57 22.23
CA GLY D 136 -43.10 10.99 23.24
C GLY D 136 -43.65 11.01 24.66
N CYS D 137 -44.90 11.43 24.83
CA CYS D 137 -45.55 11.45 26.15
C CYS D 137 -46.65 10.41 26.24
N PHE D 138 -46.99 10.07 27.47
CA PHE D 138 -48.10 9.18 27.78
C PHE D 138 -49.06 9.92 28.68
N GLU D 139 -50.32 9.99 28.28
CA GLU D 139 -51.37 10.55 29.11
C GLU D 139 -51.88 9.41 30.00
N ILE D 140 -51.70 9.57 31.31
CA ILE D 140 -51.99 8.52 32.29
C ILE D 140 -53.39 8.78 32.87
N TYR D 141 -54.28 7.79 32.72
CA TYR D 141 -55.71 7.97 33.03
C TYR D 141 -56.12 7.64 34.48
N HIS D 142 -55.18 7.77 35.40
CA HIS D 142 -55.46 7.66 36.83
C HIS D 142 -54.59 8.67 37.57
N ALA D 143 -54.92 8.93 38.83
CA ALA D 143 -54.08 9.74 39.70
C ALA D 143 -52.75 9.01 39.88
N CYS D 144 -51.67 9.63 39.41
CA CYS D 144 -50.32 9.04 39.48
C CYS D 144 -49.41 10.02 40.20
N ASP D 145 -49.31 9.85 41.52
CA ASP D 145 -48.56 10.75 42.39
C ASP D 145 -47.03 10.54 42.25
N ASP D 146 -46.24 11.27 43.03
CA ASP D 146 -44.77 11.21 42.91
C ASP D 146 -44.19 9.80 43.10
N SER D 147 -44.76 9.03 44.02
CA SER D 147 -44.36 7.62 44.21
C SER D 147 -44.74 6.76 42.99
N CYS D 148 -45.92 7.00 42.42
CA CYS D 148 -46.35 6.34 41.18
C CYS D 148 -45.38 6.67 40.04
N MET D 149 -45.06 7.95 39.88
CA MET D 149 -44.12 8.39 38.85
C MET D 149 -42.74 7.78 39.04
N GLU D 150 -42.29 7.70 40.28
CA GLU D 150 -40.99 7.09 40.59
C GLU D 150 -40.96 5.58 40.30
N SER D 151 -42.09 4.90 40.56
CA SER D 151 -42.22 3.48 40.23
C SER D 151 -42.11 3.20 38.72
N ILE D 152 -42.62 4.13 37.90
CA ILE D 152 -42.45 4.06 36.44
C ILE D 152 -40.97 4.20 36.06
N ARG D 153 -40.31 5.20 36.63
CA ARG D 153 -38.86 5.39 36.42
C ARG D 153 -38.02 4.20 36.92
N ASN D 154 -38.46 3.61 38.04
CA ASN D 154 -37.81 2.44 38.66
C ASN D 154 -38.07 1.09 37.96
N ASN D 155 -39.02 1.05 37.02
CA ASN D 155 -39.49 -0.19 36.40
C ASN D 155 -40.19 -1.13 37.41
N THR D 156 -40.88 -0.53 38.39
CA THR D 156 -41.66 -1.28 39.39
C THR D 156 -43.14 -0.85 39.45
N TYR D 157 -43.60 -0.17 38.39
CA TYR D 157 -45.00 0.21 38.26
C TYR D 157 -45.82 -1.03 37.91
N ASN D 158 -46.83 -1.32 38.73
CA ASN D 158 -47.76 -2.42 38.46
C ASN D 158 -49.08 -1.85 37.95
N HIS D 159 -49.36 -2.08 36.67
CA HIS D 159 -50.58 -1.58 36.02
C HIS D 159 -51.88 -2.02 36.69
N SER D 160 -51.89 -3.22 37.27
CA SER D 160 -53.08 -3.78 37.92
C SER D 160 -53.58 -2.97 39.12
N GLN D 161 -52.67 -2.27 39.80
CA GLN D 161 -53.02 -1.40 40.92
C GLN D 161 -54.01 -0.28 40.52
N TYR D 162 -53.87 0.23 39.31
CA TYR D 162 -54.62 1.39 38.85
C TYR D 162 -55.57 1.12 37.67
N ARG D 163 -55.67 -0.15 37.26
CA ARG D 163 -56.37 -0.52 36.02
C ARG D 163 -57.86 -0.16 36.01
N GLU D 164 -58.55 -0.48 37.10
CA GLU D 164 -59.99 -0.19 37.22
C GLU D 164 -60.27 1.30 37.09
N GLU D 165 -59.53 2.12 37.83
CA GLU D 165 -59.64 3.58 37.75
C GLU D 165 -59.36 4.08 36.33
N ALA D 166 -58.29 3.59 35.72
CA ALA D 166 -57.85 4.03 34.40
C ALA D 166 -58.85 3.71 33.29
N LEU D 167 -59.37 2.49 33.28
CA LEU D 167 -60.34 2.07 32.25
C LEU D 167 -61.66 2.85 32.33
N LEU D 168 -62.11 3.13 33.56
CA LEU D 168 -63.29 3.98 33.76
C LEU D 168 -63.10 5.39 33.18
N ASN D 169 -61.92 5.97 33.37
CA ASN D 169 -61.59 7.29 32.81
C ASN D 169 -61.34 7.25 31.30
N ARG D 170 -60.69 6.19 30.81
CA ARG D 170 -60.45 6.03 29.36
C ARG D 170 -61.72 5.85 28.55
N LEU D 171 -62.61 4.98 29.05
CA LEU D 171 -63.91 4.71 28.40
C LEU D 171 -64.99 5.72 28.80
N ASN D 172 -64.74 6.52 29.83
CA ASN D 172 -65.61 7.61 30.28
C ASN D 172 -66.91 7.09 30.90
N ASP E 1 -69.22 -2.21 9.02
CA ASP E 1 -67.77 -2.56 8.98
C ASP E 1 -66.87 -1.30 8.98
N PRO E 2 -65.61 -1.44 9.45
CA PRO E 2 -64.74 -0.25 9.48
C PRO E 2 -64.29 0.24 8.09
N ASP E 3 -64.02 1.54 7.98
CA ASP E 3 -63.28 2.07 6.84
C ASP E 3 -61.81 1.67 7.00
N LYS E 4 -61.01 1.90 5.97
CA LYS E 4 -59.63 1.41 5.96
C LYS E 4 -58.66 2.41 5.35
N ILE E 5 -57.48 2.52 5.96
CA ILE E 5 -56.34 3.19 5.33
C ILE E 5 -55.15 2.25 5.41
N CYS E 6 -54.48 2.08 4.27
CA CYS E 6 -53.41 1.11 4.11
C CYS E 6 -52.12 1.85 3.77
N LEU E 7 -51.05 1.46 4.45
CA LEU E 7 -49.73 2.04 4.21
C LEU E 7 -48.98 1.11 3.26
N GLY E 8 -48.20 1.71 2.37
CA GLY E 8 -47.43 0.94 1.41
C GLY E 8 -46.26 1.68 0.83
N HIS E 9 -45.54 0.98 -0.04
CA HIS E 9 -44.35 1.51 -0.71
C HIS E 9 -44.41 1.13 -2.18
N HIS E 10 -43.63 1.83 -3.00
CA HIS E 10 -43.62 1.58 -4.45
C HIS E 10 -42.83 0.32 -4.82
N ALA E 11 -43.00 -0.10 -6.06
CA ALA E 11 -42.21 -1.18 -6.64
C ALA E 11 -42.13 -0.98 -8.15
N VAL E 12 -41.24 -1.73 -8.78
CA VAL E 12 -41.08 -1.71 -10.24
C VAL E 12 -41.20 -3.13 -10.77
N ALA E 13 -41.60 -3.26 -12.04
CA ALA E 13 -41.71 -4.56 -12.68
C ALA E 13 -40.36 -5.24 -12.79
N ASN E 14 -39.38 -4.51 -13.33
CA ASN E 14 -38.01 -4.98 -13.51
C ASN E 14 -37.06 -4.31 -12.50
N GLY E 15 -36.70 -5.05 -11.46
CA GLY E 15 -35.73 -4.58 -10.46
C GLY E 15 -34.29 -4.76 -10.93
N THR E 16 -33.36 -4.25 -10.13
CA THR E 16 -31.93 -4.39 -10.40
C THR E 16 -31.29 -5.20 -9.28
N ILE E 17 -30.38 -6.10 -9.65
CA ILE E 17 -29.69 -6.98 -8.69
C ILE E 17 -28.45 -6.28 -8.15
N VAL E 18 -28.33 -6.25 -6.81
CA VAL E 18 -27.14 -5.75 -6.12
C VAL E 18 -26.68 -6.74 -5.07
N LYS E 19 -25.46 -6.56 -4.56
CA LYS E 19 -24.92 -7.37 -3.48
C LYS E 19 -24.92 -6.57 -2.18
N THR E 20 -25.25 -7.24 -1.08
CA THR E 20 -25.25 -6.66 0.26
C THR E 20 -24.27 -7.46 1.12
N LEU E 21 -24.22 -7.17 2.42
CA LEU E 21 -23.40 -7.95 3.35
C LEU E 21 -23.88 -9.40 3.47
N THR E 22 -25.20 -9.62 3.37
CA THR E 22 -25.83 -10.92 3.63
C THR E 22 -26.43 -11.62 2.40
N ASN E 23 -26.40 -10.97 1.24
CA ASN E 23 -27.10 -11.47 0.05
C ASN E 23 -26.43 -10.98 -1.23
N GLU E 24 -25.96 -11.91 -2.06
CA GLU E 24 -25.33 -11.56 -3.35
C GLU E 24 -26.34 -11.37 -4.50
N GLN E 25 -27.61 -11.71 -4.28
CA GLN E 25 -28.67 -11.61 -5.30
C GLN E 25 -29.87 -10.83 -4.76
N GLU E 26 -29.62 -9.61 -4.27
CA GLU E 26 -30.64 -8.77 -3.68
C GLU E 26 -31.26 -7.84 -4.74
N GLU E 27 -32.58 -7.94 -4.93
CA GLU E 27 -33.29 -7.13 -5.92
C GLU E 27 -33.72 -5.80 -5.31
N VAL E 28 -33.33 -4.68 -5.94
CA VAL E 28 -33.73 -3.33 -5.52
C VAL E 28 -34.42 -2.59 -6.68
N THR E 29 -35.11 -1.50 -6.34
CA THR E 29 -35.89 -0.73 -7.34
C THR E 29 -35.01 -0.02 -8.36
N ASN E 30 -33.81 0.37 -7.94
CA ASN E 30 -32.85 1.03 -8.81
C ASN E 30 -31.44 0.93 -8.24
N ALA E 31 -30.45 1.02 -9.11
CA ALA E 31 -29.05 1.04 -8.70
C ALA E 31 -28.20 1.76 -9.74
N THR E 32 -26.96 2.09 -9.36
CA THR E 32 -26.06 2.83 -10.24
C THR E 32 -24.63 2.28 -10.15
N GLU E 33 -23.91 2.36 -11.27
CA GLU E 33 -22.58 1.79 -11.41
C GLU E 33 -21.54 2.63 -10.66
N THR E 34 -20.58 1.95 -10.01
CA THR E 34 -19.46 2.62 -9.34
C THR E 34 -18.09 2.39 -10.00
N VAL E 35 -17.98 1.41 -10.90
CA VAL E 35 -16.75 1.11 -11.62
C VAL E 35 -16.89 1.56 -13.08
N GLU E 36 -16.05 2.50 -13.50
CA GLU E 36 -16.05 2.97 -14.88
C GLU E 36 -15.40 1.94 -15.80
N SER E 37 -16.12 1.56 -16.86
CA SER E 37 -15.64 0.61 -17.87
C SER E 37 -15.24 1.25 -19.21
N THR E 38 -15.66 2.49 -19.44
CA THR E 38 -15.43 3.17 -20.73
C THR E 38 -14.38 4.27 -20.61
N SER E 39 -13.67 4.49 -21.71
CA SER E 39 -12.67 5.54 -21.83
C SER E 39 -12.94 6.34 -23.10
N LEU E 40 -12.52 7.61 -23.09
CA LEU E 40 -12.47 8.40 -24.32
C LEU E 40 -11.18 8.04 -25.04
N ASN E 41 -11.28 7.76 -26.34
CA ASN E 41 -10.13 7.30 -27.14
C ASN E 41 -9.30 8.47 -27.71
N ARG E 42 -9.14 9.52 -26.91
CA ARG E 42 -8.41 10.73 -27.30
C ARG E 42 -7.69 11.25 -26.08
N LEU E 43 -6.59 11.96 -26.30
CA LEU E 43 -5.93 12.72 -25.23
C LEU E 43 -6.59 14.10 -25.17
N CYS E 44 -7.39 14.30 -24.14
CA CYS E 44 -8.17 15.53 -23.97
C CYS E 44 -7.27 16.65 -23.43
N MET E 45 -6.87 17.55 -24.32
CA MET E 45 -5.83 18.54 -24.04
C MET E 45 -6.32 19.99 -23.90
N LYS E 46 -7.63 20.20 -23.78
CA LYS E 46 -8.16 21.54 -23.54
C LYS E 46 -7.67 22.06 -22.19
N GLY E 47 -7.26 23.32 -22.16
CA GLY E 47 -6.69 23.94 -20.96
C GLY E 47 -5.24 23.58 -20.64
N ARG E 48 -4.55 22.93 -21.59
CA ARG E 48 -3.17 22.48 -21.39
C ARG E 48 -2.27 22.99 -22.51
N ASN E 49 -1.16 23.64 -22.14
CA ASN E 49 -0.07 23.90 -23.08
C ASN E 49 0.69 22.58 -23.26
N HIS E 50 0.29 21.80 -24.26
CA HIS E 50 0.82 20.45 -24.45
C HIS E 50 1.82 20.38 -25.61
N LYS E 51 2.72 19.41 -25.53
CA LYS E 51 3.65 19.09 -26.61
C LYS E 51 3.51 17.60 -26.94
N ASP E 52 3.11 17.31 -28.17
CA ASP E 52 3.10 15.95 -28.71
C ASP E 52 4.42 15.71 -29.41
N LEU E 53 5.24 14.83 -28.86
CA LEU E 53 6.58 14.56 -29.40
C LEU E 53 6.60 13.76 -30.72
N GLY E 54 5.54 13.02 -31.02
CA GLY E 54 5.50 12.20 -32.24
C GLY E 54 6.57 11.13 -32.19
N ASN E 55 7.38 11.04 -33.25
CA ASN E 55 8.49 10.05 -33.29
C ASN E 55 9.78 10.51 -32.58
N CYS E 56 9.73 11.61 -31.85
CA CYS E 56 10.87 12.12 -31.06
C CYS E 56 10.86 11.56 -29.64
N HIS E 57 11.92 10.85 -29.27
CA HIS E 57 12.07 10.35 -27.90
C HIS E 57 12.57 11.52 -27.02
N PRO E 58 12.12 11.58 -25.74
CA PRO E 58 12.55 12.68 -24.85
C PRO E 58 14.05 12.94 -24.79
N ILE E 59 14.86 11.90 -24.72
CA ILE E 59 16.33 12.03 -24.70
C ILE E 59 16.87 12.66 -26.00
N GLY E 60 16.25 12.35 -27.14
CA GLY E 60 16.60 12.96 -28.42
C GLY E 60 16.41 14.48 -28.46
N MET E 61 15.57 15.01 -27.57
CA MET E 61 15.39 16.46 -27.40
C MET E 61 16.65 17.13 -26.85
N LEU E 62 17.39 16.42 -26.00
CA LEU E 62 18.62 16.96 -25.40
C LEU E 62 19.83 16.86 -26.32
N ILE E 63 19.94 15.76 -27.07
CA ILE E 63 21.09 15.53 -27.97
C ILE E 63 20.85 16.03 -29.41
N GLY E 64 19.59 16.21 -29.79
CA GLY E 64 19.25 16.78 -31.09
C GLY E 64 19.23 15.77 -32.22
N THR E 65 18.56 14.64 -31.98
CA THR E 65 18.31 13.65 -33.02
C THR E 65 17.41 14.30 -34.09
N PRO E 66 17.62 13.98 -35.39
CA PRO E 66 16.80 14.62 -36.45
C PRO E 66 15.28 14.62 -36.22
N ALA E 67 14.75 13.51 -35.72
CA ALA E 67 13.32 13.41 -35.38
C ALA E 67 12.85 14.44 -34.34
N CYS E 68 13.79 14.97 -33.54
CA CYS E 68 13.50 15.97 -32.50
C CYS E 68 13.80 17.43 -32.87
N ASP E 69 14.01 17.72 -34.15
CA ASP E 69 14.37 19.09 -34.58
C ASP E 69 13.34 20.18 -34.24
N LEU E 70 12.05 19.81 -34.20
CA LEU E 70 10.99 20.72 -33.77
C LEU E 70 10.80 20.81 -32.25
N HIS E 71 11.57 20.04 -31.48
CA HIS E 71 11.36 19.88 -30.04
C HIS E 71 12.67 20.07 -29.23
N LEU E 72 13.59 20.90 -29.73
CA LEU E 72 14.87 21.14 -29.04
C LEU E 72 14.73 22.13 -27.88
N THR E 73 13.78 23.05 -28.02
CA THR E 73 13.39 23.95 -26.93
C THR E 73 11.87 24.06 -26.86
N GLY E 74 11.36 24.61 -25.77
CA GLY E 74 9.94 24.86 -25.62
C GLY E 74 9.49 24.93 -24.16
N THR E 75 8.21 25.20 -23.98
CA THR E 75 7.55 25.15 -22.68
C THR E 75 6.25 24.37 -22.82
N TRP E 76 5.88 23.68 -21.74
CA TRP E 76 4.68 22.84 -21.73
C TRP E 76 4.29 22.51 -20.29
N ASP E 77 3.02 22.22 -20.06
CA ASP E 77 2.56 21.63 -18.80
C ASP E 77 2.27 20.14 -18.93
N THR E 78 2.26 19.65 -20.17
CA THR E 78 1.95 18.25 -20.48
C THR E 78 2.82 17.81 -21.66
N LEU E 79 3.56 16.73 -21.49
CA LEU E 79 4.47 16.22 -22.52
C LEU E 79 4.05 14.79 -22.87
N ILE E 80 3.78 14.56 -24.15
CA ILE E 80 3.24 13.28 -24.62
C ILE E 80 4.31 12.52 -25.40
N GLU E 81 4.67 11.34 -24.91
CA GLU E 81 5.63 10.44 -25.56
C GLU E 81 4.86 9.35 -26.29
N ARG E 82 5.35 8.97 -27.47
CA ARG E 82 4.70 7.96 -28.31
C ARG E 82 5.54 6.71 -28.44
N LYS E 83 4.88 5.63 -28.89
CA LYS E 83 5.53 4.34 -29.09
C LYS E 83 6.54 4.40 -30.22
N ASN E 84 7.63 3.65 -30.07
CA ASN E 84 8.71 3.57 -31.07
C ASN E 84 9.35 4.93 -31.42
N ALA E 85 9.38 5.84 -30.46
CA ALA E 85 10.04 7.14 -30.63
C ALA E 85 11.55 6.94 -30.71
N ILE E 86 12.21 7.82 -31.46
CA ILE E 86 13.64 7.68 -31.78
C ILE E 86 14.49 8.60 -30.91
N ALA E 87 15.43 8.00 -30.18
CA ALA E 87 16.46 8.75 -29.44
C ALA E 87 17.80 8.76 -30.17
N TYR E 88 18.22 7.60 -30.69
CA TYR E 88 19.57 7.42 -31.23
C TYR E 88 19.53 7.06 -32.70
N CYS E 89 20.08 7.94 -33.54
CA CYS E 89 20.22 7.65 -34.97
C CYS E 89 21.46 6.76 -35.20
N TYR E 90 22.59 7.12 -34.59
CA TYR E 90 23.80 6.30 -34.62
C TYR E 90 23.72 5.19 -33.56
N PRO E 91 24.23 3.97 -33.86
CA PRO E 91 24.17 2.88 -32.86
C PRO E 91 24.78 3.23 -31.51
N GLY E 92 24.07 2.93 -30.43
CA GLY E 92 24.56 3.19 -29.07
C GLY E 92 23.45 3.32 -28.05
N ALA E 93 23.81 3.82 -26.86
CA ALA E 93 22.89 3.93 -25.73
C ALA E 93 23.37 4.96 -24.72
N THR E 94 22.44 5.40 -23.86
CA THR E 94 22.75 6.35 -22.78
C THR E 94 22.90 5.60 -21.46
N VAL E 95 23.96 5.92 -20.71
CA VAL E 95 24.16 5.40 -19.37
C VAL E 95 23.19 6.15 -18.45
N ASN E 96 22.51 5.41 -17.57
CA ASN E 96 21.50 5.97 -16.66
C ASN E 96 20.35 6.60 -17.47
N GLU E 97 19.87 5.85 -18.46
CA GLU E 97 18.87 6.30 -19.43
C GLU E 97 17.47 6.49 -18.82
N LYS E 98 17.08 5.59 -17.92
CA LYS E 98 15.74 5.61 -17.31
C LYS E 98 15.53 6.85 -16.44
N ALA E 99 16.52 7.17 -15.61
CA ALA E 99 16.49 8.38 -14.77
C ALA E 99 16.44 9.66 -15.60
N LEU E 100 17.16 9.69 -16.72
CA LEU E 100 17.18 10.87 -17.61
C LEU E 100 15.82 11.10 -18.27
N ARG E 101 15.24 10.04 -18.83
CA ARG E 101 13.92 10.13 -19.46
C ARG E 101 12.85 10.61 -18.48
N GLN E 102 12.90 10.09 -17.25
CA GLN E 102 11.96 10.48 -16.20
C GLN E 102 12.10 11.97 -15.82
N LYS E 103 13.34 12.46 -15.73
CA LYS E 103 13.60 13.89 -15.48
C LYS E 103 12.98 14.79 -16.56
N ILE E 104 13.13 14.39 -17.83
CA ILE E 104 12.60 15.15 -18.95
C ILE E 104 11.07 15.12 -18.94
N MET E 105 10.50 13.93 -18.71
CA MET E 105 9.04 13.76 -18.68
C MET E 105 8.36 14.37 -17.44
N GLU E 106 9.14 14.72 -16.41
CA GLU E 106 8.65 15.51 -15.27
C GLU E 106 8.76 17.03 -15.48
N SER E 107 9.46 17.46 -16.52
CA SER E 107 9.76 18.88 -16.75
C SER E 107 8.59 19.64 -17.36
N GLY E 108 8.66 20.96 -17.27
CA GLY E 108 7.71 21.86 -17.92
C GLY E 108 8.31 22.67 -19.05
N GLY E 109 9.40 22.18 -19.64
CA GLY E 109 10.08 22.87 -20.74
C GLY E 109 11.57 22.62 -20.78
N ILE E 110 12.17 22.98 -21.91
CA ILE E 110 13.62 22.90 -22.11
C ILE E 110 14.11 24.19 -22.73
N SER E 111 15.20 24.74 -22.18
CA SER E 111 15.96 25.83 -22.77
C SER E 111 17.35 25.30 -23.11
N LYS E 112 17.98 25.88 -24.13
CA LYS E 112 19.32 25.49 -24.56
C LYS E 112 20.30 26.64 -24.41
N ILE E 113 21.52 26.33 -23.94
CA ILE E 113 22.57 27.32 -23.70
C ILE E 113 23.86 26.84 -24.36
N ASN E 114 24.50 27.71 -25.14
CA ASN E 114 25.74 27.37 -25.84
C ASN E 114 26.88 27.07 -24.86
N THR E 115 27.64 26.00 -25.13
CA THR E 115 28.83 25.67 -24.35
C THR E 115 29.99 26.61 -24.69
N GLY E 116 30.05 27.03 -25.94
CA GLY E 116 31.12 27.88 -26.45
C GLY E 116 32.42 27.15 -26.76
N PHE E 117 32.39 25.82 -26.80
CA PHE E 117 33.61 25.03 -27.03
C PHE E 117 34.14 25.28 -28.43
N THR E 118 35.46 25.49 -28.53
CA THR E 118 36.14 25.67 -29.81
C THR E 118 37.31 24.70 -29.92
N TYR E 119 37.77 24.51 -31.16
CA TYR E 119 38.73 23.46 -31.50
C TYR E 119 39.77 23.97 -32.48
N GLY E 120 41.01 23.52 -32.31
CA GLY E 120 42.12 23.94 -33.16
C GLY E 120 42.01 23.51 -34.60
N SER E 121 42.89 24.04 -35.43
CA SER E 121 42.84 23.84 -36.89
C SER E 121 43.06 22.40 -37.35
N SER E 122 43.71 21.57 -36.52
CA SER E 122 43.91 20.15 -36.85
C SER E 122 42.72 19.24 -36.45
N ILE E 123 41.65 19.83 -35.90
CA ILE E 123 40.43 19.09 -35.58
C ILE E 123 39.34 19.45 -36.60
N ASN E 124 38.71 18.41 -37.14
CA ASN E 124 37.46 18.55 -37.90
C ASN E 124 36.33 18.36 -36.89
N SER E 125 35.63 19.44 -36.57
CA SER E 125 34.52 19.43 -35.61
C SER E 125 33.15 19.18 -36.24
N ALA E 126 33.10 18.92 -37.56
CA ALA E 126 31.85 18.71 -38.29
C ALA E 126 31.73 17.30 -38.85
N GLY E 127 32.08 16.30 -38.02
CA GLY E 127 31.91 14.90 -38.39
C GLY E 127 30.44 14.55 -38.53
N THR E 128 30.11 13.76 -39.56
CA THR E 128 28.72 13.37 -39.85
C THR E 128 28.66 11.87 -40.14
N THR E 129 27.45 11.36 -40.33
CA THR E 129 27.25 9.93 -40.58
C THR E 129 25.95 9.70 -41.36
N LYS E 130 25.95 8.62 -42.15
CA LYS E 130 24.76 8.18 -42.88
C LYS E 130 23.63 7.69 -41.96
N ALA E 131 23.98 7.27 -40.74
CA ALA E 131 23.00 6.88 -39.73
C ALA E 131 22.08 8.02 -39.29
N CYS E 132 22.58 9.25 -39.32
CA CYS E 132 21.87 10.44 -38.85
C CYS E 132 21.64 11.37 -40.03
N MET E 133 20.68 11.02 -40.88
CA MET E 133 20.38 11.80 -42.09
C MET E 133 19.39 12.92 -41.81
N ARG E 134 19.59 14.04 -42.50
CA ARG E 134 18.61 15.12 -42.57
C ARG E 134 18.28 15.38 -44.03
N ASN E 135 17.10 14.91 -44.45
CA ASN E 135 16.60 15.12 -45.82
C ASN E 135 17.58 14.60 -46.87
N GLY E 136 17.95 13.33 -46.76
CA GLY E 136 18.82 12.66 -47.72
C GLY E 136 20.30 13.05 -47.70
N GLY E 137 20.74 13.73 -46.64
CA GLY E 137 22.14 14.16 -46.50
C GLY E 137 22.70 13.75 -45.16
N ASN E 138 23.98 13.37 -45.13
CA ASN E 138 24.66 12.96 -43.90
C ASN E 138 24.75 14.12 -42.91
N SER E 139 24.42 13.84 -41.65
CA SER E 139 24.38 14.86 -40.60
C SER E 139 24.82 14.25 -39.27
N PHE E 140 24.48 14.92 -38.17
CA PHE E 140 24.81 14.44 -36.83
C PHE E 140 23.85 15.04 -35.82
N TYR E 141 23.85 14.49 -34.61
CA TYR E 141 23.12 15.05 -33.47
C TYR E 141 23.36 16.55 -33.38
N ALA E 142 22.29 17.34 -33.41
CA ALA E 142 22.37 18.81 -33.51
C ALA E 142 23.03 19.51 -32.33
N GLU E 143 22.94 18.92 -31.13
CA GLU E 143 23.49 19.53 -29.91
C GLU E 143 24.89 19.04 -29.57
N LEU E 144 25.48 18.21 -30.43
CA LEU E 144 26.80 17.64 -30.21
C LEU E 144 27.67 17.80 -31.46
N LYS E 145 28.98 17.61 -31.28
CA LYS E 145 29.94 17.68 -32.38
C LYS E 145 30.84 16.47 -32.37
N TRP E 146 30.94 15.79 -33.51
CA TRP E 146 31.85 14.66 -33.67
C TRP E 146 33.22 15.22 -34.09
N LEU E 147 34.16 15.19 -33.15
CA LEU E 147 35.50 15.72 -33.36
C LEU E 147 36.39 14.60 -33.86
N VAL E 148 37.06 14.83 -34.99
CA VAL E 148 38.07 13.91 -35.52
C VAL E 148 39.27 14.69 -36.04
N SER E 149 40.38 13.99 -36.25
CA SER E 149 41.57 14.60 -36.85
C SER E 149 41.27 15.03 -38.28
N LYS E 150 41.65 16.25 -38.63
CA LYS E 150 41.42 16.80 -39.97
C LYS E 150 42.24 16.05 -41.01
N ASN E 151 43.48 15.72 -40.65
CA ASN E 151 44.36 14.88 -41.47
C ASN E 151 44.24 13.43 -41.00
N LYS E 152 43.84 12.55 -41.92
CA LYS E 152 43.65 11.12 -41.62
C LYS E 152 44.92 10.50 -41.08
N GLY E 153 44.83 9.85 -39.91
CA GLY E 153 45.97 9.17 -39.28
C GLY E 153 46.77 10.00 -38.28
N GLN E 154 46.59 11.32 -38.29
CA GLN E 154 47.35 12.22 -37.42
C GLN E 154 46.76 12.19 -36.00
N ASN E 155 47.63 12.31 -35.00
CA ASN E 155 47.21 12.36 -33.60
C ASN E 155 46.32 13.57 -33.34
N PHE E 156 45.14 13.30 -32.79
CA PHE E 156 44.18 14.32 -32.37
C PHE E 156 44.82 15.08 -31.20
N PRO E 157 44.87 16.43 -31.27
CA PRO E 157 45.61 17.19 -30.25
C PRO E 157 44.90 17.21 -28.90
N GLN E 158 45.68 17.25 -27.83
CA GLN E 158 45.14 17.34 -26.47
C GLN E 158 44.34 18.64 -26.35
N THR E 159 43.08 18.51 -25.94
CA THR E 159 42.14 19.62 -25.91
C THR E 159 41.44 19.65 -24.57
N THR E 160 41.26 20.86 -24.02
CA THR E 160 40.56 21.06 -22.76
C THR E 160 39.51 22.17 -22.93
N ASN E 161 38.25 21.83 -22.67
CA ASN E 161 37.12 22.75 -22.80
C ASN E 161 36.35 22.81 -21.47
N THR E 162 35.87 23.99 -21.10
CA THR E 162 35.13 24.19 -19.85
C THR E 162 33.82 24.89 -20.09
N TYR E 163 32.73 24.33 -19.55
CA TYR E 163 31.45 25.00 -19.50
C TYR E 163 31.19 25.47 -18.07
N ARG E 164 30.96 26.77 -17.91
CA ARG E 164 30.55 27.35 -16.64
C ARG E 164 29.04 27.62 -16.66
N ASN E 165 28.34 27.16 -15.64
CA ASN E 165 26.93 27.49 -15.45
C ASN E 165 26.84 28.91 -14.86
N ALA E 166 26.52 29.87 -15.72
CA ALA E 166 26.35 31.28 -15.32
C ALA E 166 24.94 31.60 -14.83
N ASP E 167 24.06 30.60 -14.78
CA ASP E 167 22.66 30.74 -14.39
C ASP E 167 22.49 30.49 -12.88
N THR E 168 21.29 30.76 -12.37
CA THR E 168 20.92 30.47 -10.97
C THR E 168 20.18 29.13 -10.80
N ALA E 169 19.99 28.38 -11.91
CA ALA E 169 19.37 27.05 -11.88
C ALA E 169 20.32 26.03 -12.50
N GLU E 170 20.19 24.77 -12.07
CA GLU E 170 21.07 23.70 -12.56
C GLU E 170 20.84 23.43 -14.04
N HIS E 171 21.93 23.12 -14.75
CA HIS E 171 21.88 22.74 -16.17
C HIS E 171 22.26 21.28 -16.35
N LEU E 172 21.72 20.67 -17.38
CA LEU E 172 21.96 19.27 -17.70
C LEU E 172 22.86 19.23 -18.92
N ILE E 173 24.04 18.62 -18.77
CA ILE E 173 25.02 18.51 -19.87
C ILE E 173 25.15 17.05 -20.28
N MET E 174 25.17 16.81 -21.59
CA MET E 174 25.36 15.48 -22.15
C MET E 174 26.58 15.47 -23.04
N TRP E 175 27.25 14.32 -23.11
CA TRP E 175 28.32 14.11 -24.06
C TRP E 175 28.32 12.65 -24.47
N GLY E 176 29.04 12.36 -25.55
CA GLY E 176 29.17 10.99 -26.04
C GLY E 176 30.63 10.57 -26.11
N ILE E 177 30.83 9.24 -26.14
CA ILE E 177 32.15 8.65 -26.37
C ILE E 177 32.00 7.75 -27.59
N HIS E 178 32.85 7.96 -28.60
CA HIS E 178 32.84 7.11 -29.78
C HIS E 178 33.72 5.89 -29.54
N HIS E 179 33.17 4.72 -29.83
CA HIS E 179 33.85 3.44 -29.72
C HIS E 179 34.03 2.89 -31.14
N PRO E 180 35.22 3.05 -31.75
CA PRO E 180 35.42 2.67 -33.15
C PRO E 180 35.25 1.17 -33.45
N SER E 181 35.03 0.86 -34.71
CA SER E 181 34.83 -0.52 -35.18
C SER E 181 36.12 -1.35 -35.20
N SER E 182 37.27 -0.69 -35.32
CA SER E 182 38.56 -1.38 -35.41
C SER E 182 39.72 -0.48 -35.02
N THR E 183 40.90 -1.08 -34.85
CA THR E 183 42.14 -0.33 -34.59
C THR E 183 42.48 0.59 -35.75
N GLN E 184 42.30 0.11 -36.99
CA GLN E 184 42.57 0.91 -38.19
C GLN E 184 41.69 2.17 -38.24
N GLU E 185 40.39 2.01 -37.97
CA GLU E 185 39.46 3.14 -37.92
C GLU E 185 39.82 4.13 -36.81
N LYS E 186 40.10 3.60 -35.62
CA LYS E 186 40.56 4.39 -34.48
C LYS E 186 41.79 5.22 -34.85
N ASN E 187 42.77 4.58 -35.48
CA ASN E 187 43.99 5.27 -35.95
C ASN E 187 43.69 6.36 -36.97
N ASP E 188 42.80 6.07 -37.92
CA ASP E 188 42.39 7.04 -38.96
C ASP E 188 41.73 8.29 -38.38
N LEU E 189 40.85 8.10 -37.40
CA LEU E 189 40.09 9.21 -36.82
C LEU E 189 40.85 10.00 -35.75
N TYR E 190 41.59 9.31 -34.89
CA TYR E 190 42.21 9.91 -33.71
C TYR E 190 43.74 9.75 -33.57
N GLY E 191 44.36 9.00 -34.48
CA GLY E 191 45.80 8.70 -34.40
C GLY E 191 46.13 7.46 -33.59
N THR E 192 47.40 7.07 -33.63
CA THR E 192 47.88 5.86 -32.95
C THR E 192 48.06 6.00 -31.42
N GLN E 193 48.04 7.22 -30.91
CA GLN E 193 48.19 7.49 -29.48
C GLN E 193 47.13 6.80 -28.61
N SER E 194 47.47 6.56 -27.35
CA SER E 194 46.48 6.07 -26.37
C SER E 194 45.47 7.19 -26.09
N LEU E 195 44.19 6.85 -26.15
CA LEU E 195 43.11 7.83 -26.01
C LEU E 195 42.55 7.84 -24.60
N SER E 196 42.19 9.03 -24.13
CA SER E 196 41.58 9.19 -22.81
C SER E 196 40.74 10.46 -22.77
N ILE E 197 39.54 10.37 -22.19
CA ILE E 197 38.65 11.51 -22.00
C ILE E 197 38.37 11.64 -20.51
N SER E 198 38.68 12.82 -19.95
CA SER E 198 38.37 13.13 -18.56
C SER E 198 37.27 14.18 -18.47
N VAL E 199 36.37 14.02 -17.51
CA VAL E 199 35.30 14.98 -17.25
C VAL E 199 35.27 15.25 -15.75
N GLY E 200 35.31 16.52 -15.36
CA GLY E 200 35.42 16.91 -13.95
C GLY E 200 34.73 18.22 -13.61
N SER E 201 33.86 18.17 -12.61
CA SER E 201 33.23 19.36 -12.01
C SER E 201 33.52 19.34 -10.51
N SER E 202 32.83 20.18 -9.74
CA SER E 202 32.88 20.15 -8.27
C SER E 202 32.06 18.99 -7.68
N THR E 203 31.06 18.52 -8.42
CA THR E 203 30.14 17.46 -7.97
C THR E 203 30.25 16.14 -8.74
N TYR E 204 31.07 16.12 -9.80
CA TYR E 204 31.15 14.96 -10.71
C TYR E 204 32.58 14.77 -11.20
N LYS E 205 32.97 13.51 -11.38
CA LYS E 205 34.30 13.15 -11.87
C LYS E 205 34.20 11.80 -12.58
N ASN E 206 34.76 11.71 -13.79
CA ASN E 206 34.79 10.44 -14.53
C ASN E 206 35.85 10.45 -15.62
N SER E 207 36.27 9.25 -16.02
CA SER E 207 37.21 9.03 -17.11
C SER E 207 36.66 8.00 -18.09
N PHE E 208 37.00 8.15 -19.37
CA PHE E 208 36.50 7.27 -20.42
C PHE E 208 37.61 6.93 -21.41
N VAL E 209 37.59 5.70 -21.93
CA VAL E 209 38.52 5.26 -22.96
C VAL E 209 37.70 4.62 -24.09
N PRO E 210 37.86 5.11 -25.33
CA PRO E 210 37.28 4.42 -26.49
C PRO E 210 37.76 2.97 -26.60
N VAL E 211 36.83 2.06 -26.90
CA VAL E 211 37.13 0.63 -27.03
C VAL E 211 36.90 0.23 -28.48
N VAL E 212 37.77 -0.65 -28.99
CA VAL E 212 37.79 -1.05 -30.41
C VAL E 212 37.51 -2.54 -30.61
N GLY E 213 36.87 -3.18 -29.64
CA GLY E 213 36.57 -4.61 -29.72
C GLY E 213 35.60 -4.94 -30.85
N ALA E 214 35.74 -6.13 -31.42
CA ALA E 214 34.90 -6.57 -32.53
C ALA E 214 33.45 -6.69 -32.09
N ARG E 215 32.53 -6.14 -32.89
CA ARG E 215 31.10 -6.25 -32.64
C ARG E 215 30.30 -6.19 -33.95
N PRO E 216 29.06 -6.73 -33.96
CA PRO E 216 28.25 -6.75 -35.19
C PRO E 216 27.81 -5.37 -35.67
N GLN E 217 27.51 -5.28 -36.97
CA GLN E 217 26.99 -4.07 -37.56
C GLN E 217 25.52 -3.86 -37.17
N VAL E 218 25.19 -2.63 -36.79
CA VAL E 218 23.82 -2.17 -36.60
C VAL E 218 23.62 -1.06 -37.62
N ASN E 219 22.68 -1.25 -38.55
CA ASN E 219 22.48 -0.34 -39.69
C ASN E 219 23.78 -0.19 -40.51
N GLY E 220 24.51 -1.29 -40.66
CA GLY E 220 25.80 -1.31 -41.38
C GLY E 220 26.99 -0.67 -40.67
N LEU E 221 26.91 -0.48 -39.36
CA LEU E 221 27.94 0.21 -38.57
C LEU E 221 28.28 -0.57 -37.30
N SER E 222 29.55 -0.98 -37.19
CA SER E 222 30.05 -1.66 -35.98
C SER E 222 30.48 -0.67 -34.89
N GLY E 223 30.63 0.61 -35.24
CA GLY E 223 30.92 1.66 -34.27
C GLY E 223 29.75 1.90 -33.33
N ARG E 224 30.05 2.49 -32.18
CA ARG E 224 29.04 2.87 -31.19
C ARG E 224 29.35 4.25 -30.65
N ILE E 225 28.31 5.03 -30.37
CA ILE E 225 28.43 6.27 -29.60
C ILE E 225 27.52 6.14 -28.38
N ASP E 226 28.12 6.03 -27.20
CA ASP E 226 27.38 5.97 -25.93
C ASP E 226 27.37 7.32 -25.24
N PHE E 227 26.23 7.66 -24.65
CA PHE E 227 26.02 8.96 -24.03
C PHE E 227 26.08 8.90 -22.52
N HIS E 228 26.58 9.99 -21.95
CA HIS E 228 26.70 10.16 -20.50
C HIS E 228 26.17 11.54 -20.17
N TRP E 229 25.76 11.74 -18.92
CA TRP E 229 25.19 13.02 -18.52
C TRP E 229 25.40 13.31 -17.05
N THR E 230 25.35 14.59 -16.72
CA THR E 230 25.35 15.05 -15.34
C THR E 230 24.71 16.42 -15.23
N LEU E 231 24.39 16.81 -14.00
CA LEU E 231 23.86 18.13 -13.70
C LEU E 231 25.01 19.04 -13.27
N VAL E 232 25.04 20.26 -13.83
CA VAL E 232 26.02 21.28 -13.47
C VAL E 232 25.29 22.31 -12.62
N GLN E 233 25.72 22.43 -11.36
CA GLN E 233 25.06 23.32 -10.40
C GLN E 233 25.36 24.78 -10.71
N PRO E 234 24.49 25.71 -10.25
CA PRO E 234 24.67 27.15 -10.50
C PRO E 234 26.04 27.65 -10.04
N GLY E 235 26.79 28.28 -10.95
CA GLY E 235 28.12 28.82 -10.65
C GLY E 235 29.28 27.85 -10.79
N ASP E 236 29.01 26.55 -10.97
CA ASP E 236 30.06 25.54 -11.10
C ASP E 236 30.55 25.46 -12.55
N LYS E 237 31.76 24.92 -12.72
CA LYS E 237 32.36 24.62 -14.02
C LYS E 237 32.45 23.12 -14.22
N ILE E 238 32.35 22.66 -15.47
CA ILE E 238 32.64 21.27 -15.83
C ILE E 238 33.69 21.25 -16.95
N ILE E 239 34.78 20.53 -16.71
CA ILE E 239 35.97 20.56 -17.58
C ILE E 239 36.10 19.23 -18.33
N PHE E 240 36.19 19.33 -19.65
CA PHE E 240 36.42 18.18 -20.54
C PHE E 240 37.85 18.23 -21.03
N SER E 241 38.61 17.17 -20.78
CA SER E 241 39.96 17.05 -21.31
C SER E 241 40.04 15.77 -22.13
N HIS E 242 40.52 15.88 -23.38
CA HIS E 242 40.38 14.79 -24.35
C HIS E 242 41.40 14.89 -25.49
N ASN E 243 41.72 13.72 -26.06
CA ASN E 243 42.62 13.64 -27.21
C ASN E 243 42.12 12.66 -28.28
N GLY E 244 40.80 12.54 -28.41
CA GLY E 244 40.17 11.70 -29.43
C GLY E 244 39.12 10.80 -28.83
N GLY E 245 37.92 10.81 -29.41
CA GLY E 245 36.81 9.97 -28.98
C GLY E 245 35.66 10.70 -28.31
N LEU E 246 35.89 11.94 -27.89
CA LEU E 246 34.81 12.74 -27.29
C LEU E 246 33.86 13.23 -28.37
N ILE E 247 32.56 13.03 -28.13
CA ILE E 247 31.50 13.65 -28.88
C ILE E 247 31.06 14.79 -27.96
N ALA E 248 31.44 16.01 -28.33
CA ALA E 248 31.40 17.16 -27.41
C ALA E 248 30.08 17.92 -27.51
N PRO E 249 29.56 18.40 -26.36
CA PRO E 249 28.34 19.21 -26.40
C PRO E 249 28.60 20.61 -26.96
N SER E 250 27.75 21.04 -27.89
CA SER E 250 27.73 22.43 -28.37
C SER E 250 26.71 23.27 -27.61
N ARG E 251 25.68 22.63 -27.06
CA ARG E 251 24.77 23.28 -26.11
C ARG E 251 24.46 22.38 -24.92
N VAL E 252 24.06 22.99 -23.81
CA VAL E 252 23.55 22.29 -22.63
C VAL E 252 22.08 22.61 -22.47
N SER E 253 21.39 21.79 -21.66
CA SER E 253 19.95 21.93 -21.46
C SER E 253 19.63 22.46 -20.07
N LYS E 254 18.55 23.22 -19.97
CA LYS E 254 17.97 23.60 -18.68
C LYS E 254 16.52 23.16 -18.68
N LEU E 255 16.18 22.21 -17.79
CA LEU E 255 14.80 21.77 -17.63
C LEU E 255 14.04 22.79 -16.78
N ILE E 256 12.92 23.26 -17.30
CA ILE E 256 12.16 24.38 -16.74
C ILE E 256 10.93 23.83 -16.02
N GLY E 257 10.79 24.12 -14.73
CA GLY E 257 9.56 23.84 -13.99
C GLY E 257 9.10 22.39 -14.00
N ARG E 258 7.79 22.20 -13.90
CA ARG E 258 7.18 20.87 -13.80
C ARG E 258 6.03 20.69 -14.80
N GLY E 259 5.84 19.44 -15.24
CA GLY E 259 4.77 19.08 -16.16
C GLY E 259 4.39 17.62 -16.01
N LEU E 260 3.25 17.24 -16.59
CA LEU E 260 2.76 15.86 -16.55
C LEU E 260 3.22 15.10 -17.79
N GLY E 261 4.02 14.05 -17.58
CA GLY E 261 4.46 13.17 -18.67
C GLY E 261 3.45 12.08 -18.94
N ILE E 262 3.03 11.95 -20.20
CA ILE E 262 2.04 10.93 -20.62
C ILE E 262 2.65 10.06 -21.72
N GLN E 263 2.54 8.75 -21.55
CA GLN E 263 2.84 7.78 -22.60
C GLN E 263 1.52 7.21 -23.09
N SER E 264 1.18 7.50 -24.35
CA SER E 264 -0.13 7.12 -24.88
C SER E 264 -0.13 6.91 -26.39
N GLU E 265 -1.09 6.11 -26.84
CA GLU E 265 -1.32 5.83 -28.26
C GLU E 265 -2.48 6.65 -28.86
N ALA E 266 -3.14 7.45 -28.02
CA ALA E 266 -4.38 8.13 -28.42
C ALA E 266 -4.12 9.48 -29.07
N PRO E 267 -4.91 9.85 -30.11
CA PRO E 267 -4.75 11.15 -30.76
C PRO E 267 -5.19 12.33 -29.89
N ILE E 268 -4.67 13.52 -30.21
CA ILE E 268 -4.96 14.73 -29.44
C ILE E 268 -6.35 15.24 -29.79
N ASP E 269 -7.06 15.73 -28.78
CA ASP E 269 -8.31 16.48 -28.95
C ASP E 269 -8.25 17.73 -28.07
N ASN E 270 -8.18 18.89 -28.70
CA ASN E 270 -8.12 20.18 -28.01
C ASN E 270 -9.47 20.72 -27.52
N SER E 271 -10.58 20.03 -27.82
CA SER E 271 -11.92 20.48 -27.44
C SER E 271 -12.46 19.89 -26.13
N CYS E 272 -11.85 18.82 -25.61
CA CYS E 272 -12.24 18.22 -24.32
C CYS E 272 -11.17 18.42 -23.25
N GLU E 273 -11.61 18.56 -21.99
CA GLU E 273 -10.73 18.64 -20.82
C GLU E 273 -10.65 17.28 -20.13
N SER E 274 -9.53 17.06 -19.43
CA SER E 274 -9.35 15.85 -18.62
C SER E 274 -8.23 16.00 -17.59
N LYS E 275 -8.32 15.23 -16.51
CA LYS E 275 -7.28 15.15 -15.49
C LYS E 275 -6.66 13.76 -15.35
N CYS E 276 -7.17 12.76 -16.08
CA CYS E 276 -6.69 11.38 -15.98
C CYS E 276 -6.41 10.80 -17.36
N PHE E 277 -5.22 10.23 -17.52
CA PHE E 277 -4.76 9.71 -18.81
C PHE E 277 -4.16 8.32 -18.65
N TRP E 278 -4.24 7.54 -19.73
CA TRP E 278 -3.65 6.21 -19.78
C TRP E 278 -3.25 5.89 -21.24
N ARG E 279 -2.73 4.69 -21.47
CA ARG E 279 -2.27 4.26 -22.81
C ARG E 279 -3.31 4.48 -23.92
N GLY E 280 -4.59 4.24 -23.61
CA GLY E 280 -5.70 4.31 -24.56
C GLY E 280 -6.49 5.61 -24.64
N GLY E 281 -6.12 6.62 -23.85
CA GLY E 281 -6.73 7.95 -23.95
C GLY E 281 -6.98 8.62 -22.61
N SER E 282 -8.19 9.13 -22.43
CA SER E 282 -8.56 9.94 -21.26
C SER E 282 -9.78 9.37 -20.54
N ILE E 283 -9.76 9.47 -19.20
CA ILE E 283 -10.85 8.99 -18.35
C ILE E 283 -11.51 10.20 -17.67
N ASN E 284 -12.72 10.56 -18.10
CA ASN E 284 -13.46 11.72 -17.57
C ASN E 284 -14.65 11.36 -16.68
N THR E 285 -14.59 10.17 -16.08
CA THR E 285 -15.68 9.69 -15.23
C THR E 285 -15.73 10.41 -13.87
N ARG E 286 -16.94 10.53 -13.33
CA ARG E 286 -17.14 10.97 -11.94
C ARG E 286 -17.11 9.80 -10.95
N LEU E 287 -17.05 8.56 -11.46
CA LEU E 287 -17.09 7.37 -10.61
C LEU E 287 -15.78 7.18 -9.83
N PRO E 288 -15.86 6.56 -8.63
CA PRO E 288 -14.67 6.40 -7.79
C PRO E 288 -13.68 5.34 -8.28
N PHE E 289 -14.15 4.34 -9.02
CA PHE E 289 -13.31 3.23 -9.47
C PHE E 289 -13.33 3.09 -10.99
N GLN E 290 -12.33 2.40 -11.51
CA GLN E 290 -12.23 2.09 -12.94
C GLN E 290 -11.55 0.74 -13.14
N ASN E 291 -11.84 0.09 -14.27
CA ASN E 291 -11.24 -1.20 -14.61
C ASN E 291 -10.53 -1.19 -15.97
N LEU E 292 -10.16 0.00 -16.43
CA LEU E 292 -9.48 0.15 -17.73
C LEU E 292 -8.02 -0.30 -17.65
N SER E 293 -7.29 0.22 -16.67
CA SER E 293 -5.87 -0.09 -16.51
C SER E 293 -5.31 0.30 -15.14
N PRO E 294 -4.41 -0.53 -14.58
CA PRO E 294 -3.69 -0.13 -13.36
C PRO E 294 -2.62 0.96 -13.61
N ARG E 295 -2.25 1.17 -14.88
CA ARG E 295 -1.29 2.22 -15.25
C ARG E 295 -2.02 3.46 -15.76
N THR E 296 -2.14 4.45 -14.88
CA THR E 296 -2.73 5.75 -15.23
C THR E 296 -1.87 6.87 -14.64
N VAL E 297 -2.03 8.07 -15.19
CA VAL E 297 -1.37 9.27 -14.65
C VAL E 297 -2.38 10.41 -14.50
N GLY E 298 -2.09 11.31 -13.56
CA GLY E 298 -2.95 12.44 -13.24
C GLY E 298 -3.84 12.15 -12.03
N GLN E 299 -5.01 12.78 -12.01
CA GLN E 299 -5.98 12.62 -10.93
C GLN E 299 -7.05 11.63 -11.38
N CYS E 300 -6.95 10.40 -10.89
CA CYS E 300 -7.68 9.26 -11.47
C CYS E 300 -8.56 8.50 -10.49
N PRO E 301 -9.62 7.84 -10.99
CA PRO E 301 -10.30 6.82 -10.20
C PRO E 301 -9.36 5.65 -9.94
N LYS E 302 -9.55 4.97 -8.82
CA LYS E 302 -8.68 3.86 -8.44
C LYS E 302 -9.01 2.59 -9.23
N TYR E 303 -7.98 1.89 -9.67
CA TYR E 303 -8.14 0.66 -10.43
C TYR E 303 -8.63 -0.48 -9.53
N VAL E 304 -9.60 -1.27 -10.02
CA VAL E 304 -10.12 -2.43 -9.30
C VAL E 304 -10.28 -3.64 -10.22
N ASN E 305 -10.05 -4.84 -9.68
CA ASN E 305 -10.24 -6.11 -10.41
C ASN E 305 -11.72 -6.51 -10.39
N LYS E 306 -12.56 -5.72 -11.06
CA LYS E 306 -14.02 -5.88 -11.02
C LYS E 306 -14.65 -5.33 -12.30
N LYS E 307 -15.55 -6.09 -12.90
CA LYS E 307 -16.30 -5.64 -14.08
C LYS E 307 -17.38 -4.64 -13.68
N SER E 308 -18.10 -4.94 -12.60
CA SER E 308 -19.21 -4.11 -12.14
C SER E 308 -19.36 -4.16 -10.62
N LEU E 309 -19.78 -3.04 -10.03
CA LEU E 309 -20.19 -2.96 -8.62
C LEU E 309 -21.35 -1.99 -8.51
N MET E 310 -22.57 -2.53 -8.41
CA MET E 310 -23.78 -1.71 -8.43
C MET E 310 -24.14 -1.23 -7.03
N LEU E 311 -24.32 0.09 -6.91
CA LEU E 311 -24.71 0.73 -5.66
C LEU E 311 -26.21 0.98 -5.68
N ALA E 312 -26.90 0.45 -4.68
CA ALA E 312 -28.35 0.59 -4.59
C ALA E 312 -28.74 2.05 -4.38
N THR E 313 -29.73 2.50 -5.16
CA THR E 313 -30.28 3.86 -5.05
C THR E 313 -31.79 3.79 -4.76
N GLY E 314 -32.22 2.68 -4.19
CA GLY E 314 -33.61 2.48 -3.82
C GLY E 314 -33.82 1.30 -2.90
N MET E 315 -35.07 1.13 -2.48
CA MET E 315 -35.44 0.07 -1.55
C MET E 315 -35.48 -1.31 -2.20
N ARG E 316 -35.64 -2.35 -1.38
CA ARG E 316 -35.92 -3.71 -1.87
C ARG E 316 -37.14 -3.67 -2.79
N ASN E 317 -37.02 -4.30 -3.96
CA ASN E 317 -38.12 -4.38 -4.90
C ASN E 317 -38.94 -5.62 -4.59
N VAL E 318 -40.21 -5.41 -4.25
CA VAL E 318 -41.13 -6.50 -3.90
C VAL E 318 -42.33 -6.37 -4.84
N PRO E 319 -42.23 -6.95 -6.05
CA PRO E 319 -43.27 -6.74 -7.06
C PRO E 319 -44.58 -7.48 -6.77
N GLU E 320 -45.63 -7.06 -7.47
CA GLU E 320 -46.97 -7.64 -7.30
C GLU E 320 -47.11 -8.91 -8.13
N GLY F 1 -36.72 -7.96 6.71
CA GLY F 1 -35.56 -7.03 6.92
C GLY F 1 -35.46 -6.52 8.34
N LEU F 2 -34.52 -5.59 8.57
CA LEU F 2 -34.23 -5.09 9.93
C LEU F 2 -35.43 -4.48 10.64
N PHE F 3 -36.23 -3.70 9.93
CA PHE F 3 -37.36 -2.99 10.54
C PHE F 3 -38.72 -3.65 10.28
N GLY F 4 -38.72 -4.75 9.54
CA GLY F 4 -39.87 -5.64 9.46
C GLY F 4 -41.04 -5.20 8.58
N ALA F 5 -40.92 -4.07 7.89
CA ALA F 5 -42.01 -3.51 7.09
C ALA F 5 -41.89 -3.91 5.61
N ILE F 6 -40.87 -3.39 4.92
CA ILE F 6 -40.64 -3.67 3.50
C ILE F 6 -40.11 -5.10 3.39
N ALA F 7 -40.74 -5.91 2.54
CA ALA F 7 -40.52 -7.36 2.47
C ALA F 7 -40.71 -8.05 3.84
N GLY F 8 -41.68 -7.53 4.59
CA GLY F 8 -41.99 -8.01 5.94
C GLY F 8 -43.50 -8.06 6.09
N PHE F 9 -44.05 -7.28 7.04
CA PHE F 9 -45.51 -7.27 7.24
C PHE F 9 -46.28 -6.57 6.11
N ILE F 10 -45.61 -5.70 5.34
CA ILE F 10 -46.15 -5.20 4.07
C ILE F 10 -45.88 -6.31 3.05
N GLU F 11 -46.93 -6.93 2.54
CA GLU F 11 -46.81 -8.12 1.67
C GLU F 11 -46.00 -7.84 0.40
N ASN F 12 -46.30 -6.73 -0.26
CA ASN F 12 -45.56 -6.32 -1.45
C ASN F 12 -45.73 -4.82 -1.73
N GLY F 13 -44.94 -4.34 -2.68
CA GLY F 13 -45.00 -2.94 -3.10
C GLY F 13 -46.12 -2.68 -4.09
N TRP F 14 -46.34 -1.40 -4.39
CA TRP F 14 -47.36 -0.96 -5.33
C TRP F 14 -46.71 -0.42 -6.60
N GLU F 15 -46.82 -1.17 -7.69
CA GLU F 15 -46.29 -0.74 -8.99
C GLU F 15 -47.04 0.48 -9.56
N GLY F 16 -48.31 0.63 -9.18
CA GLY F 16 -49.13 1.77 -9.57
C GLY F 16 -48.84 3.10 -8.89
N MET F 17 -48.03 3.09 -7.82
CA MET F 17 -47.61 4.33 -7.16
C MET F 17 -46.34 4.86 -7.80
N VAL F 18 -46.50 5.82 -8.71
CA VAL F 18 -45.40 6.37 -9.52
C VAL F 18 -44.94 7.78 -9.10
N ASP F 19 -45.69 8.43 -8.20
CA ASP F 19 -45.37 9.79 -7.75
C ASP F 19 -44.78 9.83 -6.33
N GLY F 20 -44.25 8.70 -5.85
CA GLY F 20 -43.65 8.63 -4.53
C GLY F 20 -43.15 7.25 -4.16
N TRP F 21 -42.37 7.21 -3.09
CA TRP F 21 -41.74 5.98 -2.59
C TRP F 21 -42.62 5.28 -1.56
N TYR F 22 -43.32 6.08 -0.76
CA TYR F 22 -44.26 5.58 0.25
C TYR F 22 -45.58 6.32 0.09
N GLY F 23 -46.67 5.69 0.51
CA GLY F 23 -47.97 6.33 0.42
C GLY F 23 -49.11 5.58 1.05
N PHE F 24 -50.32 6.00 0.68
CA PHE F 24 -51.56 5.54 1.31
C PHE F 24 -52.51 5.01 0.24
N ARG F 25 -53.24 3.95 0.60
CA ARG F 25 -54.46 3.56 -0.12
C ARG F 25 -55.59 3.49 0.90
N HIS F 26 -56.74 4.03 0.55
CA HIS F 26 -57.88 4.06 1.49
C HIS F 26 -59.14 3.44 0.88
N GLN F 27 -60.08 3.14 1.76
CA GLN F 27 -61.40 2.62 1.39
C GLN F 27 -62.42 3.23 2.34
N ASN F 28 -63.42 3.90 1.78
CA ASN F 28 -64.54 4.46 2.55
C ASN F 28 -65.83 4.36 1.73
N ALA F 29 -66.92 4.97 2.23
CA ALA F 29 -68.21 4.95 1.52
C ALA F 29 -68.16 5.55 0.12
N GLN F 30 -67.36 6.60 -0.06
CA GLN F 30 -67.18 7.26 -1.37
C GLN F 30 -66.40 6.41 -2.39
N GLY F 31 -65.54 5.51 -1.91
CA GLY F 31 -64.81 4.58 -2.76
C GLY F 31 -63.36 4.40 -2.31
N THR F 32 -62.48 4.13 -3.26
CA THR F 32 -61.06 3.95 -2.98
C THR F 32 -60.21 5.07 -3.59
N GLY F 33 -58.97 5.14 -3.14
CA GLY F 33 -58.01 6.12 -3.66
C GLY F 33 -56.58 5.80 -3.29
N GLN F 34 -55.65 6.54 -3.87
CA GLN F 34 -54.22 6.40 -3.61
C GLN F 34 -53.55 7.78 -3.55
N ALA F 35 -52.55 7.90 -2.69
CA ALA F 35 -51.78 9.15 -2.56
C ALA F 35 -50.40 8.90 -1.97
N ALA F 36 -49.38 9.51 -2.56
CA ALA F 36 -48.00 9.39 -2.06
C ALA F 36 -47.77 10.32 -0.86
N ASP F 37 -46.88 9.90 0.03
CA ASP F 37 -46.46 10.72 1.18
C ASP F 37 -45.15 11.42 0.84
N TYR F 38 -45.18 12.76 0.89
CA TYR F 38 -44.03 13.57 0.49
C TYR F 38 -42.86 13.49 1.47
N LYS F 39 -43.17 13.61 2.78
CA LYS F 39 -42.14 13.69 3.82
C LYS F 39 -41.26 12.45 3.90
N SER F 40 -41.89 11.28 3.96
CA SER F 40 -41.15 10.01 4.03
C SER F 40 -40.36 9.72 2.76
N THR F 41 -40.98 9.99 1.61
CA THR F 41 -40.31 9.85 0.30
C THR F 41 -39.05 10.70 0.21
N GLN F 42 -39.18 11.98 0.57
CA GLN F 42 -38.06 12.92 0.51
C GLN F 42 -36.95 12.57 1.51
N ALA F 43 -37.33 12.10 2.69
CA ALA F 43 -36.37 11.65 3.71
C ALA F 43 -35.47 10.53 3.19
N ALA F 44 -36.07 9.57 2.49
CA ALA F 44 -35.32 8.46 1.88
C ALA F 44 -34.44 8.93 0.72
N ILE F 45 -35.00 9.75 -0.17
CA ILE F 45 -34.27 10.27 -1.35
C ILE F 45 -33.07 11.13 -0.94
N ASP F 46 -33.28 12.01 0.05
CA ASP F 46 -32.20 12.89 0.54
C ASP F 46 -31.03 12.12 1.14
N GLN F 47 -31.32 11.02 1.84
CA GLN F 47 -30.27 10.17 2.41
C GLN F 47 -29.46 9.43 1.32
N ILE F 48 -30.16 8.95 0.28
CA ILE F 48 -29.49 8.33 -0.86
C ILE F 48 -28.69 9.35 -1.68
N THR F 49 -29.23 10.55 -1.85
CA THR F 49 -28.50 11.65 -2.50
C THR F 49 -27.21 12.00 -1.74
N GLY F 50 -27.29 12.01 -0.40
CA GLY F 50 -26.13 12.22 0.45
C GLY F 50 -25.05 11.16 0.30
N LYS F 51 -25.46 9.90 0.20
CA LYS F 51 -24.52 8.80 -0.08
C LYS F 51 -23.81 8.97 -1.41
N LEU F 52 -24.58 9.27 -2.45
CA LEU F 52 -24.06 9.48 -3.80
C LEU F 52 -23.04 10.63 -3.86
N ASN F 53 -23.32 11.71 -3.15
CA ASN F 53 -22.39 12.86 -3.07
C ASN F 53 -21.05 12.48 -2.45
N ARG F 54 -21.07 11.61 -1.44
CA ARG F 54 -19.84 11.16 -0.78
C ARG F 54 -19.09 10.10 -1.59
N ILE F 55 -19.82 9.17 -2.20
CA ILE F 55 -19.20 8.01 -2.88
C ILE F 55 -18.73 8.34 -4.30
N ILE F 56 -19.53 9.08 -5.05
CA ILE F 56 -19.23 9.36 -6.47
C ILE F 56 -18.21 10.49 -6.56
N LYS F 57 -16.94 10.13 -6.30
CA LYS F 57 -15.82 11.07 -6.34
C LYS F 57 -14.47 10.34 -6.39
N LYS F 58 -13.44 11.04 -6.85
CA LYS F 58 -12.07 10.54 -6.87
C LYS F 58 -11.19 11.43 -5.99
N THR F 59 -9.96 10.99 -5.74
CA THR F 59 -9.00 11.80 -4.98
C THR F 59 -8.41 12.85 -5.91
N ASN F 60 -7.88 13.93 -5.31
CA ASN F 60 -7.19 14.99 -6.07
C ASN F 60 -5.67 14.82 -6.10
N THR F 61 -5.17 13.67 -5.65
CA THR F 61 -3.73 13.36 -5.67
C THR F 61 -3.27 13.14 -7.11
N GLU F 62 -2.25 13.87 -7.54
CA GLU F 62 -1.69 13.73 -8.88
C GLU F 62 -0.62 12.65 -8.87
N PHE F 63 -0.85 11.58 -9.61
CA PHE F 63 0.12 10.49 -9.77
C PHE F 63 0.88 10.63 -11.09
N GLU F 64 2.16 10.27 -11.05
CA GLU F 64 3.00 10.24 -12.24
C GLU F 64 3.40 8.81 -12.55
N SER F 65 3.96 8.59 -13.74
CA SER F 65 4.30 7.26 -14.22
C SER F 65 5.51 6.69 -13.47
N ILE F 66 5.39 5.43 -13.04
CA ILE F 66 6.52 4.63 -12.55
C ILE F 66 6.75 3.34 -13.36
N GLU F 67 5.96 3.15 -14.42
CA GLU F 67 6.10 1.99 -15.32
C GLU F 67 6.06 2.47 -16.76
N SER F 68 7.14 2.20 -17.50
CA SER F 68 7.23 2.60 -18.90
C SER F 68 6.29 1.75 -19.77
N GLU F 69 5.44 2.43 -20.53
CA GLU F 69 4.55 1.79 -21.50
C GLU F 69 5.32 1.20 -22.70
N PHE F 70 6.31 1.93 -23.19
CA PHE F 70 6.95 1.66 -24.49
C PHE F 70 8.42 1.21 -24.45
N SER F 71 9.02 1.14 -23.26
CA SER F 71 10.43 0.74 -23.13
C SER F 71 10.63 -0.17 -21.92
N GLU F 72 11.83 -0.75 -21.81
CA GLU F 72 12.15 -1.70 -20.75
C GLU F 72 12.21 -1.03 -19.37
N ILE F 73 11.99 -1.83 -18.33
CA ILE F 73 12.13 -1.41 -16.95
C ILE F 73 13.15 -2.31 -16.25
N ASP F 74 13.78 -1.78 -15.20
CA ASP F 74 14.75 -2.55 -14.41
C ASP F 74 14.08 -3.76 -13.78
N HIS F 75 14.78 -4.89 -13.75
CA HIS F 75 14.19 -6.17 -13.35
C HIS F 75 13.87 -6.22 -11.84
N GLN F 76 14.79 -5.74 -11.02
CA GLN F 76 14.62 -5.72 -9.56
C GLN F 76 13.52 -4.73 -9.15
N ILE F 77 13.67 -3.48 -9.59
CA ILE F 77 12.67 -2.43 -9.33
C ILE F 77 11.30 -2.75 -9.93
N GLY F 78 11.30 -3.34 -11.14
CA GLY F 78 10.08 -3.75 -11.82
C GLY F 78 9.26 -4.77 -11.06
N ASN F 79 9.95 -5.77 -10.48
CA ASN F 79 9.29 -6.77 -9.61
C ASN F 79 8.68 -6.14 -8.35
N VAL F 80 9.38 -5.18 -7.76
CA VAL F 80 8.87 -4.46 -6.57
C VAL F 80 7.64 -3.63 -6.94
N ILE F 81 7.69 -2.96 -8.09
CA ILE F 81 6.55 -2.16 -8.60
C ILE F 81 5.33 -3.06 -8.84
N ASN F 82 5.55 -4.21 -9.49
CA ASN F 82 4.48 -5.18 -9.76
C ASN F 82 3.84 -5.72 -8.47
N TRP F 83 4.68 -6.04 -7.48
CA TRP F 83 4.19 -6.49 -6.17
C TRP F 83 3.38 -5.40 -5.48
N THR F 84 3.94 -4.18 -5.46
CA THR F 84 3.29 -3.03 -4.83
C THR F 84 1.96 -2.69 -5.50
N LYS F 85 1.96 -2.60 -6.83
CA LYS F 85 0.75 -2.25 -7.60
C LYS F 85 -0.38 -3.26 -7.44
N ASP F 86 -0.03 -4.56 -7.49
CA ASP F 86 -1.00 -5.63 -7.27
C ASP F 86 -1.51 -5.67 -5.83
N SER F 87 -0.65 -5.34 -4.86
CA SER F 87 -1.06 -5.23 -3.46
C SER F 87 -2.04 -4.08 -3.26
N ILE F 88 -1.76 -2.93 -3.88
CA ILE F 88 -2.64 -1.76 -3.84
C ILE F 88 -3.99 -2.05 -4.53
N THR F 89 -3.95 -2.74 -5.66
CA THR F 89 -5.18 -3.11 -6.39
C THR F 89 -6.07 -4.08 -5.59
N ASP F 90 -5.46 -5.05 -4.90
CA ASP F 90 -6.20 -5.94 -4.00
C ASP F 90 -6.89 -5.16 -2.87
N ILE F 91 -6.20 -4.17 -2.32
CA ILE F 91 -6.76 -3.32 -1.25
C ILE F 91 -7.96 -2.52 -1.77
N TRP F 92 -7.81 -1.86 -2.91
CA TRP F 92 -8.90 -1.05 -3.47
C TRP F 92 -10.10 -1.87 -3.96
N THR F 93 -9.82 -3.04 -4.54
CA THR F 93 -10.88 -3.99 -4.92
C THR F 93 -11.65 -4.47 -3.69
N TYR F 94 -10.91 -4.82 -2.63
CA TYR F 94 -11.53 -5.20 -1.35
C TYR F 94 -12.35 -4.05 -0.74
N GLN F 95 -11.76 -2.86 -0.69
CA GLN F 95 -12.43 -1.68 -0.14
C GLN F 95 -13.69 -1.31 -0.93
N ALA F 96 -13.61 -1.39 -2.25
CA ALA F 96 -14.75 -1.12 -3.14
C ALA F 96 -15.91 -2.10 -2.91
N GLU F 97 -15.58 -3.38 -2.86
CA GLU F 97 -16.56 -4.44 -2.58
C GLU F 97 -17.24 -4.28 -1.22
N LEU F 98 -16.45 -3.99 -0.19
CA LEU F 98 -16.97 -3.80 1.17
C LEU F 98 -17.83 -2.55 1.27
N LEU F 99 -17.35 -1.44 0.70
CA LEU F 99 -18.10 -0.18 0.68
C LEU F 99 -19.51 -0.39 0.13
N VAL F 100 -19.59 -0.95 -1.07
CA VAL F 100 -20.87 -1.06 -1.79
C VAL F 100 -21.79 -2.08 -1.09
N ALA F 101 -21.23 -3.19 -0.61
CA ALA F 101 -22.00 -4.17 0.17
C ALA F 101 -22.58 -3.57 1.45
N MET F 102 -21.76 -2.84 2.20
CA MET F 102 -22.19 -2.17 3.43
C MET F 102 -23.22 -1.09 3.15
N GLU F 103 -22.94 -0.24 2.16
CA GLU F 103 -23.85 0.85 1.79
C GLU F 103 -25.21 0.33 1.30
N ASN F 104 -25.18 -0.73 0.49
CA ASN F 104 -26.42 -1.36 -0.01
C ASN F 104 -27.28 -1.91 1.13
N GLN F 105 -26.64 -2.58 2.08
CA GLN F 105 -27.33 -3.09 3.27
C GLN F 105 -27.99 -1.95 4.04
N HIS F 106 -27.26 -0.85 4.23
CA HIS F 106 -27.78 0.30 4.95
C HIS F 106 -28.91 1.02 4.19
N THR F 107 -28.76 1.16 2.86
CA THR F 107 -29.79 1.79 2.02
C THR F 107 -31.13 1.06 2.10
N ILE F 108 -31.06 -0.27 1.98
CA ILE F 108 -32.24 -1.14 2.08
C ILE F 108 -32.91 -1.03 3.45
N ASP F 109 -32.12 -1.09 4.51
CA ASP F 109 -32.64 -1.01 5.88
C ASP F 109 -33.13 0.40 6.24
N MET F 110 -32.46 1.42 5.71
CA MET F 110 -32.91 2.81 5.85
C MET F 110 -34.29 3.00 5.21
N ALA F 111 -34.47 2.48 4.00
CA ALA F 111 -35.77 2.57 3.31
C ALA F 111 -36.88 1.86 4.10
N ASP F 112 -36.53 0.71 4.67
CA ASP F 112 -37.42 -0.08 5.55
C ASP F 112 -37.83 0.73 6.78
N SER F 113 -36.86 1.41 7.39
CA SER F 113 -37.13 2.22 8.58
C SER F 113 -38.08 3.39 8.30
N GLU F 114 -37.95 4.03 7.14
CA GLU F 114 -38.82 5.15 6.77
C GLU F 114 -40.27 4.69 6.52
N MET F 115 -40.45 3.49 5.97
CA MET F 115 -41.77 2.86 5.88
C MET F 115 -42.36 2.67 7.29
N LEU F 116 -41.56 2.12 8.20
CA LEU F 116 -42.00 1.87 9.57
C LEU F 116 -42.31 3.16 10.33
N ASN F 117 -41.48 4.18 10.15
CA ASN F 117 -41.71 5.48 10.80
C ASN F 117 -43.01 6.14 10.36
N LEU F 118 -43.35 6.01 9.08
CA LEU F 118 -44.64 6.48 8.56
C LEU F 118 -45.80 5.72 9.18
N TYR F 119 -45.70 4.39 9.17
CA TYR F 119 -46.70 3.51 9.81
C TYR F 119 -46.91 3.87 11.28
N GLU F 120 -45.81 4.06 12.01
CA GLU F 120 -45.85 4.43 13.42
C GLU F 120 -46.49 5.80 13.66
N ARG F 121 -46.17 6.77 12.79
CA ARG F 121 -46.78 8.10 12.84
C ARG F 121 -48.32 8.00 12.75
N VAL F 122 -48.80 7.24 11.78
CA VAL F 122 -50.23 7.08 11.54
C VAL F 122 -50.90 6.34 12.71
N ARG F 123 -50.26 5.27 13.21
CA ARG F 123 -50.76 4.53 14.37
C ARG F 123 -51.04 5.46 15.54
N LYS F 124 -50.05 6.28 15.89
CA LYS F 124 -50.17 7.21 17.02
C LYS F 124 -51.21 8.31 16.76
N GLN F 125 -51.32 8.80 15.53
CA GLN F 125 -52.37 9.75 15.13
C GLN F 125 -53.77 9.21 15.40
N LEU F 126 -54.02 7.98 14.93
CA LEU F 126 -55.33 7.35 15.02
C LEU F 126 -55.72 6.97 16.45
N ARG F 127 -54.71 6.71 17.29
CA ARG F 127 -54.91 6.51 18.73
C ARG F 127 -55.89 5.35 19.02
N GLN F 128 -57.05 5.59 19.63
CA GLN F 128 -57.99 4.51 19.96
C GLN F 128 -59.12 4.37 18.94
N ASN F 129 -59.02 5.08 17.82
CA ASN F 129 -60.08 5.09 16.80
C ASN F 129 -59.91 4.04 15.71
N ALA F 130 -58.78 3.30 15.74
CA ALA F 130 -58.48 2.31 14.72
C ALA F 130 -57.68 1.15 15.29
N GLU F 131 -57.66 0.04 14.56
CA GLU F 131 -56.89 -1.16 14.92
C GLU F 131 -56.06 -1.64 13.75
N GLU F 132 -54.90 -2.22 14.05
CA GLU F 132 -53.97 -2.74 13.04
C GLU F 132 -54.45 -4.11 12.57
N ASP F 133 -54.45 -4.33 11.25
CA ASP F 133 -54.82 -5.63 10.68
C ASP F 133 -53.66 -6.61 10.49
N GLY F 134 -52.42 -6.13 10.69
CA GLY F 134 -51.23 -6.98 10.54
C GLY F 134 -50.55 -6.93 9.18
N LYS F 135 -51.15 -6.23 8.21
CA LYS F 135 -50.66 -6.18 6.83
C LYS F 135 -50.30 -4.75 6.42
N GLY F 136 -50.16 -3.84 7.39
CA GLY F 136 -49.89 -2.43 7.12
C GLY F 136 -51.11 -1.55 6.97
N CYS F 137 -52.31 -2.08 7.25
CA CYS F 137 -53.54 -1.29 7.21
C CYS F 137 -54.10 -1.04 8.59
N PHE F 138 -54.84 0.05 8.71
CA PHE F 138 -55.57 0.41 9.93
C PHE F 138 -57.05 0.38 9.60
N GLU F 139 -57.80 -0.41 10.36
CA GLU F 139 -59.25 -0.44 10.24
C GLU F 139 -59.82 0.65 11.15
N ILE F 140 -60.46 1.64 10.55
CA ILE F 140 -60.91 2.85 11.22
C ILE F 140 -62.38 2.65 11.61
N TYR F 141 -62.67 2.73 12.91
CA TYR F 141 -64.01 2.40 13.43
C TYR F 141 -64.98 3.60 13.49
N HIS F 142 -64.89 4.47 12.48
CA HIS F 142 -65.86 5.54 12.30
C HIS F 142 -65.90 5.90 10.83
N ALA F 143 -66.98 6.57 10.43
CA ALA F 143 -67.12 7.07 9.07
C ALA F 143 -65.98 8.08 8.82
N CYS F 144 -65.11 7.76 7.88
CA CYS F 144 -63.96 8.60 7.55
C CYS F 144 -63.99 8.90 6.05
N ASP F 145 -64.59 10.04 5.71
CA ASP F 145 -64.75 10.47 4.31
C ASP F 145 -63.43 10.95 3.70
N ASP F 146 -63.48 11.38 2.43
CA ASP F 146 -62.26 11.83 1.72
C ASP F 146 -61.48 12.93 2.44
N SER F 147 -62.20 13.88 3.04
CA SER F 147 -61.58 14.94 3.85
C SER F 147 -60.95 14.41 5.14
N CYS F 148 -61.62 13.46 5.79
CA CYS F 148 -61.07 12.76 6.96
C CYS F 148 -59.79 11.98 6.60
N MET F 149 -59.82 11.28 5.47
CA MET F 149 -58.65 10.55 4.98
C MET F 149 -57.49 11.49 4.67
N GLU F 150 -57.80 12.64 4.07
CA GLU F 150 -56.82 13.70 3.82
C GLU F 150 -56.17 14.20 5.11
N SER F 151 -56.96 14.37 6.18
CA SER F 151 -56.45 14.82 7.47
C SER F 151 -55.47 13.83 8.11
N ILE F 152 -55.69 12.54 7.89
CA ILE F 152 -54.75 11.49 8.34
C ILE F 152 -53.44 11.60 7.55
N ARG F 153 -53.54 11.74 6.23
CA ARG F 153 -52.37 11.92 5.36
C ARG F 153 -51.63 13.25 5.62
N ASN F 154 -52.39 14.30 5.92
CA ASN F 154 -51.83 15.64 6.22
C ASN F 154 -51.23 15.80 7.63
N ASN F 155 -51.43 14.80 8.51
CA ASN F 155 -50.98 14.86 9.91
C ASN F 155 -51.78 15.91 10.72
N THR F 156 -53.05 16.11 10.35
CA THR F 156 -53.96 17.04 11.04
C THR F 156 -55.21 16.35 11.62
N TYR F 157 -55.24 15.01 11.60
CA TYR F 157 -56.37 14.23 12.13
C TYR F 157 -56.44 14.39 13.65
N ASN F 158 -57.58 14.83 14.15
CA ASN F 158 -57.83 14.99 15.59
C ASN F 158 -58.67 13.81 16.08
N HIS F 159 -58.03 12.91 16.83
CA HIS F 159 -58.69 11.69 17.31
C HIS F 159 -59.90 11.97 18.23
N SER F 160 -59.84 13.07 18.99
CA SER F 160 -60.90 13.44 19.94
C SER F 160 -62.27 13.66 19.27
N GLN F 161 -62.24 14.16 18.03
CA GLN F 161 -63.44 14.39 17.23
C GLN F 161 -64.27 13.12 16.97
N TYR F 162 -63.59 11.98 16.81
CA TYR F 162 -64.23 10.72 16.44
C TYR F 162 -64.21 9.65 17.53
N ARG F 163 -63.62 9.94 18.69
CA ARG F 163 -63.38 8.94 19.74
C ARG F 163 -64.65 8.25 20.25
N GLU F 164 -65.69 9.04 20.53
CA GLU F 164 -66.95 8.50 21.04
C GLU F 164 -67.57 7.49 20.05
N GLU F 165 -67.67 7.89 18.79
CA GLU F 165 -68.15 7.01 17.72
C GLU F 165 -67.30 5.75 17.61
N ALA F 166 -65.99 5.92 17.61
CA ALA F 166 -65.05 4.80 17.44
C ALA F 166 -65.10 3.78 18.57
N LEU F 167 -65.10 4.25 19.82
CA LEU F 167 -65.16 3.35 20.98
C LEU F 167 -66.47 2.57 21.07
N LEU F 168 -67.58 3.20 20.65
CA LEU F 168 -68.86 2.51 20.55
C LEU F 168 -68.81 1.37 19.52
N ASN F 169 -68.23 1.64 18.35
CA ASN F 169 -68.08 0.63 17.29
C ASN F 169 -67.08 -0.47 17.64
N ARG F 170 -65.97 -0.10 18.30
CA ARG F 170 -64.95 -1.07 18.70
C ARG F 170 -65.38 -1.99 19.85
N LEU F 171 -65.93 -1.39 20.90
CA LEU F 171 -66.17 -2.09 22.18
C LEU F 171 -67.63 -2.42 22.50
N ASN F 172 -68.57 -1.63 21.98
CA ASN F 172 -70.02 -1.84 22.19
C ASN F 172 -70.43 -1.75 23.67
C1 NAG G . 47.93 -18.69 -3.23
C2 NAG G . 47.78 -19.94 -2.35
C3 NAG G . 48.02 -21.18 -3.19
C4 NAG G . 47.06 -21.18 -4.37
C5 NAG G . 47.13 -19.88 -5.15
C6 NAG G . 46.10 -19.81 -6.27
C7 NAG G . 48.62 -20.31 -0.06
C8 NAG G . 49.80 -20.16 0.85
N2 NAG G . 48.80 -19.88 -1.32
O1 NAG G . 47.72 -17.51 -2.44
O3 NAG G . 47.83 -22.36 -2.40
O4 NAG G . 47.39 -22.26 -5.23
O5 NAG G . 46.95 -18.76 -4.27
O6 NAG G . 44.77 -19.83 -5.73
O7 NAG G . 47.57 -20.78 0.33
C1 GAL G . 46.29 -23.12 -5.53
C2 GAL G . 46.62 -23.98 -6.74
C3 GAL G . 45.43 -24.89 -7.01
C4 GAL G . 45.08 -25.70 -5.76
C5 GAL G . 44.86 -24.78 -4.56
C6 GAL G . 44.63 -25.51 -3.24
O2 GAL G . 46.86 -23.14 -7.87
O3 GAL G . 45.72 -25.75 -8.12
O4 GAL G . 46.14 -26.63 -5.48
O5 GAL G . 46.01 -23.94 -4.40
O6 GAL G . 43.64 -26.52 -3.38
C1 SIA G . 43.40 -25.94 -8.80
C2 SIA G . 44.84 -25.68 -9.25
C3 SIA G . 45.32 -26.72 -10.27
C4 SIA G . 44.61 -26.55 -11.61
C5 SIA G . 44.85 -25.14 -12.14
C6 SIA G . 44.36 -24.13 -11.11
C7 SIA G . 44.59 -22.67 -11.53
C8 SIA G . 44.32 -21.68 -10.39
C9 SIA G . 44.24 -20.27 -10.96
C10 SIA G . 44.40 -24.31 -14.42
C11 SIA G . 43.42 -24.29 -15.55
N5 SIA G . 44.04 -25.00 -13.34
O1A SIA G . 43.06 -27.10 -8.51
O1B SIA G . 42.60 -24.98 -8.72
O4 SIA G . 45.07 -27.52 -12.56
O6 SIA G . 44.98 -24.36 -9.84
O7 SIA G . 45.92 -22.48 -12.01
O8 SIA G . 43.10 -21.97 -9.70
O9 SIA G . 44.07 -19.32 -9.90
O10 SIA G . 45.45 -23.70 -14.50
C1 NAG H . 46.67 26.96 -7.93
C2 NAG H . 46.25 27.64 -6.62
C3 NAG H . 47.01 27.07 -5.43
C4 NAG H . 46.94 25.54 -5.41
C5 NAG H . 47.37 24.98 -6.78
C6 NAG H . 47.29 23.47 -6.85
C7 NAG H . 45.81 30.01 -7.14
C8 NAG H . 46.41 31.39 -7.18
N2 NAG H . 46.63 29.04 -6.73
O1 NAG H . 45.84 27.41 -9.00
O3 NAG H . 46.46 27.60 -4.22
O4 NAG H . 47.78 25.00 -4.38
O5 NAG H . 46.55 25.55 -7.81
O6 NAG H . 45.95 23.03 -6.58
O7 NAG H . 44.65 29.82 -7.47
C1 GAL H . 47.11 24.53 -3.21
C2 GAL H . 48.07 23.69 -2.35
C3 GAL H . 47.44 23.31 -1.02
C4 GAL H . 46.77 24.50 -0.34
C5 GAL H . 45.87 25.27 -1.31
C6 GAL H . 45.29 26.53 -0.67
O2 GAL H . 48.43 22.52 -3.07
O3 GAL H . 48.46 22.80 -0.13
O4 GAL H . 47.78 25.39 0.16
O5 GAL H . 46.62 25.64 -2.46
O6 GAL H . 44.03 26.84 -1.25
C1 SIA H . 46.96 21.53 1.31
C2 SIA H . 48.26 21.54 0.53
C3 SIA H . 49.47 21.38 1.47
C4 SIA H . 49.55 19.97 2.06
C5 SIA H . 49.60 18.96 0.92
C6 SIA H . 48.38 19.14 0.01
C7 SIA H . 48.36 18.21 -1.22
C8 SIA H . 47.22 18.51 -2.19
C9 SIA H . 47.00 17.31 -3.12
C10 SIA H . 50.17 16.58 1.05
C11 SIA H . 49.98 15.30 1.82
N5 SIA H . 49.53 17.64 1.54
O1A SIA H . 45.97 20.89 0.85
O1B SIA H . 46.87 22.15 2.40
O4 SIA H . 50.70 19.86 2.92
O6 SIA H . 48.30 20.50 -0.46
O7 SIA H . 49.59 18.30 -1.93
O8 SIA H . 45.99 18.78 -1.51
O9 SIA H . 45.98 17.59 -4.08
O10 SIA H . 50.85 16.61 0.05
C1 NAG I . -37.31 3.80 43.43
C2 NAG I . -38.11 3.60 44.71
C3 NAG I . -37.45 4.31 45.90
C4 NAG I . -35.97 3.99 45.99
C5 NAG I . -35.27 4.11 44.64
C6 NAG I . -33.82 3.63 44.68
C7 NAG I . -40.53 3.31 44.32
C8 NAG I . -41.84 4.03 44.24
N2 NAG I . -39.48 4.08 44.58
O3 NAG I . -38.14 3.90 47.08
O4 NAG I . -35.31 4.91 46.88
O5 NAG I . -35.97 3.35 43.66
O6 NAG I . -33.74 2.26 45.10
O7 NAG I . -40.46 2.10 44.12
C1 NAG I . -35.19 4.43 48.22
C2 NAG I . -34.07 5.20 48.91
C3 NAG I . -33.95 4.78 50.37
C4 NAG I . -35.30 4.86 51.06
C5 NAG I . -36.35 4.08 50.27
C6 NAG I . -37.75 4.16 50.90
C7 NAG I . -32.17 5.88 47.48
C8 NAG I . -30.87 5.42 46.89
N2 NAG I . -32.80 4.97 48.23
O3 NAG I . -33.01 5.64 51.02
O4 NAG I . -35.18 4.32 52.39
O5 NAG I . -36.42 4.59 48.95
O6 NAG I . -38.22 5.51 50.93
O7 NAG I . -32.59 7.00 47.28
C1 BMA I . -35.72 5.19 53.39
C2 BMA I . -36.18 4.34 54.57
C3 BMA I . -36.80 5.24 55.61
C4 BMA I . -35.87 6.38 56.01
C5 BMA I . -35.32 7.11 54.77
C6 BMA I . -34.26 8.14 55.14
O2 BMA I . -35.07 3.62 55.10
O3 BMA I . -37.09 4.48 56.80
O4 BMA I . -36.59 7.29 56.84
O5 BMA I . -34.77 6.16 53.85
O6 BMA I . -33.20 7.46 55.84
C1 MAN I . -38.50 4.53 57.13
C2 MAN I . -38.69 3.96 58.53
C3 MAN I . -38.42 2.45 58.55
C4 MAN I . -39.19 1.73 57.45
C5 MAN I . -39.01 2.41 56.10
C6 MAN I . -39.88 1.80 55.01
O2 MAN I . -40.03 4.21 58.95
O3 MAN I . -38.75 1.91 59.83
O4 MAN I . -38.73 0.37 57.40
O5 MAN I . -39.30 3.81 56.19
O6 MAN I . -39.57 2.43 53.75
C1 MAN I . -32.26 8.33 56.51
C2 MAN I . -31.35 7.43 57.34
C3 MAN I . -32.13 6.78 58.48
C4 MAN I . -32.86 7.84 59.31
C5 MAN I . -33.67 8.79 58.42
C6 MAN I . -34.29 9.94 59.21
O2 MAN I . -30.24 8.19 57.85
O3 MAN I . -31.25 6.02 59.31
O4 MAN I . -33.75 7.17 60.22
O5 MAN I . -32.85 9.31 57.38
O6 MAN I . -33.27 10.81 59.73
C1 NAG J . 33.23 -2.72 -42.98
C2 NAG J . 32.55 -2.28 -44.27
C3 NAG J . 32.51 -0.77 -44.33
C4 NAG J . 31.86 -0.19 -43.08
C5 NAG J . 32.31 -0.85 -41.77
C6 NAG J . 31.28 -0.58 -40.66
C7 NAG J . 33.05 -3.71 -46.22
C8 NAG J . 34.05 -4.01 -47.29
N2 NAG J . 33.40 -2.73 -45.38
O1 NAG J . 33.35 -4.15 -42.95
O3 NAG J . 31.79 -0.34 -45.48
O4 NAG J . 32.20 1.20 -43.05
O5 NAG J . 32.44 -2.27 -41.88
O6 NAG J . 31.82 -0.90 -39.38
O7 NAG J . 32.00 -4.32 -46.15
C1 GAL J . 31.10 2.09 -43.06
C2 GAL J . 31.63 3.52 -43.05
C3 GAL J . 30.48 4.50 -43.11
C4 GAL J . 29.53 4.17 -44.26
C5 GAL J . 29.08 2.71 -44.18
C6 GAL J . 28.17 2.30 -45.34
O2 GAL J . 32.39 3.73 -41.85
O3 GAL J . 30.99 5.82 -43.32
O4 GAL J . 30.17 4.40 -45.51
O5 GAL J . 30.25 1.89 -44.19
O6 GAL J . 27.14 3.27 -45.56
C1 SIA J . 29.32 6.89 -41.88
C2 SIA J . 30.78 6.81 -42.32
C3 SIA J . 31.23 8.10 -43.01
C4 SIA J . 31.38 9.25 -42.03
C5 SIA J . 32.35 8.84 -40.92
C6 SIA J . 31.83 7.58 -40.23
C7 SIA J . 32.71 7.06 -39.09
C8 SIA J . 32.29 5.69 -38.55
C9 SIA J . 32.95 5.45 -37.20
C10 SIA J . 33.44 10.31 -39.27
C11 SIA J . 33.25 11.49 -38.37
N5 SIA J . 32.37 9.95 -39.97
O1A SIA J . 28.99 6.49 -40.74
O1B SIA J . 28.47 7.37 -42.67
O4 SIA J . 31.84 10.42 -42.73
O6 SIA J . 31.65 6.53 -41.21
O7 SIA J . 34.08 6.98 -39.53
O8 SIA J . 30.87 5.60 -38.38
O9 SIA J . 32.64 4.15 -36.70
O10 SIA J . 34.51 9.72 -39.35
C1 NAG K . -20.35 -23.82 16.77
C2 NAG K . -21.05 -25.06 17.33
C3 NAG K . -20.29 -26.34 16.98
C4 NAG K . -19.84 -26.39 15.52
C5 NAG K . -19.20 -25.07 15.09
C6 NAG K . -18.86 -25.03 13.61
C7 NAG K . -22.25 -24.47 19.41
C8 NAG K . -22.15 -24.42 20.91
N2 NAG K . -21.17 -24.93 18.78
O3 NAG K . -21.12 -27.48 17.24
O4 NAG K . -18.90 -27.46 15.36
O5 NAG K . -20.10 -23.99 15.38
O6 NAG K . -17.81 -24.06 13.40
O7 NAG K . -23.27 -24.09 18.83
C1 NAG L . 14.28 -5.68 6.48
C2 NAG L . 15.70 -5.26 6.86
C3 NAG L . 16.52 -6.42 7.43
C4 NAG L . 15.75 -7.27 8.43
C5 NAG L . 14.35 -7.61 7.90
C6 NAG L . 13.51 -8.37 8.93
C7 NAG L . 17.26 -3.73 5.71
C8 NAG L . 17.83 -3.35 4.37
N2 NAG L . 16.37 -4.73 5.68
O3 NAG L . 17.68 -5.88 8.08
O4 NAG L . 16.49 -8.48 8.67
O5 NAG L . 13.67 -6.41 7.56
O6 NAG L . 13.21 -7.54 10.05
O7 NAG L . 17.59 -3.14 6.73
C1 NAG M . 9.19 13.24 -4.80
C2 NAG M . 9.98 13.78 -6.00
C3 NAG M . 10.66 15.13 -5.71
C4 NAG M . 9.74 16.10 -4.98
C5 NAG M . 9.09 15.42 -3.78
C6 NAG M . 8.15 16.35 -3.02
C7 NAG M . 11.43 12.64 -7.65
C8 NAG M . 12.49 11.60 -7.84
N2 NAG M . 11.01 12.82 -6.40
O3 NAG M . 11.09 15.72 -6.94
O4 NAG M . 10.47 17.25 -4.58
O5 NAG M . 8.37 14.28 -4.24
O6 NAG M . 7.51 15.62 -1.97
O7 NAG M . 11.00 13.28 -8.60
C1 NAG N . -32.44 5.26 -11.48
C2 NAG N . -33.05 4.85 -12.83
C3 NAG N . -33.17 5.97 -13.87
C4 NAG N . -33.35 7.37 -13.28
C5 NAG N . -32.37 7.57 -12.13
C6 NAG N . -32.42 8.98 -11.54
C7 NAG N . -32.72 2.90 -14.32
C8 NAG N . -31.72 1.89 -14.81
N2 NAG N . -32.25 3.77 -13.43
O3 NAG N . -34.31 5.70 -14.71
O4 NAG N . -33.14 8.34 -14.32
O5 NAG N . -32.71 6.63 -11.13
O6 NAG N . -33.72 9.25 -11.02
O7 NAG N . -33.87 2.91 -14.74
C1 NAG O . 5.47 -6.90 -14.35
C2 NAG O . 6.50 -7.86 -14.95
C3 NAG O . 6.40 -7.92 -16.47
C4 NAG O . 4.96 -8.03 -16.97
C5 NAG O . 4.07 -6.99 -16.29
C6 NAG O . 2.61 -7.11 -16.71
C7 NAG O . 8.85 -8.31 -14.35
C8 NAG O . 10.15 -7.68 -13.96
N2 NAG O . 7.84 -7.46 -14.56
O3 NAG O . 7.16 -9.03 -16.98
O4 NAG O . 4.93 -7.85 -18.39
O5 NAG O . 4.16 -7.16 -14.88
O6 NAG O . 2.05 -8.35 -16.25
O7 NAG O . 8.75 -9.53 -14.45
#